data_7FVA
# 
_entry.id   7FVA 
# 
_audit_conform.dict_name       mmcif_pdbx.dic 
_audit_conform.dict_version    5.392 
_audit_conform.dict_location   http://mmcif.pdb.org/dictionaries/ascii/mmcif_pdbx.dic 
# 
loop_
_database_2.database_id 
_database_2.database_code 
_database_2.pdbx_database_accession 
_database_2.pdbx_DOI 
PDB   7FVA         pdb_00007fva 10.2210/pdb7fva/pdb 
WWPDB D_1001405391 ?            ?                   
# 
loop_
_pdbx_audit_revision_history.ordinal 
_pdbx_audit_revision_history.data_content_type 
_pdbx_audit_revision_history.major_revision 
_pdbx_audit_revision_history.minor_revision 
_pdbx_audit_revision_history.revision_date 
1 'Structure model' 1 0 2023-03-29 
2 'Structure model' 1 1 2024-05-22 
# 
_pdbx_audit_revision_details.ordinal             1 
_pdbx_audit_revision_details.revision_ordinal    1 
_pdbx_audit_revision_details.data_content_type   'Structure model' 
_pdbx_audit_revision_details.provider            repository 
_pdbx_audit_revision_details.type                'Initial release' 
_pdbx_audit_revision_details.description         ? 
_pdbx_audit_revision_details.details             ? 
# 
_pdbx_audit_revision_group.ordinal             1 
_pdbx_audit_revision_group.revision_ordinal    2 
_pdbx_audit_revision_group.data_content_type   'Structure model' 
_pdbx_audit_revision_group.group               'Data collection' 
# 
loop_
_pdbx_audit_revision_category.ordinal 
_pdbx_audit_revision_category.revision_ordinal 
_pdbx_audit_revision_category.data_content_type 
_pdbx_audit_revision_category.category 
1 2 'Structure model' chem_comp_atom 
2 2 'Structure model' chem_comp_bond 
# 
_pdbx_database_status.entry_id                        7FVA 
_pdbx_database_status.status_code                     REL 
_pdbx_database_status.status_code_sf                  REL 
_pdbx_database_status.status_code_mr                  ? 
_pdbx_database_status.status_code_cs                  ? 
_pdbx_database_status.recvd_initial_deposition_date   2023-03-09 
_pdbx_database_status.status_code_nmr_data            ? 
_pdbx_database_status.deposit_site                    RCSB 
_pdbx_database_status.process_site                    RCSB 
_pdbx_database_status.SG_entry                        ? 
_pdbx_database_status.pdb_format_compatible           Y 
_pdbx_database_status.methods_development_category    ? 
# 
_pdbx_contact_author.id                 1 
_pdbx_contact_author.email              frank.von-delft@diamond.ac.uk 
_pdbx_contact_author.name_first         Frank 
_pdbx_contact_author.name_last          'von Delft' 
_pdbx_contact_author.role               'principal investigator/group leader' 
_pdbx_contact_author.identifier_ORCID   0000-0003-0378-0017 
_pdbx_contact_author.name_mi            ? 
# 
loop_
_audit_author.name 
_audit_author.pdbx_ordinal 
'Grosjean, H.'   1 
'Tomlinson, C.'  2 
'Bradshaw, W.J.' 3 
'Koekemoer, L.'  4 
'Krojer, T.'     5 
'Fearon, D.'     6 
'Biggin, P.C.'   7 
'von Delft, F.'  8 
# 
_citation.id                        primary 
_citation.title                     'PanDDA analysis group deposition' 
_citation.journal_abbrev            'To Be Published' 
_citation.journal_volume            ? 
_citation.page_first                ? 
_citation.page_last                 ? 
_citation.year                      ? 
_citation.journal_id_ASTM           ? 
_citation.country                   ? 
_citation.journal_id_ISSN           ? 
_citation.journal_id_CSD            0353 
_citation.book_publisher            ? 
_citation.pdbx_database_id_PubMed   ? 
_citation.pdbx_database_id_DOI      ? 
# 
loop_
_citation_author.citation_id 
_citation_author.name 
_citation_author.identifier_ORCID 
_citation_author.ordinal 
primary 'Grosjean, H.'   ? 1 
primary 'Tomlinson, C.'  ? 2 
primary 'Bradshaw, W.J.' ? 3 
primary 'Koekemoer, L.'  ? 4 
primary 'Krojer, T.'     ? 5 
primary 'Fearon, D.'     ? 6 
primary 'Biggin, P.C.'   ? 7 
primary 'von Delft, F.'  ? 8 
# 
loop_
_entity.id 
_entity.type 
_entity.src_method 
_entity.pdbx_description 
_entity.formula_weight 
_entity.pdbx_number_of_molecules 
_entity.pdbx_ec 
_entity.pdbx_mutation 
_entity.pdbx_fragment 
_entity.details 
1 polymer     man 'PH-interacting protein'                                                           17627.859 1   ? ? ? ? 
2 non-polymer syn '(2S)-N-(cyclopropylmethyl)-4-(furan-2-carbonyl)-2-methylpiperazine-1-carboxamide' 291.346   1   ? ? ? ? 
3 water       nat water                                                                              18.015    195 ? ? ? ? 
# 
_entity_name_com.entity_id   1 
_entity_name_com.name        
'PHIP,DDB1- and CUL4-associated factor 14,IRS-1 PH domain-binding protein,WD repeat-containing protein 11' 
# 
_entity_poly.entity_id                      1 
_entity_poly.type                           'polypeptide(L)' 
_entity_poly.nstd_linkage                   no 
_entity_poly.nstd_monomer                   no 
_entity_poly.pdbx_seq_one_letter_code       
;MHHHHHHSSGVDLGTENLYFQSMSYDIQAWKKQCEELLNLIFQCEDSEPFRQPVDLLEYPDYRDIIDTPMDFATVRETLE
AGNYESPMELCKDVRLIFSNSKAYTPSKRSRIYSMSLRLSAFFEEHISSVLSDYKSALRFHKRNTITKR
;
_entity_poly.pdbx_seq_one_letter_code_can   
;MHHHHHHSSGVDLGTENLYFQSMSYDIQAWKKQCEELLNLIFQCEDSEPFRQPVDLLEYPDYRDIIDTPMDFATVRETLE
AGNYESPMELCKDVRLIFSNSKAYTPSKRSRIYSMSLRLSAFFEEHISSVLSDYKSALRFHKRNTITKR
;
_entity_poly.pdbx_strand_id                 A 
_entity_poly.pdbx_target_identifier         ? 
# 
loop_
_pdbx_entity_nonpoly.entity_id 
_pdbx_entity_nonpoly.name 
_pdbx_entity_nonpoly.comp_id 
2 '(2S)-N-(cyclopropylmethyl)-4-(furan-2-carbonyl)-2-methylpiperazine-1-carboxamide' ZLH 
3 water                                                                              HOH 
# 
loop_
_entity_poly_seq.entity_id 
_entity_poly_seq.num 
_entity_poly_seq.mon_id 
_entity_poly_seq.hetero 
1 1   MET n 
1 2   HIS n 
1 3   HIS n 
1 4   HIS n 
1 5   HIS n 
1 6   HIS n 
1 7   HIS n 
1 8   SER n 
1 9   SER n 
1 10  GLY n 
1 11  VAL n 
1 12  ASP n 
1 13  LEU n 
1 14  GLY n 
1 15  THR n 
1 16  GLU n 
1 17  ASN n 
1 18  LEU n 
1 19  TYR n 
1 20  PHE n 
1 21  GLN n 
1 22  SER n 
1 23  MET n 
1 24  SER n 
1 25  TYR n 
1 26  ASP n 
1 27  ILE n 
1 28  GLN n 
1 29  ALA n 
1 30  TRP n 
1 31  LYS n 
1 32  LYS n 
1 33  GLN n 
1 34  CYS n 
1 35  GLU n 
1 36  GLU n 
1 37  LEU n 
1 38  LEU n 
1 39  ASN n 
1 40  LEU n 
1 41  ILE n 
1 42  PHE n 
1 43  GLN n 
1 44  CYS n 
1 45  GLU n 
1 46  ASP n 
1 47  SER n 
1 48  GLU n 
1 49  PRO n 
1 50  PHE n 
1 51  ARG n 
1 52  GLN n 
1 53  PRO n 
1 54  VAL n 
1 55  ASP n 
1 56  LEU n 
1 57  LEU n 
1 58  GLU n 
1 59  TYR n 
1 60  PRO n 
1 61  ASP n 
1 62  TYR n 
1 63  ARG n 
1 64  ASP n 
1 65  ILE n 
1 66  ILE n 
1 67  ASP n 
1 68  THR n 
1 69  PRO n 
1 70  MET n 
1 71  ASP n 
1 72  PHE n 
1 73  ALA n 
1 74  THR n 
1 75  VAL n 
1 76  ARG n 
1 77  GLU n 
1 78  THR n 
1 79  LEU n 
1 80  GLU n 
1 81  ALA n 
1 82  GLY n 
1 83  ASN n 
1 84  TYR n 
1 85  GLU n 
1 86  SER n 
1 87  PRO n 
1 88  MET n 
1 89  GLU n 
1 90  LEU n 
1 91  CYS n 
1 92  LYS n 
1 93  ASP n 
1 94  VAL n 
1 95  ARG n 
1 96  LEU n 
1 97  ILE n 
1 98  PHE n 
1 99  SER n 
1 100 ASN n 
1 101 SER n 
1 102 LYS n 
1 103 ALA n 
1 104 TYR n 
1 105 THR n 
1 106 PRO n 
1 107 SER n 
1 108 LYS n 
1 109 ARG n 
1 110 SER n 
1 111 ARG n 
1 112 ILE n 
1 113 TYR n 
1 114 SER n 
1 115 MET n 
1 116 SER n 
1 117 LEU n 
1 118 ARG n 
1 119 LEU n 
1 120 SER n 
1 121 ALA n 
1 122 PHE n 
1 123 PHE n 
1 124 GLU n 
1 125 GLU n 
1 126 HIS n 
1 127 ILE n 
1 128 SER n 
1 129 SER n 
1 130 VAL n 
1 131 LEU n 
1 132 SER n 
1 133 ASP n 
1 134 TYR n 
1 135 LYS n 
1 136 SER n 
1 137 ALA n 
1 138 LEU n 
1 139 ARG n 
1 140 PHE n 
1 141 HIS n 
1 142 LYS n 
1 143 ARG n 
1 144 ASN n 
1 145 THR n 
1 146 ILE n 
1 147 THR n 
1 148 LYS n 
1 149 ARG n 
# 
_entity_src_gen.entity_id                          1 
_entity_src_gen.pdbx_src_id                        1 
_entity_src_gen.pdbx_alt_source_flag               sample 
_entity_src_gen.pdbx_seq_type                      'Biological sequence' 
_entity_src_gen.pdbx_beg_seq_num                   1 
_entity_src_gen.pdbx_end_seq_num                   149 
_entity_src_gen.gene_src_common_name               human 
_entity_src_gen.gene_src_genus                     ? 
_entity_src_gen.pdbx_gene_src_gene                 'PHIP, DCAF14, WDR11' 
_entity_src_gen.gene_src_species                   ? 
_entity_src_gen.gene_src_strain                    ? 
_entity_src_gen.gene_src_tissue                    ? 
_entity_src_gen.gene_src_tissue_fraction           ? 
_entity_src_gen.gene_src_details                   ? 
_entity_src_gen.pdbx_gene_src_fragment             ? 
_entity_src_gen.pdbx_gene_src_scientific_name      'Homo sapiens' 
_entity_src_gen.pdbx_gene_src_ncbi_taxonomy_id     9606 
_entity_src_gen.pdbx_gene_src_variant              ? 
_entity_src_gen.pdbx_gene_src_cell_line            ? 
_entity_src_gen.pdbx_gene_src_atcc                 ? 
_entity_src_gen.pdbx_gene_src_organ                ? 
_entity_src_gen.pdbx_gene_src_organelle            ? 
_entity_src_gen.pdbx_gene_src_cell                 ? 
_entity_src_gen.pdbx_gene_src_cellular_location    ? 
_entity_src_gen.host_org_common_name               ? 
_entity_src_gen.pdbx_host_org_scientific_name      'Escherichia coli' 
_entity_src_gen.pdbx_host_org_ncbi_taxonomy_id     562 
_entity_src_gen.host_org_genus                     ? 
_entity_src_gen.pdbx_host_org_gene                 ? 
_entity_src_gen.pdbx_host_org_organ                ? 
_entity_src_gen.host_org_species                   ? 
_entity_src_gen.pdbx_host_org_tissue               ? 
_entity_src_gen.pdbx_host_org_tissue_fraction      ? 
_entity_src_gen.pdbx_host_org_strain               ? 
_entity_src_gen.pdbx_host_org_variant              ? 
_entity_src_gen.pdbx_host_org_cell_line            ? 
_entity_src_gen.pdbx_host_org_atcc                 ? 
_entity_src_gen.pdbx_host_org_culture_collection   ? 
_entity_src_gen.pdbx_host_org_cell                 ? 
_entity_src_gen.pdbx_host_org_organelle            ? 
_entity_src_gen.pdbx_host_org_cellular_location    ? 
_entity_src_gen.pdbx_host_org_vector_type          ? 
_entity_src_gen.pdbx_host_org_vector               ? 
_entity_src_gen.host_org_details                   ? 
_entity_src_gen.expression_system_id               ? 
_entity_src_gen.plasmid_name                       ? 
_entity_src_gen.plasmid_details                    ? 
_entity_src_gen.pdbx_description                   ? 
# 
loop_
_chem_comp.id 
_chem_comp.type 
_chem_comp.mon_nstd_flag 
_chem_comp.name 
_chem_comp.pdbx_synonyms 
_chem_comp.formula 
_chem_comp.formula_weight 
ALA 'L-peptide linking' y ALANINE                                                                            ? 'C3 H7 N O2'     
89.093  
ARG 'L-peptide linking' y ARGININE                                                                           ? 'C6 H15 N4 O2 1' 
175.209 
ASN 'L-peptide linking' y ASPARAGINE                                                                         ? 'C4 H8 N2 O3'    
132.118 
ASP 'L-peptide linking' y 'ASPARTIC ACID'                                                                    ? 'C4 H7 N O4'     
133.103 
CYS 'L-peptide linking' y CYSTEINE                                                                           ? 'C3 H7 N O2 S'   
121.158 
GLN 'L-peptide linking' y GLUTAMINE                                                                          ? 'C5 H10 N2 O3'   
146.144 
GLU 'L-peptide linking' y 'GLUTAMIC ACID'                                                                    ? 'C5 H9 N O4'     
147.129 
GLY 'peptide linking'   y GLYCINE                                                                            ? 'C2 H5 N O2'     
75.067  
HIS 'L-peptide linking' y HISTIDINE                                                                          ? 'C6 H10 N3 O2 1' 
156.162 
HOH non-polymer         . WATER                                                                              ? 'H2 O'           
18.015  
ILE 'L-peptide linking' y ISOLEUCINE                                                                         ? 'C6 H13 N O2'    
131.173 
LEU 'L-peptide linking' y LEUCINE                                                                            ? 'C6 H13 N O2'    
131.173 
LYS 'L-peptide linking' y LYSINE                                                                             ? 'C6 H15 N2 O2 1' 
147.195 
MET 'L-peptide linking' y METHIONINE                                                                         ? 'C5 H11 N O2 S'  
149.211 
PHE 'L-peptide linking' y PHENYLALANINE                                                                      ? 'C9 H11 N O2'    
165.189 
PRO 'L-peptide linking' y PROLINE                                                                            ? 'C5 H9 N O2'     
115.130 
SER 'L-peptide linking' y SERINE                                                                             ? 'C3 H7 N O3'     
105.093 
THR 'L-peptide linking' y THREONINE                                                                          ? 'C4 H9 N O3'     
119.119 
TRP 'L-peptide linking' y TRYPTOPHAN                                                                         ? 'C11 H12 N2 O2'  
204.225 
TYR 'L-peptide linking' y TYROSINE                                                                           ? 'C9 H11 N O3'    
181.189 
VAL 'L-peptide linking' y VALINE                                                                             ? 'C5 H11 N O2'    
117.146 
ZLH non-polymer         . '(2S)-N-(cyclopropylmethyl)-4-(furan-2-carbonyl)-2-methylpiperazine-1-carboxamide' ? 'C15 H21 N3 O3'  
291.346 
# 
loop_
_pdbx_poly_seq_scheme.asym_id 
_pdbx_poly_seq_scheme.entity_id 
_pdbx_poly_seq_scheme.seq_id 
_pdbx_poly_seq_scheme.mon_id 
_pdbx_poly_seq_scheme.ndb_seq_num 
_pdbx_poly_seq_scheme.pdb_seq_num 
_pdbx_poly_seq_scheme.auth_seq_num 
_pdbx_poly_seq_scheme.pdb_mon_id 
_pdbx_poly_seq_scheme.auth_mon_id 
_pdbx_poly_seq_scheme.pdb_strand_id 
_pdbx_poly_seq_scheme.pdb_ins_code 
_pdbx_poly_seq_scheme.hetero 
A 1 1   MET 1   1292 ?    ?   ?   A . n 
A 1 2   HIS 2   1293 ?    ?   ?   A . n 
A 1 3   HIS 3   1294 ?    ?   ?   A . n 
A 1 4   HIS 4   1295 ?    ?   ?   A . n 
A 1 5   HIS 5   1296 ?    ?   ?   A . n 
A 1 6   HIS 6   1297 ?    ?   ?   A . n 
A 1 7   HIS 7   1298 ?    ?   ?   A . n 
A 1 8   SER 8   1299 ?    ?   ?   A . n 
A 1 9   SER 9   1300 ?    ?   ?   A . n 
A 1 10  GLY 10  1301 ?    ?   ?   A . n 
A 1 11  VAL 11  1302 ?    ?   ?   A . n 
A 1 12  ASP 12  1303 ?    ?   ?   A . n 
A 1 13  LEU 13  1304 ?    ?   ?   A . n 
A 1 14  GLY 14  1305 ?    ?   ?   A . n 
A 1 15  THR 15  1306 ?    ?   ?   A . n 
A 1 16  GLU 16  1307 ?    ?   ?   A . n 
A 1 17  ASN 17  1308 ?    ?   ?   A . n 
A 1 18  LEU 18  1309 ?    ?   ?   A . n 
A 1 19  TYR 19  1310 ?    ?   ?   A . n 
A 1 20  PHE 20  1311 ?    ?   ?   A . n 
A 1 21  GLN 21  1312 ?    ?   ?   A . n 
A 1 22  SER 22  1313 ?    ?   ?   A . n 
A 1 23  MET 23  1314 ?    ?   ?   A . n 
A 1 24  SER 24  1315 1315 SER SER A . n 
A 1 25  TYR 25  1316 1316 TYR TYR A . n 
A 1 26  ASP 26  1317 1317 ASP ASP A . n 
A 1 27  ILE 27  1318 1318 ILE ILE A . n 
A 1 28  GLN 28  1319 1319 GLN GLN A . n 
A 1 29  ALA 29  1320 1320 ALA ALA A . n 
A 1 30  TRP 30  1321 1321 TRP TRP A . n 
A 1 31  LYS 31  1322 1322 LYS LYS A . n 
A 1 32  LYS 32  1323 1323 LYS LYS A . n 
A 1 33  GLN 33  1324 1324 GLN GLN A . n 
A 1 34  CYS 34  1325 1325 CYS CYS A . n 
A 1 35  GLU 35  1326 1326 GLU GLU A . n 
A 1 36  GLU 36  1327 1327 GLU GLU A . n 
A 1 37  LEU 37  1328 1328 LEU LEU A . n 
A 1 38  LEU 38  1329 1329 LEU LEU A . n 
A 1 39  ASN 39  1330 1330 ASN ASN A . n 
A 1 40  LEU 40  1331 1331 LEU LEU A . n 
A 1 41  ILE 41  1332 1332 ILE ILE A . n 
A 1 42  PHE 42  1333 1333 PHE PHE A . n 
A 1 43  GLN 43  1334 1334 GLN GLN A . n 
A 1 44  CYS 44  1335 1335 CYS CYS A . n 
A 1 45  GLU 45  1336 1336 GLU GLU A . n 
A 1 46  ASP 46  1337 1337 ASP ASP A . n 
A 1 47  SER 47  1338 1338 SER SER A . n 
A 1 48  GLU 48  1339 1339 GLU GLU A . n 
A 1 49  PRO 49  1340 1340 PRO PRO A . n 
A 1 50  PHE 50  1341 1341 PHE PHE A . n 
A 1 51  ARG 51  1342 1342 ARG ARG A . n 
A 1 52  GLN 52  1343 1343 GLN GLN A . n 
A 1 53  PRO 53  1344 1344 PRO PRO A . n 
A 1 54  VAL 54  1345 1345 VAL VAL A . n 
A 1 55  ASP 55  1346 1346 ASP ASP A . n 
A 1 56  LEU 56  1347 1347 LEU LEU A . n 
A 1 57  LEU 57  1348 1348 LEU LEU A . n 
A 1 58  GLU 58  1349 1349 GLU GLU A . n 
A 1 59  TYR 59  1350 1350 TYR TYR A . n 
A 1 60  PRO 60  1351 1351 PRO PRO A . n 
A 1 61  ASP 61  1352 1352 ASP ASP A . n 
A 1 62  TYR 62  1353 1353 TYR TYR A . n 
A 1 63  ARG 63  1354 1354 ARG ARG A . n 
A 1 64  ASP 64  1355 1355 ASP ASP A . n 
A 1 65  ILE 65  1356 1356 ILE ILE A . n 
A 1 66  ILE 66  1357 1357 ILE ILE A . n 
A 1 67  ASP 67  1358 1358 ASP ASP A . n 
A 1 68  THR 68  1359 1359 THR THR A . n 
A 1 69  PRO 69  1360 1360 PRO PRO A . n 
A 1 70  MET 70  1361 1361 MET MET A . n 
A 1 71  ASP 71  1362 1362 ASP ASP A . n 
A 1 72  PHE 72  1363 1363 PHE PHE A . n 
A 1 73  ALA 73  1364 1364 ALA ALA A . n 
A 1 74  THR 74  1365 1365 THR THR A . n 
A 1 75  VAL 75  1366 1366 VAL VAL A . n 
A 1 76  ARG 76  1367 1367 ARG ARG A . n 
A 1 77  GLU 77  1368 1368 GLU GLU A . n 
A 1 78  THR 78  1369 1369 THR THR A . n 
A 1 79  LEU 79  1370 1370 LEU LEU A . n 
A 1 80  GLU 80  1371 1371 GLU GLU A . n 
A 1 81  ALA 81  1372 1372 ALA ALA A . n 
A 1 82  GLY 82  1373 1373 GLY GLY A . n 
A 1 83  ASN 83  1374 1374 ASN ASN A . n 
A 1 84  TYR 84  1375 1375 TYR TYR A . n 
A 1 85  GLU 85  1376 1376 GLU GLU A . n 
A 1 86  SER 86  1377 1377 SER SER A . n 
A 1 87  PRO 87  1378 1378 PRO PRO A . n 
A 1 88  MET 88  1379 1379 MET MET A . n 
A 1 89  GLU 89  1380 1380 GLU GLU A . n 
A 1 90  LEU 90  1381 1381 LEU LEU A . n 
A 1 91  CYS 91  1382 1382 CYS CYS A . n 
A 1 92  LYS 92  1383 1383 LYS LYS A . n 
A 1 93  ASP 93  1384 1384 ASP ASP A . n 
A 1 94  VAL 94  1385 1385 VAL VAL A . n 
A 1 95  ARG 95  1386 1386 ARG ARG A . n 
A 1 96  LEU 96  1387 1387 LEU LEU A . n 
A 1 97  ILE 97  1388 1388 ILE ILE A . n 
A 1 98  PHE 98  1389 1389 PHE PHE A . n 
A 1 99  SER 99  1390 1390 SER SER A . n 
A 1 100 ASN 100 1391 1391 ASN ASN A . n 
A 1 101 SER 101 1392 1392 SER SER A . n 
A 1 102 LYS 102 1393 1393 LYS LYS A . n 
A 1 103 ALA 103 1394 1394 ALA ALA A . n 
A 1 104 TYR 104 1395 1395 TYR TYR A . n 
A 1 105 THR 105 1396 1396 THR THR A . n 
A 1 106 PRO 106 1397 1397 PRO PRO A . n 
A 1 107 SER 107 1398 1398 SER SER A . n 
A 1 108 LYS 108 1399 1399 LYS LYS A . n 
A 1 109 ARG 109 1400 1400 ARG ARG A . n 
A 1 110 SER 110 1401 1401 SER SER A . n 
A 1 111 ARG 111 1402 1402 ARG ARG A . n 
A 1 112 ILE 112 1403 1403 ILE ILE A . n 
A 1 113 TYR 113 1404 1404 TYR TYR A . n 
A 1 114 SER 114 1405 1405 SER SER A . n 
A 1 115 MET 115 1406 1406 MET MET A . n 
A 1 116 SER 116 1407 1407 SER SER A . n 
A 1 117 LEU 117 1408 1408 LEU LEU A . n 
A 1 118 ARG 118 1409 1409 ARG ARG A . n 
A 1 119 LEU 119 1410 1410 LEU LEU A . n 
A 1 120 SER 120 1411 1411 SER SER A . n 
A 1 121 ALA 121 1412 1412 ALA ALA A . n 
A 1 122 PHE 122 1413 1413 PHE PHE A . n 
A 1 123 PHE 123 1414 1414 PHE PHE A . n 
A 1 124 GLU 124 1415 1415 GLU GLU A . n 
A 1 125 GLU 125 1416 1416 GLU GLU A . n 
A 1 126 HIS 126 1417 1417 HIS HIS A . n 
A 1 127 ILE 127 1418 1418 ILE ILE A . n 
A 1 128 SER 128 1419 1419 SER SER A . n 
A 1 129 SER 129 1420 1420 SER SER A . n 
A 1 130 VAL 130 1421 1421 VAL VAL A . n 
A 1 131 LEU 131 1422 1422 LEU LEU A . n 
A 1 132 SER 132 1423 1423 SER SER A . n 
A 1 133 ASP 133 1424 1424 ASP ASP A . n 
A 1 134 TYR 134 1425 1425 TYR TYR A . n 
A 1 135 LYS 135 1426 1426 LYS LYS A . n 
A 1 136 SER 136 1427 1427 SER SER A . n 
A 1 137 ALA 137 1428 1428 ALA ALA A . n 
A 1 138 LEU 138 1429 1429 LEU LEU A . n 
A 1 139 ARG 139 1430 1430 ARG ARG A . n 
A 1 140 PHE 140 1431 1431 PHE PHE A . n 
A 1 141 HIS 141 1432 1432 HIS HIS A . n 
A 1 142 LYS 142 1433 1433 LYS LYS A . n 
A 1 143 ARG 143 1434 1434 ARG ARG A . n 
A 1 144 ASN 144 1435 1435 ASN ASN A . n 
A 1 145 THR 145 1436 ?    ?   ?   A . n 
A 1 146 ILE 146 1437 ?    ?   ?   A . n 
A 1 147 THR 147 1438 ?    ?   ?   A . n 
A 1 148 LYS 148 1439 ?    ?   ?   A . n 
A 1 149 ARG 149 1440 ?    ?   ?   A . n 
# 
loop_
_pdbx_nonpoly_scheme.asym_id 
_pdbx_nonpoly_scheme.entity_id 
_pdbx_nonpoly_scheme.mon_id 
_pdbx_nonpoly_scheme.ndb_seq_num 
_pdbx_nonpoly_scheme.pdb_seq_num 
_pdbx_nonpoly_scheme.auth_seq_num 
_pdbx_nonpoly_scheme.pdb_mon_id 
_pdbx_nonpoly_scheme.auth_mon_id 
_pdbx_nonpoly_scheme.pdb_strand_id 
_pdbx_nonpoly_scheme.pdb_ins_code 
B 2 ZLH 1   1501 1802 ZLH LIG A . 
C 3 HOH 1   1601 31   HOH HOH A . 
C 3 HOH 2   1602 17   HOH HOH A . 
C 3 HOH 3   1603 1640 HOH HOH A . 
C 3 HOH 4   1604 1665 HOH HOH A . 
C 3 HOH 5   1605 1602 HOH HOH A . 
C 3 HOH 6   1606 1610 HOH HOH A . 
C 3 HOH 7   1607 1613 HOH HOH A . 
C 3 HOH 8   1608 15   HOH HOH A . 
C 3 HOH 9   1609 30   HOH HOH A . 
C 3 HOH 10  1610 1627 HOH HOH A . 
C 3 HOH 11  1611 1624 HOH HOH A . 
C 3 HOH 12  1612 8    HOH HOH A . 
C 3 HOH 13  1613 1735 HOH HOH A . 
C 3 HOH 14  1614 1750 HOH HOH A . 
C 3 HOH 15  1615 1629 HOH HOH A . 
C 3 HOH 16  1616 1679 HOH HOH A . 
C 3 HOH 17  1617 1605 HOH HOH A . 
C 3 HOH 18  1618 1623 HOH HOH A . 
C 3 HOH 19  1619 1696 HOH HOH A . 
C 3 HOH 20  1620 24   HOH HOH A . 
C 3 HOH 21  1621 1603 HOH HOH A . 
C 3 HOH 22  1622 1652 HOH HOH A . 
C 3 HOH 23  1623 26   HOH HOH A . 
C 3 HOH 24  1624 1642 HOH HOH A . 
C 3 HOH 25  1625 1676 HOH HOH A . 
C 3 HOH 26  1626 1664 HOH HOH A . 
C 3 HOH 27  1627 37   HOH HOH A . 
C 3 HOH 28  1628 1678 HOH HOH A . 
C 3 HOH 29  1629 1739 HOH HOH A . 
C 3 HOH 30  1630 1622 HOH HOH A . 
C 3 HOH 31  1631 12   HOH HOH A . 
C 3 HOH 32  1632 11   HOH HOH A . 
C 3 HOH 33  1633 1609 HOH HOH A . 
C 3 HOH 34  1634 33   HOH HOH A . 
C 3 HOH 35  1635 1677 HOH HOH A . 
C 3 HOH 36  1636 1615 HOH HOH A . 
C 3 HOH 37  1637 1643 HOH HOH A . 
C 3 HOH 38  1638 1621 HOH HOH A . 
C 3 HOH 39  1639 6    HOH HOH A . 
C 3 HOH 40  1640 34   HOH HOH A . 
C 3 HOH 41  1641 1718 HOH HOH A . 
C 3 HOH 42  1642 1701 HOH HOH A . 
C 3 HOH 43  1643 1658 HOH HOH A . 
C 3 HOH 44  1644 29   HOH HOH A . 
C 3 HOH 45  1645 1606 HOH HOH A . 
C 3 HOH 46  1646 1617 HOH HOH A . 
C 3 HOH 47  1647 1632 HOH HOH A . 
C 3 HOH 48  1648 1661 HOH HOH A . 
C 3 HOH 49  1649 1732 HOH HOH A . 
C 3 HOH 50  1650 1628 HOH HOH A . 
C 3 HOH 51  1651 1619 HOH HOH A . 
C 3 HOH 52  1652 1626 HOH HOH A . 
C 3 HOH 53  1653 1668 HOH HOH A . 
C 3 HOH 54  1654 1674 HOH HOH A . 
C 3 HOH 55  1655 1644 HOH HOH A . 
C 3 HOH 56  1656 1686 HOH HOH A . 
C 3 HOH 57  1657 1649 HOH HOH A . 
C 3 HOH 58  1658 1723 HOH HOH A . 
C 3 HOH 59  1659 1645 HOH HOH A . 
C 3 HOH 60  1660 1662 HOH HOH A . 
C 3 HOH 61  1661 1634 HOH HOH A . 
C 3 HOH 62  1662 1673 HOH HOH A . 
C 3 HOH 63  1663 1744 HOH HOH A . 
C 3 HOH 64  1664 14   HOH HOH A . 
C 3 HOH 65  1665 1666 HOH HOH A . 
C 3 HOH 66  1666 1693 HOH HOH A . 
C 3 HOH 67  1667 1687 HOH HOH A . 
C 3 HOH 68  1668 1720 HOH HOH A . 
C 3 HOH 69  1669 1733 HOH HOH A . 
C 3 HOH 70  1670 1672 HOH HOH A . 
C 3 HOH 71  1671 1692 HOH HOH A . 
C 3 HOH 72  1672 1680 HOH HOH A . 
C 3 HOH 73  1673 1646 HOH HOH A . 
C 3 HOH 74  1674 1675 HOH HOH A . 
C 3 HOH 75  1675 1689 HOH HOH A . 
C 3 HOH 76  1676 1714 HOH HOH A . 
C 3 HOH 77  1677 1690 HOH HOH A . 
C 3 HOH 78  1678 1650 HOH HOH A . 
C 3 HOH 79  1679 1684 HOH HOH A . 
C 3 HOH 80  1680 18   HOH HOH A . 
C 3 HOH 81  1681 5    HOH HOH A . 
C 3 HOH 82  1682 1760 HOH HOH A . 
C 3 HOH 83  1683 1725 HOH HOH A . 
C 3 HOH 84  1684 1651 HOH HOH A . 
C 3 HOH 85  1685 1671 HOH HOH A . 
C 3 HOH 86  1686 1601 HOH HOH A . 
C 3 HOH 87  1687 1663 HOH HOH A . 
C 3 HOH 88  1688 1685 HOH HOH A . 
C 3 HOH 89  1689 1688 HOH HOH A . 
C 3 HOH 90  1690 1700 HOH HOH A . 
C 3 HOH 91  1691 1708 HOH HOH A . 
C 3 HOH 92  1692 1704 HOH HOH A . 
C 3 HOH 93  1693 1625 HOH HOH A . 
C 3 HOH 94  1694 35   HOH HOH A . 
C 3 HOH 95  1695 1694 HOH HOH A . 
C 3 HOH 96  1696 1719 HOH HOH A . 
C 3 HOH 97  1697 1738 HOH HOH A . 
C 3 HOH 98  1698 1681 HOH HOH A . 
C 3 HOH 99  1699 1741 HOH HOH A . 
C 3 HOH 100 1700 1721 HOH HOH A . 
C 3 HOH 101 1701 1612 HOH HOH A . 
C 3 HOH 102 1702 1637 HOH HOH A . 
C 3 HOH 103 1703 25   HOH HOH A . 
C 3 HOH 104 1704 43   HOH HOH A . 
C 3 HOH 105 1705 1655 HOH HOH A . 
C 3 HOH 106 1706 32   HOH HOH A . 
C 3 HOH 107 1707 7    HOH HOH A . 
C 3 HOH 108 1708 1699 HOH HOH A . 
C 3 HOH 109 1709 1716 HOH HOH A . 
C 3 HOH 110 1710 1706 HOH HOH A . 
C 3 HOH 111 1711 1682 HOH HOH A . 
C 3 HOH 112 1712 1740 HOH HOH A . 
C 3 HOH 113 1713 1728 HOH HOH A . 
C 3 HOH 114 1714 1734 HOH HOH A . 
C 3 HOH 115 1715 1697 HOH HOH A . 
C 3 HOH 116 1716 1801 HOH HOH A . 
C 3 HOH 117 1717 1715 HOH HOH A . 
C 3 HOH 118 1718 1711 HOH HOH A . 
C 3 HOH 119 1719 1710 HOH HOH A . 
C 3 HOH 120 1720 1724 HOH HOH A . 
C 3 HOH 121 1721 1667 HOH HOH A . 
C 3 HOH 122 1722 1669 HOH HOH A . 
C 3 HOH 123 1723 1736 HOH HOH A . 
C 3 HOH 124 1724 1611 HOH HOH A . 
C 3 HOH 125 1725 1729 HOH HOH A . 
C 3 HOH 126 1726 1737 HOH HOH A . 
C 3 HOH 127 1727 41   HOH HOH A . 
C 3 HOH 128 1728 1703 HOH HOH A . 
C 3 HOH 129 1729 1727 HOH HOH A . 
C 3 HOH 130 1730 1767 HOH HOH A . 
C 3 HOH 131 1731 1695 HOH HOH A . 
C 3 HOH 132 1732 1726 HOH HOH A . 
C 3 HOH 133 1733 1709 HOH HOH A . 
C 3 HOH 134 1734 44   HOH HOH A . 
C 3 HOH 135 1735 36   HOH HOH A . 
C 3 HOH 136 1736 1713 HOH HOH A . 
C 3 HOH 137 1737 1772 HOH HOH A . 
C 3 HOH 138 1738 39   HOH HOH A . 
C 3 HOH 139 1739 9    HOH HOH A . 
C 3 HOH 140 1740 38   HOH HOH A . 
C 3 HOH 141 1741 1656 HOH HOH A . 
C 3 HOH 142 1742 1742 HOH HOH A . 
C 3 HOH 143 1743 1752 HOH HOH A . 
C 3 HOH 144 1744 1766 HOH HOH A . 
C 3 HOH 145 1745 1753 HOH HOH A . 
C 3 HOH 146 1746 1743 HOH HOH A . 
C 3 HOH 147 1747 1758 HOH HOH A . 
C 3 HOH 148 1748 1751 HOH HOH A . 
C 3 HOH 149 1749 1769 HOH HOH A . 
C 3 HOH 150 1750 1755 HOH HOH A . 
C 3 HOH 151 1751 1756 HOH HOH A . 
C 3 HOH 152 1752 1763 HOH HOH A . 
C 3 HOH 153 1753 1768 HOH HOH A . 
C 3 HOH 154 1754 1759 HOH HOH A . 
C 3 HOH 155 1755 1780 HOH HOH A . 
C 3 HOH 156 1756 1762 HOH HOH A . 
C 3 HOH 157 1757 1698 HOH HOH A . 
C 3 HOH 158 1758 1779 HOH HOH A . 
C 3 HOH 159 1759 1784 HOH HOH A . 
C 3 HOH 160 1760 20   HOH HOH A . 
C 3 HOH 161 1761 19   HOH HOH A . 
C 3 HOH 162 1762 1731 HOH HOH A . 
C 3 HOH 163 1763 1786 HOH HOH A . 
C 3 HOH 164 1764 1794 HOH HOH A . 
C 3 HOH 165 1765 1765 HOH HOH A . 
C 3 HOH 166 1766 1770 HOH HOH A . 
C 3 HOH 167 1767 45   HOH HOH A . 
C 3 HOH 168 1768 40   HOH HOH A . 
C 3 HOH 169 1769 1776 HOH HOH A . 
C 3 HOH 170 1770 1774 HOH HOH A . 
C 3 HOH 171 1771 42   HOH HOH A . 
C 3 HOH 172 1772 1777 HOH HOH A . 
C 3 HOH 173 1773 1796 HOH HOH A . 
C 3 HOH 174 1774 1775 HOH HOH A . 
C 3 HOH 175 1775 1795 HOH HOH A . 
C 3 HOH 176 1776 1778 HOH HOH A . 
C 3 HOH 177 1777 1783 HOH HOH A . 
C 3 HOH 178 1778 1764 HOH HOH A . 
C 3 HOH 179 1779 1782 HOH HOH A . 
C 3 HOH 180 1780 1785 HOH HOH A . 
C 3 HOH 181 1781 1791 HOH HOH A . 
C 3 HOH 182 1782 1787 HOH HOH A . 
C 3 HOH 183 1783 10   HOH HOH A . 
C 3 HOH 184 1784 1781 HOH HOH A . 
C 3 HOH 185 1785 1749 HOH HOH A . 
C 3 HOH 186 1786 27   HOH HOH A . 
C 3 HOH 187 1787 22   HOH HOH A . 
C 3 HOH 188 1788 1790 HOH HOH A . 
C 3 HOH 189 1789 1792 HOH HOH A . 
C 3 HOH 190 1790 1793 HOH HOH A . 
C 3 HOH 191 1791 1797 HOH HOH A . 
C 3 HOH 192 1792 1799 HOH HOH A . 
C 3 HOH 193 1793 1789 HOH HOH A . 
C 3 HOH 194 1794 1798 HOH HOH A . 
C 3 HOH 195 1795 1800 HOH HOH A . 
# 
loop_
_pdbx_unobs_or_zero_occ_atoms.id 
_pdbx_unobs_or_zero_occ_atoms.PDB_model_num 
_pdbx_unobs_or_zero_occ_atoms.polymer_flag 
_pdbx_unobs_or_zero_occ_atoms.occupancy_flag 
_pdbx_unobs_or_zero_occ_atoms.auth_asym_id 
_pdbx_unobs_or_zero_occ_atoms.auth_comp_id 
_pdbx_unobs_or_zero_occ_atoms.auth_seq_id 
_pdbx_unobs_or_zero_occ_atoms.PDB_ins_code 
_pdbx_unobs_or_zero_occ_atoms.auth_atom_id 
_pdbx_unobs_or_zero_occ_atoms.label_alt_id 
_pdbx_unobs_or_zero_occ_atoms.label_asym_id 
_pdbx_unobs_or_zero_occ_atoms.label_comp_id 
_pdbx_unobs_or_zero_occ_atoms.label_seq_id 
_pdbx_unobs_or_zero_occ_atoms.label_atom_id 
1 1 Y 1 A GLN 1334 ? CD  ? A GLN 43 CD  
2 1 Y 1 A GLN 1334 ? OE1 ? A GLN 43 OE1 
3 1 Y 1 A GLN 1334 ? NE2 ? A GLN 43 NE2 
# 
loop_
_software.pdbx_ordinal 
_software.name 
_software.version 
_software.date 
_software.type 
_software.contact_author 
_software.contact_author_email 
_software.classification 
_software.location 
_software.language 
_software.citation_id 
1 REFMAC      5.8.0403 ?               program 'Garib N. Murshudov' garib@ysbl.york.ac.uk    refinement        
http://www.ccp4.ac.uk/dist/html/refmac5.html        Fortran_77 ? 
2 Aimless     0.7.7    23/04/21        program 'Phil Evans'         ?                        'data scaling'    
http://www.mrc-lmb.cam.ac.uk/harry/pre/aimless.html ?          ? 
3 PDB_EXTRACT 3.23     'SEP. 23, 2016' package PDB                  deposit@deposit.rcsb.org 'data extraction' 
http://sw-tools.pdb.org/apps/PDB_EXTRACT/           C++        ? 
4 XDS         .        ?               program ?                    ?                        'data reduction'  ? ?          ? 
5 REFMAC      .        ?               program ?                    ?                        phasing           ? ?          ? 
# 
_cell.entry_id           7FVA 
_cell.length_a           82.024 
_cell.length_b           27.381 
_cell.length_c           56.258 
_cell.angle_alpha        90.000 
_cell.angle_beta         99.490 
_cell.angle_gamma        90.000 
_cell.Z_PDB              4 
_cell.pdbx_unique_axis   ? 
# 
_symmetry.entry_id                         7FVA 
_symmetry.space_group_name_H-M             'C 1 2 1' 
_symmetry.pdbx_full_space_group_name_H-M   ? 
_symmetry.cell_setting                     ? 
_symmetry.Int_Tables_number                5 
# 
_exptl.crystals_number   1 
_exptl.entry_id          7FVA 
_exptl.method            'X-RAY DIFFRACTION' 
# 
_exptl_crystal.id                    1 
_exptl_crystal.pdbx_mosaicity        0.000 
_exptl_crystal.pdbx_mosaicity_esd    ? 
_exptl_crystal.density_Matthews      1.77 
_exptl_crystal.density_diffrn        ? 
_exptl_crystal.density_meas          ? 
_exptl_crystal.density_meas_temp     ? 
_exptl_crystal.density_percent_sol   30.41 
_exptl_crystal.size_max              ? 
_exptl_crystal.size_mid              ? 
_exptl_crystal.size_min              ? 
_exptl_crystal.size_rad              ? 
_exptl_crystal.description           ? 
# 
_exptl_crystal_grow.crystal_id      1 
_exptl_crystal_grow.method          'VAPOR DIFFUSION, SITTING DROP' 
_exptl_crystal_grow.pH              5.6 
_exptl_crystal_grow.temp            277 
_exptl_crystal_grow.pdbx_details    '20% PEG 8000, 0.04M potassium phosphate' 
_exptl_crystal_grow.temp_details    ? 
_exptl_crystal_grow.pdbx_pH_range   ? 
# 
_diffrn.id                     1 
_diffrn.ambient_temp           100 
_diffrn.crystal_id             1 
_diffrn.ambient_temp_details   ? 
# 
_diffrn_detector.detector               PIXEL 
_diffrn_detector.type                   'DECTRIS PILATUS 6M' 
_diffrn_detector.pdbx_collection_date   2022-09-24 
_diffrn_detector.diffrn_id              1 
_diffrn_detector.details                ? 
# 
_diffrn_radiation.diffrn_id                        1 
_diffrn_radiation.wavelength_id                    1 
_diffrn_radiation.pdbx_diffrn_protocol             'SINGLE WAVELENGTH' 
_diffrn_radiation.pdbx_monochromatic_or_laue_m_l   ? 
_diffrn_radiation.monochromator                    ? 
_diffrn_radiation.pdbx_scattering_type             x-ray 
# 
_diffrn_radiation_wavelength.id           1 
_diffrn_radiation_wavelength.wavelength   0.92124 
_diffrn_radiation_wavelength.wt           1.0 
# 
_diffrn_source.diffrn_id                   1 
_diffrn_source.source                      SYNCHROTRON 
_diffrn_source.type                        'DIAMOND BEAMLINE I04-1' 
_diffrn_source.pdbx_wavelength_list        0.92124 
_diffrn_source.pdbx_synchrotron_site       Diamond 
_diffrn_source.pdbx_synchrotron_beamline   I04-1 
_diffrn_source.pdbx_wavelength             ? 
# 
_reflns.entry_id                     7FVA 
_reflns.pdbx_diffrn_id               1 
_reflns.pdbx_ordinal                 1 
_reflns.observed_criterion_sigma_I   ? 
_reflns.observed_criterion_sigma_F   ? 
_reflns.d_resolution_low             30.400 
_reflns.d_resolution_high            1.190 
_reflns.number_obs                   33580 
_reflns.number_all                   ? 
_reflns.percent_possible_obs         84.200 
_reflns.pdbx_Rmerge_I_obs            0.045 
_reflns.pdbx_Rsym_value              ? 
_reflns.pdbx_netI_over_sigmaI        26.800 
_reflns.B_iso_Wilson_estimate        ? 
_reflns.pdbx_redundancy              5.200 
_reflns.pdbx_Rrim_I_all              0.050 
_reflns.pdbx_Rpim_I_all              0.020 
_reflns.pdbx_CC_half                 0.994 
_reflns.pdbx_netI_over_av_sigmaI     ? 
_reflns.pdbx_number_measured_all     173499 
_reflns.pdbx_scaling_rejects         0 
_reflns.pdbx_chi_squared             ? 
_reflns.Rmerge_F_all                 ? 
_reflns.Rmerge_F_obs                 ? 
_reflns.observed_criterion_F_max     ? 
_reflns.observed_criterion_F_min     ? 
_reflns.observed_criterion_I_max     ? 
_reflns.observed_criterion_I_min     ? 
_reflns.pdbx_d_res_high_opt          ? 
_reflns.pdbx_d_res_low_opt           ? 
_reflns.details                      ? 
# 
loop_
_reflns_shell.pdbx_diffrn_id 
_reflns_shell.pdbx_ordinal 
_reflns_shell.d_res_high 
_reflns_shell.d_res_low 
_reflns_shell.number_measured_obs 
_reflns_shell.number_measured_all 
_reflns_shell.number_unique_obs 
_reflns_shell.pdbx_rejects 
_reflns_shell.Rmerge_I_obs 
_reflns_shell.meanI_over_sigI_obs 
_reflns_shell.pdbx_Rsym_value 
_reflns_shell.pdbx_chi_squared 
_reflns_shell.pdbx_redundancy 
_reflns_shell.percent_possible_obs 
_reflns_shell.pdbx_netI_over_sigmaI_obs 
_reflns_shell.number_possible 
_reflns_shell.number_unique_all 
_reflns_shell.Rmerge_F_all 
_reflns_shell.Rmerge_F_obs 
_reflns_shell.Rmerge_I_all 
_reflns_shell.meanI_over_sigI_all 
_reflns_shell.percent_possible_all 
_reflns_shell.pdbx_Rrim_I_all 
_reflns_shell.pdbx_Rpim_I_all 
_reflns_shell.pdbx_CC_half 
1 1 1.190 1.210  ? 615  ? ? 0.326 ? ? ? 1.300 ? 1.400  ? 464 ? ? ? ? 24.200 0.452 0.312 0.868 
1 2 6.520 30.400 ? 1495 ? ? 0.087 ? ? ? 5.400 ? 52.100 ? 275 ? ? ? ? 99.100 0.097 0.043 0.970 
# 
_refine.entry_id                                 7FVA 
_refine.pdbx_refine_id                           'X-RAY DIFFRACTION' 
_refine.ls_d_res_high                            1.1900 
_refine.ls_d_res_low                             30.4100 
_refine.pdbx_ls_sigma_F                          0.000 
_refine.pdbx_data_cutoff_high_absF               ? 
_refine.pdbx_data_cutoff_low_absF                ? 
_refine.ls_percent_reflns_obs                    84.0200 
_refine.ls_number_reflns_obs                     31897 
_refine.ls_number_reflns_all                     ? 
_refine.pdbx_ls_cross_valid_method               THROUGHOUT 
_refine.ls_matrix_type                           ? 
_refine.pdbx_R_Free_selection_details            RANDOM 
_refine.details                                  
'HYDROGENS HAVE BEEN ADDED IN THE RIDING POSITIONS U VALUES      : REFINED INDIVIDUALLY' 
_refine.ls_R_factor_all                          ? 
_refine.ls_R_factor_obs                          0.2558 
_refine.ls_R_factor_R_work                       0.2551 
_refine.ls_wR_factor_R_work                      ? 
_refine.ls_R_factor_R_free                       0.2685 
_refine.ls_wR_factor_R_free                      ? 
_refine.ls_percent_reflns_R_free                 5.0000 
_refine.ls_number_reflns_R_free                  1683 
_refine.ls_number_reflns_R_work                  ? 
_refine.ls_R_factor_R_free_error                 ? 
_refine.B_iso_mean                               17.3330 
_refine.solvent_model_param_bsol                 ? 
_refine.solvent_model_param_ksol                 ? 
_refine.pdbx_isotropic_thermal_model             ? 
_refine.aniso_B[1][1]                            -0.0400 
_refine.aniso_B[2][2]                            0.8800 
_refine.aniso_B[3][3]                            -0.8600 
_refine.aniso_B[1][2]                            -0.0000 
_refine.aniso_B[1][3]                            0.2000 
_refine.aniso_B[2][3]                            0.0000 
_refine.correlation_coeff_Fo_to_Fc               0.9320 
_refine.correlation_coeff_Fo_to_Fc_free          0.9230 
_refine.overall_SU_R_Cruickshank_DPI             ? 
_refine.pdbx_overall_SU_R_free_Cruickshank_DPI   ? 
_refine.pdbx_overall_SU_R_Blow_DPI               ? 
_refine.pdbx_overall_SU_R_free_Blow_DPI          ? 
_refine.overall_SU_R_free                        ? 
_refine.pdbx_overall_ESU_R                       0.0710 
_refine.pdbx_overall_ESU_R_Free                  0.0680 
_refine.overall_SU_ML                            ? 
_refine.overall_SU_B                             ? 
_refine.solvent_model_details                    MASK 
_refine.pdbx_solvent_vdw_probe_radii             1.2000 
_refine.pdbx_solvent_ion_probe_radii             0.8000 
_refine.pdbx_solvent_shrinkage_radii             0.8000 
_refine.ls_number_parameters                     ? 
_refine.ls_number_restraints                     ? 
_refine.pdbx_starting_model                      7av9 
_refine.pdbx_method_to_determine_struct          'FOURIER SYNTHESIS' 
_refine.pdbx_stereochemistry_target_values       'MAXIMUM LIKELIHOOD' 
_refine.pdbx_stereochem_target_val_spec_case     ? 
_refine.overall_FOM_work_R_set                   ? 
_refine.B_iso_max                                59.610 
_refine.B_iso_min                                10.020 
_refine.pdbx_overall_phase_error                 ? 
_refine.occupancy_max                            ? 
_refine.occupancy_min                            ? 
_refine.pdbx_diffrn_id                           1 
_refine.pdbx_TLS_residual_ADP_flag               ? 
_refine.pdbx_ls_sigma_I                          ? 
_refine.pdbx_data_cutoff_high_rms_absF           ? 
_refine.ls_R_factor_R_free_error_details         ? 
# 
_refine_hist.cycle_id                         final 
_refine_hist.pdbx_refine_id                   'X-RAY DIFFRACTION' 
_refine_hist.d_res_high                       1.1900 
_refine_hist.d_res_low                        30.4100 
_refine_hist.pdbx_number_atoms_ligand         21 
_refine_hist.number_atoms_solvent             195 
_refine_hist.number_atoms_total               1219 
_refine_hist.pdbx_number_residues_total       121 
_refine_hist.pdbx_B_iso_mean_ligand           36.89 
_refine_hist.pdbx_B_iso_mean_solvent          30.50 
_refine_hist.pdbx_number_atoms_protein        1003 
_refine_hist.pdbx_number_atoms_nucleic_acid   0 
# 
loop_
_refine_ls_restr.pdbx_refine_id 
_refine_ls_restr.type 
_refine_ls_restr.number 
_refine_ls_restr.dev_ideal 
_refine_ls_restr.dev_ideal_target 
_refine_ls_restr.weight 
_refine_ls_restr.pdbx_restraint_function 
'X-RAY DIFFRACTION' r_bond_refined_d       1084 0.016  0.012  ? ? 
'X-RAY DIFFRACTION' r_bond_other_d         987  0.002  0.016  ? ? 
'X-RAY DIFFRACTION' r_angle_refined_deg    1471 1.674  1.659  ? ? 
'X-RAY DIFFRACTION' r_angle_other_deg      2293 1.268  1.603  ? ? 
'X-RAY DIFFRACTION' r_dihedral_angle_1_deg 130  5.260  5.000  ? ? 
'X-RAY DIFFRACTION' r_dihedral_angle_2_deg 9    4.074  5.000  ? ? 
'X-RAY DIFFRACTION' r_dihedral_angle_3_deg 190  14.295 10.000 ? ? 
'X-RAY DIFFRACTION' r_chiral_restr         154  0.077  0.200  ? ? 
'X-RAY DIFFRACTION' r_gen_planes_refined   1316 0.009  0.020  ? ? 
'X-RAY DIFFRACTION' r_gen_planes_other     261  0.011  0.020  ? ? 
'X-RAY DIFFRACTION' r_mcbond_it            508  1.313  1.738  ? ? 
'X-RAY DIFFRACTION' r_mcbond_other         509  1.312  1.742  ? ? 
'X-RAY DIFFRACTION' r_mcangle_it           642  1.897  3.136  ? ? 
# 
_refine_ls_shell.d_res_high                       1.1900 
_refine_ls_shell.d_res_low                        1.2210 
_refine_ls_shell.pdbx_total_number_of_bins_used   20 
_refine_ls_shell.percent_reflns_obs               25.5100 
_refine_ls_shell.number_reflns_R_work             700 
_refine_ls_shell.R_factor_all                     ? 
_refine_ls_shell.R_factor_R_work                  0.3390 
_refine_ls_shell.R_factor_R_free                  0.3950 
_refine_ls_shell.percent_reflns_R_free            ? 
_refine_ls_shell.number_reflns_R_free             33 
_refine_ls_shell.R_factor_R_free_error            ? 
_refine_ls_shell.number_reflns_all                733 
_refine_ls_shell.number_reflns_obs                ? 
_refine_ls_shell.pdbx_refine_id                   'X-RAY DIFFRACTION' 
# 
_struct.entry_id                  7FVA 
_struct.title                     'PanDDA analysis group deposition -- PHIP in complex with Z4913872963' 
_struct.pdbx_model_details        ? 
_struct.pdbx_CASP_flag            ? 
_struct.pdbx_model_type_details   ? 
# 
_struct_keywords.entry_id        7FVA 
_struct_keywords.text            
'False negatives, ligand features, rescreening, catalogue, fragment follow-ups, automated chemistry, SIGNALING PROTEIN' 
_struct_keywords.pdbx_keywords   'SIGNALING PROTEIN' 
# 
loop_
_struct_asym.id 
_struct_asym.pdbx_blank_PDB_chainid_flag 
_struct_asym.pdbx_modified 
_struct_asym.entity_id 
_struct_asym.details 
A N N 1 ? 
B N N 2 ? 
C N N 3 ? 
# 
_struct_ref.id                         1 
_struct_ref.db_name                    UNP 
_struct_ref.db_code                    PHIP_HUMAN 
_struct_ref.pdbx_db_accession          Q8WWQ0 
_struct_ref.pdbx_db_isoform            ? 
_struct_ref.entity_id                  1 
_struct_ref.pdbx_seq_one_letter_code   
;SYDIQAWKKQCEELLNLIFQCEDSEPFRQPVDLLEYPDYRDIIDTPMDFATVRETLEAGNYESPMELCKDVRLIFSNSKA
YTPSKRSRIYSMSLRLSAFFEEHISSVLSDYKSALRFHKRNTITKR
;
_struct_ref.pdbx_align_begin           1315 
# 
_struct_ref_seq.align_id                      1 
_struct_ref_seq.ref_id                        1 
_struct_ref_seq.pdbx_PDB_id_code              7FVA 
_struct_ref_seq.pdbx_strand_id                A 
_struct_ref_seq.seq_align_beg                 24 
_struct_ref_seq.pdbx_seq_align_beg_ins_code   ? 
_struct_ref_seq.seq_align_end                 149 
_struct_ref_seq.pdbx_seq_align_end_ins_code   ? 
_struct_ref_seq.pdbx_db_accession             Q8WWQ0 
_struct_ref_seq.db_align_beg                  1315 
_struct_ref_seq.pdbx_db_align_beg_ins_code    ? 
_struct_ref_seq.db_align_end                  1440 
_struct_ref_seq.pdbx_db_align_end_ins_code    ? 
_struct_ref_seq.pdbx_auth_seq_align_beg       1315 
_struct_ref_seq.pdbx_auth_seq_align_end       1440 
# 
loop_
_struct_ref_seq_dif.align_id 
_struct_ref_seq_dif.pdbx_pdb_id_code 
_struct_ref_seq_dif.mon_id 
_struct_ref_seq_dif.pdbx_pdb_strand_id 
_struct_ref_seq_dif.seq_num 
_struct_ref_seq_dif.pdbx_pdb_ins_code 
_struct_ref_seq_dif.pdbx_seq_db_name 
_struct_ref_seq_dif.pdbx_seq_db_accession_code 
_struct_ref_seq_dif.db_mon_id 
_struct_ref_seq_dif.pdbx_seq_db_seq_num 
_struct_ref_seq_dif.details 
_struct_ref_seq_dif.pdbx_auth_seq_num 
_struct_ref_seq_dif.pdbx_ordinal 
1 7FVA MET A 1  ? UNP Q8WWQ0 ? ? 'initiating methionine' 1292 1  
1 7FVA HIS A 2  ? UNP Q8WWQ0 ? ? 'expression tag'        1293 2  
1 7FVA HIS A 3  ? UNP Q8WWQ0 ? ? 'expression tag'        1294 3  
1 7FVA HIS A 4  ? UNP Q8WWQ0 ? ? 'expression tag'        1295 4  
1 7FVA HIS A 5  ? UNP Q8WWQ0 ? ? 'expression tag'        1296 5  
1 7FVA HIS A 6  ? UNP Q8WWQ0 ? ? 'expression tag'        1297 6  
1 7FVA HIS A 7  ? UNP Q8WWQ0 ? ? 'expression tag'        1298 7  
1 7FVA SER A 8  ? UNP Q8WWQ0 ? ? 'expression tag'        1299 8  
1 7FVA SER A 9  ? UNP Q8WWQ0 ? ? 'expression tag'        1300 9  
1 7FVA GLY A 10 ? UNP Q8WWQ0 ? ? 'expression tag'        1301 10 
1 7FVA VAL A 11 ? UNP Q8WWQ0 ? ? 'expression tag'        1302 11 
1 7FVA ASP A 12 ? UNP Q8WWQ0 ? ? 'expression tag'        1303 12 
1 7FVA LEU A 13 ? UNP Q8WWQ0 ? ? 'expression tag'        1304 13 
1 7FVA GLY A 14 ? UNP Q8WWQ0 ? ? 'expression tag'        1305 14 
1 7FVA THR A 15 ? UNP Q8WWQ0 ? ? 'expression tag'        1306 15 
1 7FVA GLU A 16 ? UNP Q8WWQ0 ? ? 'expression tag'        1307 16 
1 7FVA ASN A 17 ? UNP Q8WWQ0 ? ? 'expression tag'        1308 17 
1 7FVA LEU A 18 ? UNP Q8WWQ0 ? ? 'expression tag'        1309 18 
1 7FVA TYR A 19 ? UNP Q8WWQ0 ? ? 'expression tag'        1310 19 
1 7FVA PHE A 20 ? UNP Q8WWQ0 ? ? 'expression tag'        1311 20 
1 7FVA GLN A 21 ? UNP Q8WWQ0 ? ? 'expression tag'        1312 21 
1 7FVA SER A 22 ? UNP Q8WWQ0 ? ? 'expression tag'        1313 22 
1 7FVA MET A 23 ? UNP Q8WWQ0 ? ? 'expression tag'        1314 23 
# 
_pdbx_struct_assembly.id                   1 
_pdbx_struct_assembly.details              author_and_software_defined_assembly 
_pdbx_struct_assembly.method_details       PISA 
_pdbx_struct_assembly.oligomeric_details   monomeric 
_pdbx_struct_assembly.oligomeric_count     1 
# 
_pdbx_struct_assembly_gen.assembly_id       1 
_pdbx_struct_assembly_gen.oper_expression   1 
_pdbx_struct_assembly_gen.asym_id_list      A,B,C 
# 
_pdbx_struct_oper_list.id                   1 
_pdbx_struct_oper_list.type                 'identity operation' 
_pdbx_struct_oper_list.name                 1_555 
_pdbx_struct_oper_list.symmetry_operation   x,y,z 
_pdbx_struct_oper_list.matrix[1][1]         1.0000000000 
_pdbx_struct_oper_list.matrix[1][2]         0.0000000000 
_pdbx_struct_oper_list.matrix[1][3]         0.0000000000 
_pdbx_struct_oper_list.vector[1]            0.0000000000 
_pdbx_struct_oper_list.matrix[2][1]         0.0000000000 
_pdbx_struct_oper_list.matrix[2][2]         1.0000000000 
_pdbx_struct_oper_list.matrix[2][3]         0.0000000000 
_pdbx_struct_oper_list.vector[2]            0.0000000000 
_pdbx_struct_oper_list.matrix[3][1]         0.0000000000 
_pdbx_struct_oper_list.matrix[3][2]         0.0000000000 
_pdbx_struct_oper_list.matrix[3][3]         1.0000000000 
_pdbx_struct_oper_list.vector[3]            0.0000000000 
# 
loop_
_struct_conf.conf_type_id 
_struct_conf.id 
_struct_conf.pdbx_PDB_helix_id 
_struct_conf.beg_label_comp_id 
_struct_conf.beg_label_asym_id 
_struct_conf.beg_label_seq_id 
_struct_conf.pdbx_beg_PDB_ins_code 
_struct_conf.end_label_comp_id 
_struct_conf.end_label_asym_id 
_struct_conf.end_label_seq_id 
_struct_conf.pdbx_end_PDB_ins_code 
_struct_conf.beg_auth_comp_id 
_struct_conf.beg_auth_asym_id 
_struct_conf.beg_auth_seq_id 
_struct_conf.end_auth_comp_id 
_struct_conf.end_auth_asym_id 
_struct_conf.end_auth_seq_id 
_struct_conf.pdbx_PDB_helix_class 
_struct_conf.details 
_struct_conf.pdbx_PDB_helix_length 
HELX_P HELX_P1 AA1 ALA A 29  ? CYS A 44  ? ALA A 1320 CYS A 1335 1 ? 16 
HELX_P HELX_P2 AA2 GLU A 45  ? ARG A 51  ? GLU A 1336 ARG A 1342 5 ? 7  
HELX_P HELX_P3 AA3 ASP A 61  ? ILE A 66  ? ASP A 1352 ILE A 1357 1 ? 6  
HELX_P HELX_P4 AA4 ASP A 71  ? ALA A 81  ? ASP A 1362 ALA A 1372 1 ? 11 
HELX_P HELX_P5 AA5 SER A 86  ? THR A 105 ? SER A 1377 THR A 1396 1 ? 20 
HELX_P HELX_P6 AA6 SER A 110 ? LYS A 142 ? SER A 1401 LYS A 1433 1 ? 33 
# 
_struct_conf_type.id          HELX_P 
_struct_conf_type.criteria    ? 
_struct_conf_type.reference   ? 
# 
loop_
_pdbx_validate_close_contact.id 
_pdbx_validate_close_contact.PDB_model_num 
_pdbx_validate_close_contact.auth_atom_id_1 
_pdbx_validate_close_contact.auth_asym_id_1 
_pdbx_validate_close_contact.auth_comp_id_1 
_pdbx_validate_close_contact.auth_seq_id_1 
_pdbx_validate_close_contact.PDB_ins_code_1 
_pdbx_validate_close_contact.label_alt_id_1 
_pdbx_validate_close_contact.auth_atom_id_2 
_pdbx_validate_close_contact.auth_asym_id_2 
_pdbx_validate_close_contact.auth_comp_id_2 
_pdbx_validate_close_contact.auth_seq_id_2 
_pdbx_validate_close_contact.PDB_ins_code_2 
_pdbx_validate_close_contact.label_alt_id_2 
_pdbx_validate_close_contact.dist 
1 1 O A HOH 1690 ? ? O A HOH 1697 ? ? 1.92 
2 1 O A HOH 1652 ? ? O A HOH 1741 ? ? 2.19 
# 
_pdbx_validate_symm_contact.id                1 
_pdbx_validate_symm_contact.PDB_model_num     1 
_pdbx_validate_symm_contact.auth_atom_id_1    O 
_pdbx_validate_symm_contact.auth_asym_id_1    A 
_pdbx_validate_symm_contact.auth_comp_id_1    HOH 
_pdbx_validate_symm_contact.auth_seq_id_1     1614 
_pdbx_validate_symm_contact.PDB_ins_code_1    ? 
_pdbx_validate_symm_contact.label_alt_id_1    ? 
_pdbx_validate_symm_contact.site_symmetry_1   1_555 
_pdbx_validate_symm_contact.auth_atom_id_2    O 
_pdbx_validate_symm_contact.auth_asym_id_2    A 
_pdbx_validate_symm_contact.auth_comp_id_2    HOH 
_pdbx_validate_symm_contact.auth_seq_id_2     1730 
_pdbx_validate_symm_contact.PDB_ins_code_2    ? 
_pdbx_validate_symm_contact.label_alt_id_2    ? 
_pdbx_validate_symm_contact.site_symmetry_2   4_456 
_pdbx_validate_symm_contact.dist              2.12 
# 
_pdbx_validate_rmsd_bond.id                        1 
_pdbx_validate_rmsd_bond.PDB_model_num             1 
_pdbx_validate_rmsd_bond.auth_atom_id_1            CD 
_pdbx_validate_rmsd_bond.auth_asym_id_1            A 
_pdbx_validate_rmsd_bond.auth_comp_id_1            GLU 
_pdbx_validate_rmsd_bond.auth_seq_id_1             1380 
_pdbx_validate_rmsd_bond.PDB_ins_code_1            ? 
_pdbx_validate_rmsd_bond.label_alt_id_1            ? 
_pdbx_validate_rmsd_bond.auth_atom_id_2            OE1 
_pdbx_validate_rmsd_bond.auth_asym_id_2            A 
_pdbx_validate_rmsd_bond.auth_comp_id_2            GLU 
_pdbx_validate_rmsd_bond.auth_seq_id_2             1380 
_pdbx_validate_rmsd_bond.PDB_ins_code_2            ? 
_pdbx_validate_rmsd_bond.label_alt_id_2            ? 
_pdbx_validate_rmsd_bond.bond_value                1.172 
_pdbx_validate_rmsd_bond.bond_target_value         1.252 
_pdbx_validate_rmsd_bond.bond_deviation            -0.080 
_pdbx_validate_rmsd_bond.bond_standard_deviation   0.011 
_pdbx_validate_rmsd_bond.linker_flag               N 
# 
_pdbx_validate_torsion.id              1 
_pdbx_validate_torsion.PDB_model_num   1 
_pdbx_validate_torsion.auth_comp_id    SER 
_pdbx_validate_torsion.auth_asym_id    A 
_pdbx_validate_torsion.auth_seq_id     1398 
_pdbx_validate_torsion.PDB_ins_code    ? 
_pdbx_validate_torsion.label_alt_id    ? 
_pdbx_validate_torsion.phi             -172.91 
_pdbx_validate_torsion.psi             -179.95 
# 
_pdbx_struct_special_symmetry.id              1 
_pdbx_struct_special_symmetry.PDB_model_num   1 
_pdbx_struct_special_symmetry.auth_asym_id    A 
_pdbx_struct_special_symmetry.auth_comp_id    HOH 
_pdbx_struct_special_symmetry.auth_seq_id     1788 
_pdbx_struct_special_symmetry.PDB_ins_code    ? 
_pdbx_struct_special_symmetry.label_asym_id   C 
_pdbx_struct_special_symmetry.label_comp_id   HOH 
_pdbx_struct_special_symmetry.label_seq_id    . 
# 
_phasing.method   MR 
# 
_pdbx_entry_details.entry_id                 7FVA 
_pdbx_entry_details.compound_details         ? 
_pdbx_entry_details.source_details           ? 
_pdbx_entry_details.nonpolymer_details       ? 
_pdbx_entry_details.sequence_details         ? 
_pdbx_entry_details.has_ligand_of_interest   Y 
# 
loop_
_pdbx_unobs_or_zero_occ_residues.id 
_pdbx_unobs_or_zero_occ_residues.PDB_model_num 
_pdbx_unobs_or_zero_occ_residues.polymer_flag 
_pdbx_unobs_or_zero_occ_residues.occupancy_flag 
_pdbx_unobs_or_zero_occ_residues.auth_asym_id 
_pdbx_unobs_or_zero_occ_residues.auth_comp_id 
_pdbx_unobs_or_zero_occ_residues.auth_seq_id 
_pdbx_unobs_or_zero_occ_residues.PDB_ins_code 
_pdbx_unobs_or_zero_occ_residues.label_asym_id 
_pdbx_unobs_or_zero_occ_residues.label_comp_id 
_pdbx_unobs_or_zero_occ_residues.label_seq_id 
1  1 Y 1 A MET 1292 ? A MET 1   
2  1 Y 1 A HIS 1293 ? A HIS 2   
3  1 Y 1 A HIS 1294 ? A HIS 3   
4  1 Y 1 A HIS 1295 ? A HIS 4   
5  1 Y 1 A HIS 1296 ? A HIS 5   
6  1 Y 1 A HIS 1297 ? A HIS 6   
7  1 Y 1 A HIS 1298 ? A HIS 7   
8  1 Y 1 A SER 1299 ? A SER 8   
9  1 Y 1 A SER 1300 ? A SER 9   
10 1 Y 1 A GLY 1301 ? A GLY 10  
11 1 Y 1 A VAL 1302 ? A VAL 11  
12 1 Y 1 A ASP 1303 ? A ASP 12  
13 1 Y 1 A LEU 1304 ? A LEU 13  
14 1 Y 1 A GLY 1305 ? A GLY 14  
15 1 Y 1 A THR 1306 ? A THR 15  
16 1 Y 1 A GLU 1307 ? A GLU 16  
17 1 Y 1 A ASN 1308 ? A ASN 17  
18 1 Y 1 A LEU 1309 ? A LEU 18  
19 1 Y 1 A TYR 1310 ? A TYR 19  
20 1 Y 1 A PHE 1311 ? A PHE 20  
21 1 Y 1 A GLN 1312 ? A GLN 21  
22 1 Y 1 A SER 1313 ? A SER 22  
23 1 Y 1 A MET 1314 ? A MET 23  
24 1 Y 1 A THR 1436 ? A THR 145 
25 1 Y 1 A ILE 1437 ? A ILE 146 
26 1 Y 1 A THR 1438 ? A THR 147 
27 1 Y 1 A LYS 1439 ? A LYS 148 
28 1 Y 1 A ARG 1440 ? A ARG 149 
# 
loop_
_chem_comp_atom.comp_id 
_chem_comp_atom.atom_id 
_chem_comp_atom.type_symbol 
_chem_comp_atom.pdbx_aromatic_flag 
_chem_comp_atom.pdbx_stereo_config 
_chem_comp_atom.pdbx_ordinal 
ALA N    N N N 1   
ALA CA   C N S 2   
ALA C    C N N 3   
ALA O    O N N 4   
ALA CB   C N N 5   
ALA OXT  O N N 6   
ALA H    H N N 7   
ALA H2   H N N 8   
ALA HA   H N N 9   
ALA HB1  H N N 10  
ALA HB2  H N N 11  
ALA HB3  H N N 12  
ALA HXT  H N N 13  
ARG N    N N N 14  
ARG CA   C N S 15  
ARG C    C N N 16  
ARG O    O N N 17  
ARG CB   C N N 18  
ARG CG   C N N 19  
ARG CD   C N N 20  
ARG NE   N N N 21  
ARG CZ   C N N 22  
ARG NH1  N N N 23  
ARG NH2  N N N 24  
ARG OXT  O N N 25  
ARG H    H N N 26  
ARG H2   H N N 27  
ARG HA   H N N 28  
ARG HB2  H N N 29  
ARG HB3  H N N 30  
ARG HG2  H N N 31  
ARG HG3  H N N 32  
ARG HD2  H N N 33  
ARG HD3  H N N 34  
ARG HE   H N N 35  
ARG HH11 H N N 36  
ARG HH12 H N N 37  
ARG HH21 H N N 38  
ARG HH22 H N N 39  
ARG HXT  H N N 40  
ASN N    N N N 41  
ASN CA   C N S 42  
ASN C    C N N 43  
ASN O    O N N 44  
ASN CB   C N N 45  
ASN CG   C N N 46  
ASN OD1  O N N 47  
ASN ND2  N N N 48  
ASN OXT  O N N 49  
ASN H    H N N 50  
ASN H2   H N N 51  
ASN HA   H N N 52  
ASN HB2  H N N 53  
ASN HB3  H N N 54  
ASN HD21 H N N 55  
ASN HD22 H N N 56  
ASN HXT  H N N 57  
ASP N    N N N 58  
ASP CA   C N S 59  
ASP C    C N N 60  
ASP O    O N N 61  
ASP CB   C N N 62  
ASP CG   C N N 63  
ASP OD1  O N N 64  
ASP OD2  O N N 65  
ASP OXT  O N N 66  
ASP H    H N N 67  
ASP H2   H N N 68  
ASP HA   H N N 69  
ASP HB2  H N N 70  
ASP HB3  H N N 71  
ASP HD2  H N N 72  
ASP HXT  H N N 73  
CYS N    N N N 74  
CYS CA   C N R 75  
CYS C    C N N 76  
CYS O    O N N 77  
CYS CB   C N N 78  
CYS SG   S N N 79  
CYS OXT  O N N 80  
CYS H    H N N 81  
CYS H2   H N N 82  
CYS HA   H N N 83  
CYS HB2  H N N 84  
CYS HB3  H N N 85  
CYS HG   H N N 86  
CYS HXT  H N N 87  
GLN N    N N N 88  
GLN CA   C N S 89  
GLN C    C N N 90  
GLN O    O N N 91  
GLN CB   C N N 92  
GLN CG   C N N 93  
GLN CD   C N N 94  
GLN OE1  O N N 95  
GLN NE2  N N N 96  
GLN OXT  O N N 97  
GLN H    H N N 98  
GLN H2   H N N 99  
GLN HA   H N N 100 
GLN HB2  H N N 101 
GLN HB3  H N N 102 
GLN HG2  H N N 103 
GLN HG3  H N N 104 
GLN HE21 H N N 105 
GLN HE22 H N N 106 
GLN HXT  H N N 107 
GLU N    N N N 108 
GLU CA   C N S 109 
GLU C    C N N 110 
GLU O    O N N 111 
GLU CB   C N N 112 
GLU CG   C N N 113 
GLU CD   C N N 114 
GLU OE1  O N N 115 
GLU OE2  O N N 116 
GLU OXT  O N N 117 
GLU H    H N N 118 
GLU H2   H N N 119 
GLU HA   H N N 120 
GLU HB2  H N N 121 
GLU HB3  H N N 122 
GLU HG2  H N N 123 
GLU HG3  H N N 124 
GLU HE2  H N N 125 
GLU HXT  H N N 126 
GLY N    N N N 127 
GLY CA   C N N 128 
GLY C    C N N 129 
GLY O    O N N 130 
GLY OXT  O N N 131 
GLY H    H N N 132 
GLY H2   H N N 133 
GLY HA2  H N N 134 
GLY HA3  H N N 135 
GLY HXT  H N N 136 
HIS N    N N N 137 
HIS CA   C N S 138 
HIS C    C N N 139 
HIS O    O N N 140 
HIS CB   C N N 141 
HIS CG   C Y N 142 
HIS ND1  N Y N 143 
HIS CD2  C Y N 144 
HIS CE1  C Y N 145 
HIS NE2  N Y N 146 
HIS OXT  O N N 147 
HIS H    H N N 148 
HIS H2   H N N 149 
HIS HA   H N N 150 
HIS HB2  H N N 151 
HIS HB3  H N N 152 
HIS HD1  H N N 153 
HIS HD2  H N N 154 
HIS HE1  H N N 155 
HIS HE2  H N N 156 
HIS HXT  H N N 157 
HOH O    O N N 158 
HOH H1   H N N 159 
HOH H2   H N N 160 
ILE N    N N N 161 
ILE CA   C N S 162 
ILE C    C N N 163 
ILE O    O N N 164 
ILE CB   C N S 165 
ILE CG1  C N N 166 
ILE CG2  C N N 167 
ILE CD1  C N N 168 
ILE OXT  O N N 169 
ILE H    H N N 170 
ILE H2   H N N 171 
ILE HA   H N N 172 
ILE HB   H N N 173 
ILE HG12 H N N 174 
ILE HG13 H N N 175 
ILE HG21 H N N 176 
ILE HG22 H N N 177 
ILE HG23 H N N 178 
ILE HD11 H N N 179 
ILE HD12 H N N 180 
ILE HD13 H N N 181 
ILE HXT  H N N 182 
LEU N    N N N 183 
LEU CA   C N S 184 
LEU C    C N N 185 
LEU O    O N N 186 
LEU CB   C N N 187 
LEU CG   C N N 188 
LEU CD1  C N N 189 
LEU CD2  C N N 190 
LEU OXT  O N N 191 
LEU H    H N N 192 
LEU H2   H N N 193 
LEU HA   H N N 194 
LEU HB2  H N N 195 
LEU HB3  H N N 196 
LEU HG   H N N 197 
LEU HD11 H N N 198 
LEU HD12 H N N 199 
LEU HD13 H N N 200 
LEU HD21 H N N 201 
LEU HD22 H N N 202 
LEU HD23 H N N 203 
LEU HXT  H N N 204 
LYS N    N N N 205 
LYS CA   C N S 206 
LYS C    C N N 207 
LYS O    O N N 208 
LYS CB   C N N 209 
LYS CG   C N N 210 
LYS CD   C N N 211 
LYS CE   C N N 212 
LYS NZ   N N N 213 
LYS OXT  O N N 214 
LYS H    H N N 215 
LYS H2   H N N 216 
LYS HA   H N N 217 
LYS HB2  H N N 218 
LYS HB3  H N N 219 
LYS HG2  H N N 220 
LYS HG3  H N N 221 
LYS HD2  H N N 222 
LYS HD3  H N N 223 
LYS HE2  H N N 224 
LYS HE3  H N N 225 
LYS HZ1  H N N 226 
LYS HZ2  H N N 227 
LYS HZ3  H N N 228 
LYS HXT  H N N 229 
MET N    N N N 230 
MET CA   C N S 231 
MET C    C N N 232 
MET O    O N N 233 
MET CB   C N N 234 
MET CG   C N N 235 
MET SD   S N N 236 
MET CE   C N N 237 
MET OXT  O N N 238 
MET H    H N N 239 
MET H2   H N N 240 
MET HA   H N N 241 
MET HB2  H N N 242 
MET HB3  H N N 243 
MET HG2  H N N 244 
MET HG3  H N N 245 
MET HE1  H N N 246 
MET HE2  H N N 247 
MET HE3  H N N 248 
MET HXT  H N N 249 
PHE N    N N N 250 
PHE CA   C N S 251 
PHE C    C N N 252 
PHE O    O N N 253 
PHE CB   C N N 254 
PHE CG   C Y N 255 
PHE CD1  C Y N 256 
PHE CD2  C Y N 257 
PHE CE1  C Y N 258 
PHE CE2  C Y N 259 
PHE CZ   C Y N 260 
PHE OXT  O N N 261 
PHE H    H N N 262 
PHE H2   H N N 263 
PHE HA   H N N 264 
PHE HB2  H N N 265 
PHE HB3  H N N 266 
PHE HD1  H N N 267 
PHE HD2  H N N 268 
PHE HE1  H N N 269 
PHE HE2  H N N 270 
PHE HZ   H N N 271 
PHE HXT  H N N 272 
PRO N    N N N 273 
PRO CA   C N S 274 
PRO C    C N N 275 
PRO O    O N N 276 
PRO CB   C N N 277 
PRO CG   C N N 278 
PRO CD   C N N 279 
PRO OXT  O N N 280 
PRO H    H N N 281 
PRO HA   H N N 282 
PRO HB2  H N N 283 
PRO HB3  H N N 284 
PRO HG2  H N N 285 
PRO HG3  H N N 286 
PRO HD2  H N N 287 
PRO HD3  H N N 288 
PRO HXT  H N N 289 
SER N    N N N 290 
SER CA   C N S 291 
SER C    C N N 292 
SER O    O N N 293 
SER CB   C N N 294 
SER OG   O N N 295 
SER OXT  O N N 296 
SER H    H N N 297 
SER H2   H N N 298 
SER HA   H N N 299 
SER HB2  H N N 300 
SER HB3  H N N 301 
SER HG   H N N 302 
SER HXT  H N N 303 
THR N    N N N 304 
THR CA   C N S 305 
THR C    C N N 306 
THR O    O N N 307 
THR CB   C N R 308 
THR OG1  O N N 309 
THR CG2  C N N 310 
THR OXT  O N N 311 
THR H    H N N 312 
THR H2   H N N 313 
THR HA   H N N 314 
THR HB   H N N 315 
THR HG1  H N N 316 
THR HG21 H N N 317 
THR HG22 H N N 318 
THR HG23 H N N 319 
THR HXT  H N N 320 
TRP N    N N N 321 
TRP CA   C N S 322 
TRP C    C N N 323 
TRP O    O N N 324 
TRP CB   C N N 325 
TRP CG   C Y N 326 
TRP CD1  C Y N 327 
TRP CD2  C Y N 328 
TRP NE1  N Y N 329 
TRP CE2  C Y N 330 
TRP CE3  C Y N 331 
TRP CZ2  C Y N 332 
TRP CZ3  C Y N 333 
TRP CH2  C Y N 334 
TRP OXT  O N N 335 
TRP H    H N N 336 
TRP H2   H N N 337 
TRP HA   H N N 338 
TRP HB2  H N N 339 
TRP HB3  H N N 340 
TRP HD1  H N N 341 
TRP HE1  H N N 342 
TRP HE3  H N N 343 
TRP HZ2  H N N 344 
TRP HZ3  H N N 345 
TRP HH2  H N N 346 
TRP HXT  H N N 347 
TYR N    N N N 348 
TYR CA   C N S 349 
TYR C    C N N 350 
TYR O    O N N 351 
TYR CB   C N N 352 
TYR CG   C Y N 353 
TYR CD1  C Y N 354 
TYR CD2  C Y N 355 
TYR CE1  C Y N 356 
TYR CE2  C Y N 357 
TYR CZ   C Y N 358 
TYR OH   O N N 359 
TYR OXT  O N N 360 
TYR H    H N N 361 
TYR H2   H N N 362 
TYR HA   H N N 363 
TYR HB2  H N N 364 
TYR HB3  H N N 365 
TYR HD1  H N N 366 
TYR HD2  H N N 367 
TYR HE1  H N N 368 
TYR HE2  H N N 369 
TYR HH   H N N 370 
TYR HXT  H N N 371 
VAL N    N N N 372 
VAL CA   C N S 373 
VAL C    C N N 374 
VAL O    O N N 375 
VAL CB   C N N 376 
VAL CG1  C N N 377 
VAL CG2  C N N 378 
VAL OXT  O N N 379 
VAL H    H N N 380 
VAL H2   H N N 381 
VAL HA   H N N 382 
VAL HB   H N N 383 
VAL HG11 H N N 384 
VAL HG12 H N N 385 
VAL HG13 H N N 386 
VAL HG21 H N N 387 
VAL HG22 H N N 388 
VAL HG23 H N N 389 
VAL HXT  H N N 390 
ZLH N1   N N N 391 
ZLH C4   C N N 392 
ZLH C5   C N N 393 
ZLH C6   C N N 394 
ZLH C7   C N N 395 
ZLH C8   C N N 396 
ZLH C10  C N N 397 
ZLH C13  C Y N 398 
ZLH O2   O N N 399 
ZLH C11  C Y N 400 
ZLH O1   O Y N 401 
ZLH C14  C Y N 402 
ZLH C12  C Y N 403 
ZLH N    N N N 404 
ZLH C2   C N N 405 
ZLH C3   C N N 406 
ZLH C1   C N R 407 
ZLH C    C N N 408 
ZLH O    O N N 409 
ZLH N2   N N N 410 
ZLH C9   C N N 411 
ZLH H9   H N N 412 
ZLH H8   H N N 413 
ZLH H12  H N N 414 
ZLH H11  H N N 415 
ZLH H13  H N N 416 
ZLH H14  H N N 417 
ZLH H15  H N N 418 
ZLH H19  H N N 419 
ZLH H20  H N N 420 
ZLH H18  H N N 421 
ZLH H5   H N N 422 
ZLH H4   H N N 423 
ZLH H7   H N N 424 
ZLH H6   H N N 425 
ZLH H3   H N N 426 
ZLH H    H N N 427 
ZLH H1   H N N 428 
ZLH H2   H N N 429 
ZLH H10  H N N 430 
ZLH H16  H N N 431 
ZLH H17  H N N 432 
# 
loop_
_chem_comp_bond.comp_id 
_chem_comp_bond.atom_id_1 
_chem_comp_bond.atom_id_2 
_chem_comp_bond.value_order 
_chem_comp_bond.pdbx_aromatic_flag 
_chem_comp_bond.pdbx_stereo_config 
_chem_comp_bond.pdbx_ordinal 
ALA N   CA   sing N N 1   
ALA N   H    sing N N 2   
ALA N   H2   sing N N 3   
ALA CA  C    sing N N 4   
ALA CA  CB   sing N N 5   
ALA CA  HA   sing N N 6   
ALA C   O    doub N N 7   
ALA C   OXT  sing N N 8   
ALA CB  HB1  sing N N 9   
ALA CB  HB2  sing N N 10  
ALA CB  HB3  sing N N 11  
ALA OXT HXT  sing N N 12  
ARG N   CA   sing N N 13  
ARG N   H    sing N N 14  
ARG N   H2   sing N N 15  
ARG CA  C    sing N N 16  
ARG CA  CB   sing N N 17  
ARG CA  HA   sing N N 18  
ARG C   O    doub N N 19  
ARG C   OXT  sing N N 20  
ARG CB  CG   sing N N 21  
ARG CB  HB2  sing N N 22  
ARG CB  HB3  sing N N 23  
ARG CG  CD   sing N N 24  
ARG CG  HG2  sing N N 25  
ARG CG  HG3  sing N N 26  
ARG CD  NE   sing N N 27  
ARG CD  HD2  sing N N 28  
ARG CD  HD3  sing N N 29  
ARG NE  CZ   sing N N 30  
ARG NE  HE   sing N N 31  
ARG CZ  NH1  sing N N 32  
ARG CZ  NH2  doub N N 33  
ARG NH1 HH11 sing N N 34  
ARG NH1 HH12 sing N N 35  
ARG NH2 HH21 sing N N 36  
ARG NH2 HH22 sing N N 37  
ARG OXT HXT  sing N N 38  
ASN N   CA   sing N N 39  
ASN N   H    sing N N 40  
ASN N   H2   sing N N 41  
ASN CA  C    sing N N 42  
ASN CA  CB   sing N N 43  
ASN CA  HA   sing N N 44  
ASN C   O    doub N N 45  
ASN C   OXT  sing N N 46  
ASN CB  CG   sing N N 47  
ASN CB  HB2  sing N N 48  
ASN CB  HB3  sing N N 49  
ASN CG  OD1  doub N N 50  
ASN CG  ND2  sing N N 51  
ASN ND2 HD21 sing N N 52  
ASN ND2 HD22 sing N N 53  
ASN OXT HXT  sing N N 54  
ASP N   CA   sing N N 55  
ASP N   H    sing N N 56  
ASP N   H2   sing N N 57  
ASP CA  C    sing N N 58  
ASP CA  CB   sing N N 59  
ASP CA  HA   sing N N 60  
ASP C   O    doub N N 61  
ASP C   OXT  sing N N 62  
ASP CB  CG   sing N N 63  
ASP CB  HB2  sing N N 64  
ASP CB  HB3  sing N N 65  
ASP CG  OD1  doub N N 66  
ASP CG  OD2  sing N N 67  
ASP OD2 HD2  sing N N 68  
ASP OXT HXT  sing N N 69  
CYS N   CA   sing N N 70  
CYS N   H    sing N N 71  
CYS N   H2   sing N N 72  
CYS CA  C    sing N N 73  
CYS CA  CB   sing N N 74  
CYS CA  HA   sing N N 75  
CYS C   O    doub N N 76  
CYS C   OXT  sing N N 77  
CYS CB  SG   sing N N 78  
CYS CB  HB2  sing N N 79  
CYS CB  HB3  sing N N 80  
CYS SG  HG   sing N N 81  
CYS OXT HXT  sing N N 82  
GLN N   CA   sing N N 83  
GLN N   H    sing N N 84  
GLN N   H2   sing N N 85  
GLN CA  C    sing N N 86  
GLN CA  CB   sing N N 87  
GLN CA  HA   sing N N 88  
GLN C   O    doub N N 89  
GLN C   OXT  sing N N 90  
GLN CB  CG   sing N N 91  
GLN CB  HB2  sing N N 92  
GLN CB  HB3  sing N N 93  
GLN CG  CD   sing N N 94  
GLN CG  HG2  sing N N 95  
GLN CG  HG3  sing N N 96  
GLN CD  OE1  doub N N 97  
GLN CD  NE2  sing N N 98  
GLN NE2 HE21 sing N N 99  
GLN NE2 HE22 sing N N 100 
GLN OXT HXT  sing N N 101 
GLU N   CA   sing N N 102 
GLU N   H    sing N N 103 
GLU N   H2   sing N N 104 
GLU CA  C    sing N N 105 
GLU CA  CB   sing N N 106 
GLU CA  HA   sing N N 107 
GLU C   O    doub N N 108 
GLU C   OXT  sing N N 109 
GLU CB  CG   sing N N 110 
GLU CB  HB2  sing N N 111 
GLU CB  HB3  sing N N 112 
GLU CG  CD   sing N N 113 
GLU CG  HG2  sing N N 114 
GLU CG  HG3  sing N N 115 
GLU CD  OE1  doub N N 116 
GLU CD  OE2  sing N N 117 
GLU OE2 HE2  sing N N 118 
GLU OXT HXT  sing N N 119 
GLY N   CA   sing N N 120 
GLY N   H    sing N N 121 
GLY N   H2   sing N N 122 
GLY CA  C    sing N N 123 
GLY CA  HA2  sing N N 124 
GLY CA  HA3  sing N N 125 
GLY C   O    doub N N 126 
GLY C   OXT  sing N N 127 
GLY OXT HXT  sing N N 128 
HIS N   CA   sing N N 129 
HIS N   H    sing N N 130 
HIS N   H2   sing N N 131 
HIS CA  C    sing N N 132 
HIS CA  CB   sing N N 133 
HIS CA  HA   sing N N 134 
HIS C   O    doub N N 135 
HIS C   OXT  sing N N 136 
HIS CB  CG   sing N N 137 
HIS CB  HB2  sing N N 138 
HIS CB  HB3  sing N N 139 
HIS CG  ND1  sing Y N 140 
HIS CG  CD2  doub Y N 141 
HIS ND1 CE1  doub Y N 142 
HIS ND1 HD1  sing N N 143 
HIS CD2 NE2  sing Y N 144 
HIS CD2 HD2  sing N N 145 
HIS CE1 NE2  sing Y N 146 
HIS CE1 HE1  sing N N 147 
HIS NE2 HE2  sing N N 148 
HIS OXT HXT  sing N N 149 
HOH O   H1   sing N N 150 
HOH O   H2   sing N N 151 
ILE N   CA   sing N N 152 
ILE N   H    sing N N 153 
ILE N   H2   sing N N 154 
ILE CA  C    sing N N 155 
ILE CA  CB   sing N N 156 
ILE CA  HA   sing N N 157 
ILE C   O    doub N N 158 
ILE C   OXT  sing N N 159 
ILE CB  CG1  sing N N 160 
ILE CB  CG2  sing N N 161 
ILE CB  HB   sing N N 162 
ILE CG1 CD1  sing N N 163 
ILE CG1 HG12 sing N N 164 
ILE CG1 HG13 sing N N 165 
ILE CG2 HG21 sing N N 166 
ILE CG2 HG22 sing N N 167 
ILE CG2 HG23 sing N N 168 
ILE CD1 HD11 sing N N 169 
ILE CD1 HD12 sing N N 170 
ILE CD1 HD13 sing N N 171 
ILE OXT HXT  sing N N 172 
LEU N   CA   sing N N 173 
LEU N   H    sing N N 174 
LEU N   H2   sing N N 175 
LEU CA  C    sing N N 176 
LEU CA  CB   sing N N 177 
LEU CA  HA   sing N N 178 
LEU C   O    doub N N 179 
LEU C   OXT  sing N N 180 
LEU CB  CG   sing N N 181 
LEU CB  HB2  sing N N 182 
LEU CB  HB3  sing N N 183 
LEU CG  CD1  sing N N 184 
LEU CG  CD2  sing N N 185 
LEU CG  HG   sing N N 186 
LEU CD1 HD11 sing N N 187 
LEU CD1 HD12 sing N N 188 
LEU CD1 HD13 sing N N 189 
LEU CD2 HD21 sing N N 190 
LEU CD2 HD22 sing N N 191 
LEU CD2 HD23 sing N N 192 
LEU OXT HXT  sing N N 193 
LYS N   CA   sing N N 194 
LYS N   H    sing N N 195 
LYS N   H2   sing N N 196 
LYS CA  C    sing N N 197 
LYS CA  CB   sing N N 198 
LYS CA  HA   sing N N 199 
LYS C   O    doub N N 200 
LYS C   OXT  sing N N 201 
LYS CB  CG   sing N N 202 
LYS CB  HB2  sing N N 203 
LYS CB  HB3  sing N N 204 
LYS CG  CD   sing N N 205 
LYS CG  HG2  sing N N 206 
LYS CG  HG3  sing N N 207 
LYS CD  CE   sing N N 208 
LYS CD  HD2  sing N N 209 
LYS CD  HD3  sing N N 210 
LYS CE  NZ   sing N N 211 
LYS CE  HE2  sing N N 212 
LYS CE  HE3  sing N N 213 
LYS NZ  HZ1  sing N N 214 
LYS NZ  HZ2  sing N N 215 
LYS NZ  HZ3  sing N N 216 
LYS OXT HXT  sing N N 217 
MET N   CA   sing N N 218 
MET N   H    sing N N 219 
MET N   H2   sing N N 220 
MET CA  C    sing N N 221 
MET CA  CB   sing N N 222 
MET CA  HA   sing N N 223 
MET C   O    doub N N 224 
MET C   OXT  sing N N 225 
MET CB  CG   sing N N 226 
MET CB  HB2  sing N N 227 
MET CB  HB3  sing N N 228 
MET CG  SD   sing N N 229 
MET CG  HG2  sing N N 230 
MET CG  HG3  sing N N 231 
MET SD  CE   sing N N 232 
MET CE  HE1  sing N N 233 
MET CE  HE2  sing N N 234 
MET CE  HE3  sing N N 235 
MET OXT HXT  sing N N 236 
PHE N   CA   sing N N 237 
PHE N   H    sing N N 238 
PHE N   H2   sing N N 239 
PHE CA  C    sing N N 240 
PHE CA  CB   sing N N 241 
PHE CA  HA   sing N N 242 
PHE C   O    doub N N 243 
PHE C   OXT  sing N N 244 
PHE CB  CG   sing N N 245 
PHE CB  HB2  sing N N 246 
PHE CB  HB3  sing N N 247 
PHE CG  CD1  doub Y N 248 
PHE CG  CD2  sing Y N 249 
PHE CD1 CE1  sing Y N 250 
PHE CD1 HD1  sing N N 251 
PHE CD2 CE2  doub Y N 252 
PHE CD2 HD2  sing N N 253 
PHE CE1 CZ   doub Y N 254 
PHE CE1 HE1  sing N N 255 
PHE CE2 CZ   sing Y N 256 
PHE CE2 HE2  sing N N 257 
PHE CZ  HZ   sing N N 258 
PHE OXT HXT  sing N N 259 
PRO N   CA   sing N N 260 
PRO N   CD   sing N N 261 
PRO N   H    sing N N 262 
PRO CA  C    sing N N 263 
PRO CA  CB   sing N N 264 
PRO CA  HA   sing N N 265 
PRO C   O    doub N N 266 
PRO C   OXT  sing N N 267 
PRO CB  CG   sing N N 268 
PRO CB  HB2  sing N N 269 
PRO CB  HB3  sing N N 270 
PRO CG  CD   sing N N 271 
PRO CG  HG2  sing N N 272 
PRO CG  HG3  sing N N 273 
PRO CD  HD2  sing N N 274 
PRO CD  HD3  sing N N 275 
PRO OXT HXT  sing N N 276 
SER N   CA   sing N N 277 
SER N   H    sing N N 278 
SER N   H2   sing N N 279 
SER CA  C    sing N N 280 
SER CA  CB   sing N N 281 
SER CA  HA   sing N N 282 
SER C   O    doub N N 283 
SER C   OXT  sing N N 284 
SER CB  OG   sing N N 285 
SER CB  HB2  sing N N 286 
SER CB  HB3  sing N N 287 
SER OG  HG   sing N N 288 
SER OXT HXT  sing N N 289 
THR N   CA   sing N N 290 
THR N   H    sing N N 291 
THR N   H2   sing N N 292 
THR CA  C    sing N N 293 
THR CA  CB   sing N N 294 
THR CA  HA   sing N N 295 
THR C   O    doub N N 296 
THR C   OXT  sing N N 297 
THR CB  OG1  sing N N 298 
THR CB  CG2  sing N N 299 
THR CB  HB   sing N N 300 
THR OG1 HG1  sing N N 301 
THR CG2 HG21 sing N N 302 
THR CG2 HG22 sing N N 303 
THR CG2 HG23 sing N N 304 
THR OXT HXT  sing N N 305 
TRP N   CA   sing N N 306 
TRP N   H    sing N N 307 
TRP N   H2   sing N N 308 
TRP CA  C    sing N N 309 
TRP CA  CB   sing N N 310 
TRP CA  HA   sing N N 311 
TRP C   O    doub N N 312 
TRP C   OXT  sing N N 313 
TRP CB  CG   sing N N 314 
TRP CB  HB2  sing N N 315 
TRP CB  HB3  sing N N 316 
TRP CG  CD1  doub Y N 317 
TRP CG  CD2  sing Y N 318 
TRP CD1 NE1  sing Y N 319 
TRP CD1 HD1  sing N N 320 
TRP CD2 CE2  doub Y N 321 
TRP CD2 CE3  sing Y N 322 
TRP NE1 CE2  sing Y N 323 
TRP NE1 HE1  sing N N 324 
TRP CE2 CZ2  sing Y N 325 
TRP CE3 CZ3  doub Y N 326 
TRP CE3 HE3  sing N N 327 
TRP CZ2 CH2  doub Y N 328 
TRP CZ2 HZ2  sing N N 329 
TRP CZ3 CH2  sing Y N 330 
TRP CZ3 HZ3  sing N N 331 
TRP CH2 HH2  sing N N 332 
TRP OXT HXT  sing N N 333 
TYR N   CA   sing N N 334 
TYR N   H    sing N N 335 
TYR N   H2   sing N N 336 
TYR CA  C    sing N N 337 
TYR CA  CB   sing N N 338 
TYR CA  HA   sing N N 339 
TYR C   O    doub N N 340 
TYR C   OXT  sing N N 341 
TYR CB  CG   sing N N 342 
TYR CB  HB2  sing N N 343 
TYR CB  HB3  sing N N 344 
TYR CG  CD1  doub Y N 345 
TYR CG  CD2  sing Y N 346 
TYR CD1 CE1  sing Y N 347 
TYR CD1 HD1  sing N N 348 
TYR CD2 CE2  doub Y N 349 
TYR CD2 HD2  sing N N 350 
TYR CE1 CZ   doub Y N 351 
TYR CE1 HE1  sing N N 352 
TYR CE2 CZ   sing Y N 353 
TYR CE2 HE2  sing N N 354 
TYR CZ  OH   sing N N 355 
TYR OH  HH   sing N N 356 
TYR OXT HXT  sing N N 357 
VAL N   CA   sing N N 358 
VAL N   H    sing N N 359 
VAL N   H2   sing N N 360 
VAL CA  C    sing N N 361 
VAL CA  CB   sing N N 362 
VAL CA  HA   sing N N 363 
VAL C   O    doub N N 364 
VAL C   OXT  sing N N 365 
VAL CB  CG1  sing N N 366 
VAL CB  CG2  sing N N 367 
VAL CB  HB   sing N N 368 
VAL CG1 HG11 sing N N 369 
VAL CG1 HG12 sing N N 370 
VAL CG1 HG13 sing N N 371 
VAL CG2 HG21 sing N N 372 
VAL CG2 HG22 sing N N 373 
VAL CG2 HG23 sing N N 374 
VAL OXT HXT  sing N N 375 
ZLH C   C1   sing N N 376 
ZLH C1  C2   sing N N 377 
ZLH C2  N    sing N N 378 
ZLH C3  N    sing N N 379 
ZLH C4  C3   sing N N 380 
ZLH N1  C4   sing N N 381 
ZLH C1  N1   sing N N 382 
ZLH C5  N1   sing N N 383 
ZLH N2  C5   sing N N 384 
ZLH C6  N2   sing N N 385 
ZLH C7  C6   sing N N 386 
ZLH C7  C8   sing N N 387 
ZLH C8  C9   sing N N 388 
ZLH C9  C7   sing N N 389 
ZLH O   C5   doub N N 390 
ZLH N   C10  sing N N 391 
ZLH C11 C10  sing N N 392 
ZLH C11 C12  doub Y N 393 
ZLH C12 C13  sing Y N 394 
ZLH C13 C14  doub Y N 395 
ZLH C14 O1   sing Y N 396 
ZLH O1  C11  sing Y N 397 
ZLH C10 O2   doub N N 398 
ZLH C4  H9   sing N N 399 
ZLH C4  H8   sing N N 400 
ZLH C6  H12  sing N N 401 
ZLH C6  H11  sing N N 402 
ZLH C7  H13  sing N N 403 
ZLH C8  H14  sing N N 404 
ZLH C8  H15  sing N N 405 
ZLH C13 H19  sing N N 406 
ZLH C14 H20  sing N N 407 
ZLH C12 H18  sing N N 408 
ZLH C2  H5   sing N N 409 
ZLH C2  H4   sing N N 410 
ZLH C3  H7   sing N N 411 
ZLH C3  H6   sing N N 412 
ZLH C1  H3   sing N N 413 
ZLH C   H    sing N N 414 
ZLH C   H1   sing N N 415 
ZLH C   H2   sing N N 416 
ZLH N2  H10  sing N N 417 
ZLH C9  H16  sing N N 418 
ZLH C9  H17  sing N N 419 
# 
_pdbx_audit_support.ordinal                1 
_pdbx_audit_support.funding_organization   'Wellcome Trust' 
_pdbx_audit_support.grant_number           None 
_pdbx_audit_support.country                'United Kingdom' 
# 
_pdbx_deposit_group.group_id            G_1002265 
_pdbx_deposit_group.group_description   
;XDomainX of XOrganismX PHIP screened against predicted false negatives and catalogue compounds by X-ray Crystallography at the XChem facility of Diamond Light Source beamline I04-1
;
_pdbx_deposit_group.group_title         'PanDDA analysis group deposition' 
_pdbx_deposit_group.group_type          'changed state' 
# 
_pdbx_entity_instance_feature.ordinal        1 
_pdbx_entity_instance_feature.comp_id        ZLH 
_pdbx_entity_instance_feature.asym_id        ? 
_pdbx_entity_instance_feature.seq_num        ? 
_pdbx_entity_instance_feature.auth_comp_id   ZLH 
_pdbx_entity_instance_feature.auth_asym_id   ? 
_pdbx_entity_instance_feature.auth_seq_num   ? 
_pdbx_entity_instance_feature.feature_type   'SUBJECT OF INVESTIGATION' 
_pdbx_entity_instance_feature.details        ? 
# 
_atom_sites.entry_id                    7FVA 
_atom_sites.fract_transf_matrix[1][1]   0.00528779 
_atom_sites.fract_transf_matrix[1][2]   0.00484914 
_atom_sites.fract_transf_matrix[1][3]   0.01006595 
_atom_sites.fract_transf_matrix[2][1]   -0.02415886 
_atom_sites.fract_transf_matrix[2][2]   0.02738530 
_atom_sites.fract_transf_matrix[2][3]   -0.00050151 
_atom_sites.fract_transf_matrix[3][1]   -0.00967839 
_atom_sites.fract_transf_matrix[3][2]   -0.00830492 
_atom_sites.fract_transf_matrix[3][3]   0.01273380 
_atom_sites.fract_transf_vector[1]      -0.144456 
_atom_sites.fract_transf_vector[2]      0.451633 
_atom_sites.fract_transf_vector[3]      0.216989 
# 
loop_
_atom_type.symbol 
C 
N 
O 
S 
# 
loop_
_atom_site.group_PDB 
_atom_site.id 
_atom_site.type_symbol 
_atom_site.label_atom_id 
_atom_site.label_alt_id 
_atom_site.label_comp_id 
_atom_site.label_asym_id 
_atom_site.label_entity_id 
_atom_site.label_seq_id 
_atom_site.pdbx_PDB_ins_code 
_atom_site.Cartn_x 
_atom_site.Cartn_y 
_atom_site.Cartn_z 
_atom_site.occupancy 
_atom_site.B_iso_or_equiv 
_atom_site.pdbx_formal_charge 
_atom_site.auth_seq_id 
_atom_site.auth_comp_id 
_atom_site.auth_asym_id 
_atom_site.auth_atom_id 
_atom_site.pdbx_PDB_model_num 
ATOM   1    N N   . SER A 1 24  ? 14.436  16.707  -12.203 1.00 31.98 ? 1315 SER A N   1 
ATOM   2    C CA  . SER A 1 24  ? 15.052  15.557  -12.918 1.00 28.28 ? 1315 SER A CA  1 
ATOM   3    C C   . SER A 1 24  ? 15.889  14.710  -11.945 1.00 24.95 ? 1315 SER A C   1 
ATOM   4    O O   . SER A 1 24  ? 16.700  15.278  -11.131 1.00 26.94 ? 1315 SER A O   1 
ATOM   5    C CB  . SER A 1 24  ? 15.870  16.012  -14.099 1.00 31.15 ? 1315 SER A CB  1 
ATOM   6    O OG  . SER A 1 24  ? 15.866  15.029  -15.125 1.00 33.76 ? 1315 SER A OG  1 
ATOM   7    N N   . TYR A 1 25  ? 15.670  13.396  -12.015 1.00 17.89 ? 1316 TYR A N   1 
ATOM   8    C CA  . TYR A 1 25  ? 16.326  12.368  -11.170 1.00 15.40 ? 1316 TYR A CA  1 
ATOM   9    C C   . TYR A 1 25  ? 16.175  12.785  -9.700  1.00 14.20 ? 1316 TYR A C   1 
ATOM   10   O O   . TYR A 1 25  ? 17.116  12.647  -8.919  1.00 13.80 ? 1316 TYR A O   1 
ATOM   11   C CB  . TYR A 1 25  ? 17.778  12.197  -11.608 1.00 14.57 ? 1316 TYR A CB  1 
ATOM   12   C CG  . TYR A 1 25  ? 17.948  11.851  -13.068 1.00 14.53 ? 1316 TYR A CG  1 
ATOM   13   C CD1 . TYR A 1 25  ? 17.675  10.572  -13.523 1.00 13.89 ? 1316 TYR A CD1 1 
ATOM   14   C CD2 . TYR A 1 25  ? 18.383  12.785  -13.991 1.00 14.70 ? 1316 TYR A CD2 1 
ATOM   15   C CE1 . TYR A 1 25  ? 17.814  10.225  -14.859 1.00 13.83 ? 1316 TYR A CE1 1 
ATOM   16   C CE2 . TYR A 1 25  ? 18.528  12.458  -15.333 1.00 15.05 ? 1316 TYR A CE2 1 
ATOM   17   C CZ  . TYR A 1 25  ? 18.261  11.171  -15.763 1.00 14.30 ? 1316 TYR A CZ  1 
ATOM   18   O OH  . TYR A 1 25  ? 18.413  10.807  -17.079 1.00 14.40 ? 1316 TYR A OH  1 
ATOM   19   N N   . ASP A 1 26  ? 14.987  13.265  -9.335  1.00 15.00 ? 1317 ASP A N   1 
ATOM   20   C CA  . ASP A 1 26  ? 14.728  13.726  -7.939  1.00 15.18 ? 1317 ASP A CA  1 
ATOM   21   C C   . ASP A 1 26  ? 14.566  12.484  -7.055  1.00 14.05 ? 1317 ASP A C   1 
ATOM   22   O O   . ASP A 1 26  ? 13.556  11.764  -7.149  1.00 15.10 ? 1317 ASP A O   1 
ATOM   23   C CB  . ASP A 1 26  ? 13.509  14.647  -7.949  1.00 15.80 ? 1317 ASP A CB  1 
ATOM   24   C CG  . ASP A 1 26  ? 13.121  15.219  -6.590  1.00 15.81 ? 1317 ASP A CG  1 
ATOM   25   O OD1 . ASP A 1 26  ? 13.589  14.720  -5.560  1.00 15.86 ? 1317 ASP A OD1 1 
ATOM   26   O OD2 . ASP A 1 26  ? 12.404  16.233  -6.571  1.00 19.82 ? 1317 ASP A OD2 1 
ATOM   27   N N   . ILE A 1 27  ? 15.531  12.251  -6.169  1.00 13.30 ? 1318 ILE A N   1 
ATOM   28   C CA  . ILE A 1 27  ? 15.570  11.094  -5.229  1.00 13.30 ? 1318 ILE A CA  1 
ATOM   29   C C   . ILE A 1 27  ? 14.412  11.184  -4.222  1.00 13.70 ? 1318 ILE A C   1 
ATOM   30   O O   . ILE A 1 27  ? 13.962  10.130  -3.715  1.00 14.29 ? 1318 ILE A O   1 
ATOM   31   C CB  . ILE A 1 27  ? 16.935  11.021  -4.513  1.00 12.97 ? 1318 ILE A CB  1 
ATOM   32   C CG1 . ILE A 1 27  ? 18.092  10.905  -5.515  1.00 13.25 ? 1318 ILE A CG1 1 
ATOM   33   C CG2 . ILE A 1 27  ? 16.965  9.900   -3.475  1.00 13.01 ? 1318 ILE A CG2 1 
ATOM   34   C CD1 . ILE A 1 27  ? 19.476  11.047  -4.902  1.00 13.77 ? 1318 ILE A CD1 1 
ATOM   35   N N   . GLN A 1 28  ? 13.923  12.393  -3.937  1.00 13.58 ? 1319 GLN A N   1 
ATOM   36   C CA  . GLN A 1 28  ? 12.848  12.587  -2.900  1.00 13.17 ? 1319 GLN A CA  1 
ATOM   37   C C   . GLN A 1 28  ? 11.431  12.605  -3.464  1.00 13.03 ? 1319 GLN A C   1 
ATOM   38   O O   . GLN A 1 28  ? 10.468  12.571  -2.666  1.00 13.30 ? 1319 GLN A O   1 
ATOM   39   C CB  . GLN A 1 28  ? 13.073  13.864  -2.106  1.00 13.53 ? 1319 GLN A CB  1 
ATOM   40   C CG  . GLN A 1 28  ? 14.249  13.726  -1.124  1.00 14.14 ? 1319 GLN A CG  1 
ATOM   41   C CD  . GLN A 1 28  ? 15.602  14.156  -1.660  1.00 12.01 ? 1319 GLN A CD  1 
ATOM   42   O OE1 . GLN A 1 28  ? 15.744  15.236  -2.228  1.00 14.49 ? 1319 GLN A OE1 1 
ATOM   43   N NE2 . GLN A 1 28  ? 16.614  13.384  -1.400  1.00 14.42 ? 1319 GLN A NE2 1 
ATOM   44   N N   . ALA A 1 29  ? 11.270  12.580  -4.808  1.00 13.44 ? 1320 ALA A N   1 
ATOM   45   C CA  . ALA A 1 29  ? 9.919   12.839  -5.410  1.00 13.48 ? 1320 ALA A CA  1 
ATOM   46   C C   . ALA A 1 29  ? 8.874   11.766  -5.058  1.00 12.23 ? 1320 ALA A C   1 
ATOM   47   O O   . ALA A 1 29  ? 7.692   12.070  -5.050  1.00 13.60 ? 1320 ALA A O   1 
ATOM   48   C CB  . ALA A 1 29  ? 10.037  13.033  -6.922  1.00 15.07 ? 1320 ALA A CB  1 
ATOM   49   N N   . TRP A 1 30  ? 9.342   10.556  -4.785  1.00 13.09 ? 1321 TRP A N   1 
ATOM   50   C CA  . TRP A 1 30  ? 8.429   9.437   -4.485  1.00 12.43 ? 1321 TRP A CA  1 
ATOM   51   C C   . TRP A 1 30  ? 7.486   9.747   -3.325  1.00 12.92 ? 1321 TRP A C   1 
ATOM   52   O O   . TRP A 1 30  ? 6.363   9.249   -3.306  1.00 13.27 ? 1321 TRP A O   1 
ATOM   53   C CB  . TRP A 1 30  ? 9.212   8.161   -4.167  1.00 13.42 ? 1321 TRP A CB  1 
ATOM   54   C CG  . TRP A 1 30  ? 10.037  8.276   -2.920  1.00 12.83 ? 1321 TRP A CG  1 
ATOM   55   C CD1 . TRP A 1 30  ? 11.282  8.784   -2.826  1.00 14.25 ? 1321 TRP A CD1 1 
ATOM   56   C CD2 . TRP A 1 30  ? 9.635   7.886   -1.582  1.00 12.41 ? 1321 TRP A CD2 1 
ATOM   57   N NE1 . TRP A 1 30  ? 11.687  8.762   -1.507  1.00 14.48 ? 1321 TRP A NE1 1 
ATOM   58   C CE2 . TRP A 1 30  ? 10.722  8.207   -0.749  1.00 13.30 ? 1321 TRP A CE2 1 
ATOM   59   C CE3 . TRP A 1 30  ? 8.524   7.262   -1.013  1.00 13.16 ? 1321 TRP A CE3 1 
ATOM   60   C CZ2 . TRP A 1 30  ? 10.716  7.962   0.633   1.00 14.77 ? 1321 TRP A CZ2 1 
ATOM   61   C CZ3 . TRP A 1 30  ? 8.522   7.023   0.348   1.00 14.87 ? 1321 TRP A CZ3 1 
ATOM   62   C CH2 . TRP A 1 30  ? 9.596   7.383   1.158   1.00 15.42 ? 1321 TRP A CH2 1 
ATOM   63   N N   . LYS A 1 31  ? 7.931   10.569  -2.348  1.00 12.55 ? 1322 LYS A N   1 
ATOM   64   C CA  . LYS A 1 31  ? 7.112   10.728  -1.127  1.00 12.89 ? 1322 LYS A CA  1 
ATOM   65   C C   . LYS A 1 31  ? 5.795   11.432  -1.454  1.00 12.66 ? 1322 LYS A C   1 
ATOM   66   O O   . LYS A 1 31  ? 4.715   10.942  -1.099  1.00 13.94 ? 1322 LYS A O   1 
ATOM   67   C CB  . LYS A 1 31  ? 7.962   11.370  -0.034  1.00 14.11 ? 1322 LYS A CB  1 
ATOM   68   C CG  . LYS A 1 31  ? 7.186   11.591  1.261   1.00 13.88 ? 1322 LYS A CG  1 
ATOM   69   C CD  . LYS A 1 31  ? 8.083   12.062  2.366   1.00 14.82 ? 1322 LYS A CD  1 
ATOM   70   C CE  . LYS A 1 31  ? 7.385   12.211  3.705   1.00 15.87 ? 1322 LYS A CE  1 
ATOM   71   N NZ  . LYS A 1 31  ? 8.354   12.650  4.752   1.00 15.94 ? 1322 LYS A NZ  1 
ATOM   72   N N   . LYS A 1 32  ? 5.854   12.577  -2.129  1.00 14.26 ? 1323 LYS A N   1 
ATOM   73   C CA  . LYS A 1 32  ? 4.600   13.276  -2.488  1.00 14.13 ? 1323 LYS A CA  1 
ATOM   74   C C   . LYS A 1 32  ? 3.795   12.450  -3.518  1.00 13.62 ? 1323 LYS A C   1 
ATOM   75   O O   . LYS A 1 32  ? 2.571   12.471  -3.446  1.00 14.89 ? 1323 LYS A O   1 
ATOM   76   C CB  . LYS A 1 32  ? 4.958   14.644  -3.070  1.00 17.57 ? 1323 LYS A CB  1 
ATOM   77   C CG  . LYS A 1 32  ? 3.760   15.503  -3.400  1.00 24.54 ? 1323 LYS A CG  1 
ATOM   78   C CD  . LYS A 1 32  ? 3.968   17.029  -3.461  1.00 30.69 ? 1323 LYS A CD  1 
ATOM   79   C CE  . LYS A 1 32  ? 2.673   17.751  -3.803  1.00 37.60 ? 1323 LYS A CE  1 
ATOM   80   N NZ  . LYS A 1 32  ? 2.484   19.010  -3.043  1.00 41.61 ? 1323 LYS A NZ  1 
ATOM   81   N N   . GLN A 1 33  ? 4.475   11.727  -4.387  1.00 13.74 ? 1324 GLN A N   1 
ATOM   82   C CA  . GLN A 1 33  ? 3.733   10.865  -5.346  1.00 14.04 ? 1324 GLN A CA  1 
ATOM   83   C C   . GLN A 1 33  ? 2.963   9.783   -4.559  1.00 13.95 ? 1324 GLN A C   1 
ATOM   84   O O   . GLN A 1 33  ? 1.786   9.515   -4.885  1.00 14.56 ? 1324 GLN A O   1 
ATOM   85   C CB  . GLN A 1 33  ? 4.683   10.188  -6.300  1.00 14.13 ? 1324 GLN A CB  1 
ATOM   86   C CG  . GLN A 1 33  ? 5.273   11.199  -7.312  1.00 14.46 ? 1324 GLN A CG  1 
ATOM   87   C CD  . GLN A 1 33  ? 6.491   10.694  -8.006  1.00 15.91 ? 1324 GLN A CD  1 
ATOM   88   O OE1 . GLN A 1 33  ? 7.038   9.652   -7.752  1.00 17.80 ? 1324 GLN A OE1 1 
ATOM   89   N NE2 . GLN A 1 33  ? 7.094   11.576  -8.813  1.00 18.64 ? 1324 GLN A NE2 1 
ATOM   90   N N   . CYS A 1 34  ? 3.528   9.221   -3.492  1.00 13.13 ? 1325 CYS A N   1 
ATOM   91   C CA  . CYS A 1 34  ? 2.822   8.224   -2.665  1.00 12.46 ? 1325 CYS A CA  1 
ATOM   92   C C   . CYS A 1 34  ? 1.741   8.893   -1.841  1.00 13.34 ? 1325 CYS A C   1 
ATOM   93   O O   . CYS A 1 34  ? 0.642   8.280   -1.688  1.00 13.85 ? 1325 CYS A O   1 
ATOM   94   C CB  . CYS A 1 34  ? 3.825   7.491   -1.793  1.00 12.86 ? 1325 CYS A CB  1 
ATOM   95   S SG  . CYS A 1 34  ? 4.866   6.302   -2.645  1.00 13.89 ? 1325 CYS A SG  1 
ATOM   96   N N   . GLU A 1 35  ? 1.915   10.114  -1.356  1.00 13.71 ? 1326 GLU A N   1 
ATOM   97   C CA  . GLU A 1 35  ? 0.813   10.821  -0.641  1.00 14.57 ? 1326 GLU A CA  1 
ATOM   98   C C   . GLU A 1 35  ? -0.364  11.023  -1.582  1.00 14.32 ? 1326 GLU A C   1 
ATOM   99   O O   . GLU A 1 35  ? -1.510  10.772  -1.178  1.00 15.47 ? 1326 GLU A O   1 
ATOM   100  C CB  . GLU A 1 35  ? 1.344   12.171  -0.175  1.00 16.79 ? 1326 GLU A CB  1 
ATOM   101  C CG  . GLU A 1 35  ? 2.381   12.183  0.928   1.00 19.63 ? 1326 GLU A CG  1 
ATOM   102  C CD  . GLU A 1 35  ? 3.015   13.542  1.206   1.00 23.12 ? 1326 GLU A CD  1 
ATOM   103  O OE1 . GLU A 1 35  ? 2.682   14.544  0.496   1.00 28.64 ? 1326 GLU A OE1 1 
ATOM   104  O OE2 . GLU A 1 35  ? 3.883   13.579  2.094   1.00 25.08 ? 1326 GLU A OE2 1 
ATOM   105  N N   . GLU A 1 36  ? -0.141  11.408  -2.819  1.00 15.09 ? 1327 GLU A N   1 
ATOM   106  C CA  . GLU A 1 36  ? -1.191  11.629  -3.831  1.00 16.31 ? 1327 GLU A CA  1 
ATOM   107  C C   . GLU A 1 36  ? -1.880  10.303  -4.125  1.00 15.46 ? 1327 GLU A C   1 
ATOM   108  O O   . GLU A 1 36  ? -3.133  10.304  -4.241  1.00 16.42 ? 1327 GLU A O   1 
ATOM   109  C CB  . GLU A 1 36  ? -0.611  12.345  -5.059  1.00 19.69 ? 1327 GLU A CB  1 
ATOM   110  C CG  . GLU A 1 36  ? -0.100  13.756  -4.723  1.00 25.83 ? 1327 GLU A CG  1 
ATOM   111  C CD  . GLU A 1 36  ? 0.653   14.537  -5.786  1.00 33.15 ? 1327 GLU A CD  1 
ATOM   112  O OE1 . GLU A 1 36  ? 0.739   14.062  -6.941  1.00 41.06 ? 1327 GLU A OE1 1 
ATOM   113  O OE2 . GLU A 1 36  ? 1.154   15.636  -5.445  1.00 41.21 ? 1327 GLU A OE2 1 
ATOM   114  N N   . LEU A 1 37  ? -1.131  9.239   -4.345  1.00 15.02 ? 1328 LEU A N   1 
ATOM   115  C CA  . LEU A 1 37  ? -1.734  7.930   -4.626  1.00 14.09 ? 1328 LEU A CA  1 
ATOM   116  C C   . LEU A 1 37  ? -2.572  7.468   -3.411  1.00 13.66 ? 1328 LEU A C   1 
ATOM   117  O O   . LEU A 1 37  ? -3.749  6.969   -3.592  1.00 14.12 ? 1328 LEU A O   1 
ATOM   118  C CB  . LEU A 1 37  ? -0.692  6.936   -5.071  1.00 15.54 ? 1328 LEU A CB  1 
ATOM   119  C CG  . LEU A 1 37  ? -1.161  5.494   -5.267  1.00 14.29 ? 1328 LEU A CG  1 
ATOM   120  C CD1 . LEU A 1 37  ? -2.293  5.460   -6.292  1.00 15.66 ? 1328 LEU A CD1 1 
ATOM   121  C CD2 . LEU A 1 37  ? -0.005  4.665   -5.721  1.00 16.86 ? 1328 LEU A CD2 1 
ATOM   122  N N   . LEU A 1 38  ? -2.123  7.670   -2.184  1.00 13.62 ? 1329 LEU A N   1 
ATOM   123  C CA  . LEU A 1 38  ? -2.958  7.314   -1.017  1.00 14.12 ? 1329 LEU A CA  1 
ATOM   124  C C   . LEU A 1 38  ? -4.227  8.156   -1.009  1.00 15.61 ? 1329 LEU A C   1 
ATOM   125  O O   . LEU A 1 38  ? -5.329  7.613   -0.674  1.00 17.13 ? 1329 LEU A O   1 
ATOM   126  C CB  . LEU A 1 38  ? -2.166  7.481   0.282   1.00 15.49 ? 1329 LEU A CB  1 
ATOM   127  C CG  . LEU A 1 38  ? -1.058  6.460   0.478   1.00 14.68 ? 1329 LEU A CG  1 
ATOM   128  C CD1 . LEU A 1 38  ? -0.138  6.899   1.606   1.00 16.54 ? 1329 LEU A CD1 1 
ATOM   129  C CD2 . LEU A 1 38  ? -1.593  5.068   0.780   1.00 17.34 ? 1329 LEU A CD2 1 
ATOM   130  N N   . ASN A 1 39  ? -4.140  9.424   -1.364  1.00 17.16 ? 1330 ASN A N   1 
ATOM   131  C CA  . ASN A 1 39  ? -5.397  10.242  -1.472  1.00 18.63 ? 1330 ASN A CA  1 
ATOM   132  C C   . ASN A 1 39  ? -6.374  9.616   -2.477  1.00 16.57 ? 1330 ASN A C   1 
ATOM   133  O O   . ASN A 1 39  ? -7.618  9.494   -2.167  1.00 18.79 ? 1330 ASN A O   1 
ATOM   134  C CB  . ASN A 1 39  ? -5.111  11.698  -1.857  1.00 20.70 ? 1330 ASN A CB  1 
ATOM   135  C CG  . ASN A 1 39  ? -4.441  12.475  -0.743  1.00 24.57 ? 1330 ASN A CG  1 
ATOM   136  O OD1 . ASN A 1 39  ? -4.495  12.108  0.424   1.00 26.79 ? 1330 ASN A OD1 1 
ATOM   137  N ND2 . ASN A 1 39  ? -3.808  13.590  -1.089  1.00 26.49 ? 1330 ASN A ND2 1 
ATOM   138  N N   . LEU A 1 40  ? -5.921  9.204   -3.625  1.00 16.38 ? 1331 LEU A N   1 
ATOM   139  C CA  . LEU A 1 40  ? -6.772  8.551   -4.650  1.00 16.73 ? 1331 LEU A CA  1 
ATOM   140  C C   . LEU A 1 40  ? -7.359  7.256   -4.063  1.00 16.77 ? 1331 LEU A C   1 
ATOM   141  O O   . LEU A 1 40  ? -8.608  7.004   -4.216  1.00 18.26 ? 1331 LEU A O   1 
ATOM   142  C CB  . LEU A 1 40  ? -5.997  8.251   -5.918  1.00 16.70 ? 1331 LEU A CB  1 
ATOM   143  C CG  . LEU A 1 40  ? -5.584  9.448   -6.782  1.00 17.71 ? 1331 LEU A CG  1 
ATOM   144  C CD1 . LEU A 1 40  ? -4.755  8.978   -7.951  1.00 21.91 ? 1331 LEU A CD1 1 
ATOM   145  C CD2 . LEU A 1 40  ? -6.803  10.285  -7.266  1.00 22.37 ? 1331 LEU A CD2 1 
ATOM   146  N N   . ILE A 1 41  ? -6.592  6.467   -3.332  1.00 15.23 ? 1332 ILE A N   1 
ATOM   147  C CA  . ILE A 1 41  ? -7.070  5.221   -2.716  1.00 14.43 ? 1332 ILE A CA  1 
ATOM   148  C C   . ILE A 1 41  ? -8.142  5.524   -1.693  1.00 15.25 ? 1332 ILE A C   1 
ATOM   149  O O   . ILE A 1 41  ? -9.220  4.847   -1.725  1.00 15.32 ? 1332 ILE A O   1 
ATOM   150  C CB  . ILE A 1 41  ? -5.886  4.420   -2.139  1.00 14.09 ? 1332 ILE A CB  1 
ATOM   151  C CG1 . ILE A 1 41  ? -5.052  3.870   -3.300  1.00 15.96 ? 1332 ILE A CG1 1 
ATOM   152  C CG2 . ILE A 1 41  ? -6.383  3.352   -1.164  1.00 14.12 ? 1332 ILE A CG2 1 
ATOM   153  C CD1 . ILE A 1 41  ? -3.775  3.270   -2.915  1.00 17.50 ? 1332 ILE A CD1 1 
ATOM   154  N N   . PHE A 1 42  ? -7.962  6.501   -0.826  1.00 16.80 ? 1333 PHE A N   1 
ATOM   155  C CA  . PHE A 1 42  ? -9.032  6.919   0.120   1.00 19.06 ? 1333 PHE A CA  1 
ATOM   156  C C   . PHE A 1 42  ? -10.325 7.376   -0.586  1.00 20.73 ? 1333 PHE A C   1 
ATOM   157  O O   . PHE A 1 42  ? -11.416 7.132   0.017   1.00 24.17 ? 1333 PHE A O   1 
ATOM   158  C CB  . PHE A 1 42  ? -8.451  7.914   1.127   1.00 19.13 ? 1333 PHE A CB  1 
ATOM   159  C CG  . PHE A 1 42  ? -7.740  7.281   2.304   1.00 18.05 ? 1333 PHE A CG  1 
ATOM   160  C CD1 . PHE A 1 42  ? -8.442  6.954   3.460   1.00 19.75 ? 1333 PHE A CD1 1 
ATOM   161  C CD2 . PHE A 1 42  ? -6.381  6.983   2.296   1.00 22.35 ? 1333 PHE A CD2 1 
ATOM   162  C CE1 . PHE A 1 42  ? -7.818  6.375   4.560   1.00 22.22 ? 1333 PHE A CE1 1 
ATOM   163  C CE2 . PHE A 1 42  ? -5.762  6.375   3.388   1.00 20.72 ? 1333 PHE A CE2 1 
ATOM   164  C CZ  . PHE A 1 42  ? -6.483  6.070   4.527   1.00 20.28 ? 1333 PHE A CZ  1 
ATOM   165  N N   . GLN A 1 43  ? -10.248 7.964   -1.791  1.00 20.89 ? 1334 GLN A N   1 
ATOM   166  C CA  . GLN A 1 43  ? -11.456 8.375   -2.570  1.00 21.73 ? 1334 GLN A CA  1 
ATOM   167  C C   . GLN A 1 43  ? -12.216 7.134   -3.049  1.00 23.13 ? 1334 GLN A C   1 
ATOM   168  O O   . GLN A 1 43  ? -13.467 7.184   -3.105  1.00 22.40 ? 1334 GLN A O   1 
ATOM   169  C CB  . GLN A 1 43  ? -11.078 9.250   -3.773  1.00 21.33 ? 1334 GLN A CB  1 
ATOM   170  C CG  . GLN A 1 43  ? -10.422 10.577  -3.403  1.00 23.65 ? 1334 GLN A CG  1 
ATOM   171  N N   A CYS A 1 44  ? -11.492 6.075   -3.412  0.29 20.33 ? 1335 CYS A N   1 
ATOM   172  N N   B CYS A 1 44  ? -11.497 6.062   -3.437  0.29 20.56 ? 1335 CYS A N   1 
ATOM   173  C CA  A CYS A 1 44  ? -12.047 4.826   -3.988  0.29 20.30 ? 1335 CYS A CA  1 
ATOM   174  C CA  B CYS A 1 44  ? -12.043 4.814   -4.034  0.29 20.50 ? 1335 CYS A CA  1 
ATOM   175  C C   A CYS A 1 44  ? -13.027 4.221   -2.975  0.29 20.34 ? 1335 CYS A C   1 
ATOM   176  C C   B CYS A 1 44  ? -13.004 4.181   -3.016  0.29 20.50 ? 1335 CYS A C   1 
ATOM   177  O O   A CYS A 1 44  ? -12.650 4.016   -1.800  0.29 18.74 ? 1335 CYS A O   1 
ATOM   178  O O   B CYS A 1 44  ? -12.583 3.903   -1.879  0.29 19.03 ? 1335 CYS A O   1 
ATOM   179  C CB  A CYS A 1 44  ? -10.962 3.804   -4.331  0.29 19.42 ? 1335 CYS A CB  1 
ATOM   180  C CB  B CYS A 1 44  ? -10.963 3.786   -4.390  0.29 19.86 ? 1335 CYS A CB  1 
ATOM   181  S SG  A CYS A 1 44  ? -9.953  4.330   -5.739  0.29 21.48 ? 1335 CYS A SG  1 
ATOM   182  S SG  B CYS A 1 44  ? -11.516 2.545   -5.594  0.29 22.56 ? 1335 CYS A SG  1 
ATOM   183  N N   . GLU A 1 45  ? -14.258 3.925   -3.400  1.00 20.77 ? 1336 GLU A N   1 
ATOM   184  C CA  . GLU A 1 45  ? -15.187 3.169   -2.521  1.00 20.32 ? 1336 GLU A CA  1 
ATOM   185  C C   . GLU A 1 45  ? -14.588 1.803   -2.137  1.00 17.53 ? 1336 GLU A C   1 
ATOM   186  O O   . GLU A 1 45  ? -14.846 1.306   -1.012  1.00 18.09 ? 1336 GLU A O   1 
ATOM   187  C CB  . GLU A 1 45  ? -16.526 3.004   -3.237  1.00 20.03 ? 1336 GLU A CB  1 
ATOM   188  C CG  . GLU A 1 45  ? -17.297 4.308   -3.323  1.00 23.82 ? 1336 GLU A CG  1 
ATOM   189  C CD  . GLU A 1 45  ? -18.692 4.214   -3.887  1.00 28.12 ? 1336 GLU A CD  1 
ATOM   190  O OE1 . GLU A 1 45  ? -19.046 3.129   -4.350  1.00 28.14 ? 1336 GLU A OE1 1 
ATOM   191  O OE2 . GLU A 1 45  ? -19.411 5.257   -3.837  1.00 31.59 ? 1336 GLU A OE2 1 
ATOM   192  N N   . ASP A 1 46  ? -13.788 1.229   -3.026  1.00 16.07 ? 1337 ASP A N   1 
ATOM   193  C CA  . ASP A 1 46  ? -13.183 -0.094  -2.775  1.00 15.50 ? 1337 ASP A CA  1 
ATOM   194  C C   . ASP A 1 46  ? -12.185 -0.054  -1.610  1.00 14.17 ? 1337 ASP A C   1 
ATOM   195  O O   . ASP A 1 46  ? -11.851 -1.186  -1.137  1.00 15.66 ? 1337 ASP A O   1 
ATOM   196  C CB  . ASP A 1 46  ? -12.488 -0.640  -4.009  1.00 16.55 ? 1337 ASP A CB  1 
ATOM   197  C CG  . ASP A 1 46  ? -13.451 -1.097  -5.111  1.00 18.02 ? 1337 ASP A CG  1 
ATOM   198  O OD1 . ASP A 1 46  ? -14.647 -1.369  -4.753  1.00 20.57 ? 1337 ASP A OD1 1 
ATOM   199  O OD2 . ASP A 1 46  ? -13.039 -1.323  -6.246  1.00 18.61 ? 1337 ASP A OD2 1 
ATOM   200  N N   . SER A 1 47  ? -11.703 1.087   -1.108  1.00 14.51 ? 1338 SER A N   1 
ATOM   201  C CA  . SER A 1 47  ? -10.805 1.072   0.033   1.00 14.04 ? 1338 SER A CA  1 
ATOM   202  C C   . SER A 1 47  ? -11.499 0.958   1.382   1.00 15.07 ? 1338 SER A C   1 
ATOM   203  O O   . SER A 1 47  ? -10.833 0.800   2.376   1.00 15.07 ? 1338 SER A O   1 
ATOM   204  C CB  . SER A 1 47  ? -9.866  2.267   0.048   1.00 14.45 ? 1338 SER A CB  1 
ATOM   205  O OG  . SER A 1 47  ? -10.557 3.516   0.249   1.00 15.71 ? 1338 SER A OG  1 
ATOM   206  N N   . GLU A 1 48  ? -12.834 1.116   1.393   1.00 15.69 ? 1339 GLU A N   1 
ATOM   207  C CA  . GLU A 1 48  ? -13.630 1.182   2.654   1.00 17.53 ? 1339 GLU A CA  1 
ATOM   208  C C   . GLU A 1 48  ? -13.165 0.164   3.709   1.00 16.46 ? 1339 GLU A C   1 
ATOM   209  O O   . GLU A 1 48  ? -12.905 0.531   4.859   1.00 18.91 ? 1339 GLU A O   1 
ATOM   210  C CB  . GLU A 1 48  ? -15.136 1.038   2.378   1.00 20.33 ? 1339 GLU A CB  1 
ATOM   211  C CG  . GLU A 1 48  ? -15.957 1.193   3.650   1.00 22.24 ? 1339 GLU A CG  1 
ATOM   212  C CD  . GLU A 1 48  ? -17.448 1.465   3.512   1.00 24.07 ? 1339 GLU A CD  1 
ATOM   213  O OE1 . GLU A 1 48  ? -17.917 1.751   2.394   1.00 25.31 ? 1339 GLU A OE1 1 
ATOM   214  O OE2 . GLU A 1 48  ? -18.133 1.421   4.555   1.00 28.89 ? 1339 GLU A OE2 1 
ATOM   215  N N   . PRO A 1 49  ? -13.058 -1.145  3.372   1.00 15.47 ? 1340 PRO A N   1 
ATOM   216  C CA  . PRO A 1 49  ? -12.710 -2.172  4.358   1.00 16.01 ? 1340 PRO A CA  1 
ATOM   217  C C   . PRO A 1 49  ? -11.276 -2.119  4.879   1.00 15.51 ? 1340 PRO A C   1 
ATOM   218  O O   . PRO A 1 49  ? -10.929 -2.774  5.878   1.00 17.05 ? 1340 PRO A O   1 
ATOM   219  C CB  . PRO A 1 49  ? -12.894 -3.503  3.590   1.00 17.32 ? 1340 PRO A CB  1 
ATOM   220  C CG  . PRO A 1 49  ? -13.760 -3.161  2.424   1.00 16.57 ? 1340 PRO A CG  1 
ATOM   221  C CD  . PRO A 1 49  ? -13.344 -1.740  2.065   1.00 15.58 ? 1340 PRO A CD  1 
ATOM   222  N N   . PHE A 1 50  ? -10.419 -1.308  4.266   1.00 15.52 ? 1341 PHE A N   1 
ATOM   223  C CA  . PHE A 1 50  ? -8.952  -1.292  4.462   1.00 14.86 ? 1341 PHE A CA  1 
ATOM   224  C C   . PHE A 1 50  ? -8.427  0.033   5.005   1.00 15.72 ? 1341 PHE A C   1 
ATOM   225  O O   . PHE A 1 50  ? -7.212  0.169   5.122   1.00 16.35 ? 1341 PHE A O   1 
ATOM   226  C CB  . PHE A 1 50  ? -8.256  -1.663  3.133   1.00 14.04 ? 1341 PHE A CB  1 
ATOM   227  C CG  . PHE A 1 50  ? -8.868  -2.867  2.433   1.00 13.92 ? 1341 PHE A CG  1 
ATOM   228  C CD1 . PHE A 1 50  ? -8.762  -4.143  2.989   1.00 16.58 ? 1341 PHE A CD1 1 
ATOM   229  C CD2 . PHE A 1 50  ? -9.599  -2.729  1.264   1.00 15.33 ? 1341 PHE A CD2 1 
ATOM   230  C CE1 . PHE A 1 50  ? -9.406  -5.214  2.374   1.00 17.83 ? 1341 PHE A CE1 1 
ATOM   231  C CE2 . PHE A 1 50  ? -10.199 -3.809  0.662   1.00 16.64 ? 1341 PHE A CE2 1 
ATOM   232  C CZ  . PHE A 1 50  ? -10.113 -5.044  1.233   1.00 18.40 ? 1341 PHE A CZ  1 
ATOM   233  N N   . ARG A 1 51  ? -9.291  0.926   5.493   1.00 16.13 ? 1342 ARG A N   1 
ATOM   234  C CA  . ARG A 1 51  ? -8.909  2.325   5.808   1.00 17.36 ? 1342 ARG A CA  1 
ATOM   235  C C   . ARG A 1 51  ? -8.430  2.486   7.243   1.00 18.14 ? 1342 ARG A C   1 
ATOM   236  O O   . ARG A 1 51  ? -7.961  3.608   7.574   1.00 18.93 ? 1342 ARG A O   1 
ATOM   237  C CB  . ARG A 1 51  ? -10.096 3.263   5.619   1.00 17.83 ? 1342 ARG A CB  1 
ATOM   238  C CG  . ARG A 1 51  ? -10.275 3.656   4.170   1.00 17.83 ? 1342 ARG A CG  1 
ATOM   239  C CD  . ARG A 1 51  ? -11.451 4.592   4.069   1.00 17.75 ? 1342 ARG A CD  1 
ATOM   240  N NE  . ARG A 1 51  ? -11.972 4.579   2.721   1.00 17.68 ? 1342 ARG A NE  1 
ATOM   241  C CZ  . ARG A 1 51  ? -13.195 4.951   2.380   1.00 18.65 ? 1342 ARG A CZ  1 
ATOM   242  N NH1 . ARG A 1 51  ? -14.049 5.380   3.298   1.00 19.77 ? 1342 ARG A NH1 1 
ATOM   243  N NH2 . ARG A 1 51  ? -13.556 4.887   1.111   1.00 19.24 ? 1342 ARG A NH2 1 
ATOM   244  N N   . GLN A 1 52  ? -8.634  1.481   8.094   1.00 18.40 ? 1343 GLN A N   1 
ATOM   245  C CA  . GLN A 1 52  ? -8.297  1.576   9.535   1.00 20.19 ? 1343 GLN A CA  1 
ATOM   246  C C   . GLN A 1 52  ? -7.951  0.177   10.025  1.00 20.27 ? 1343 GLN A C   1 
ATOM   247  O O   . GLN A 1 52  ? -8.386  -0.802  9.423   1.00 21.59 ? 1343 GLN A O   1 
ATOM   248  C CB  . GLN A 1 52  ? -9.466  2.184   10.326  1.00 22.96 ? 1343 GLN A CB  1 
ATOM   249  C CG  . GLN A 1 52  ? -9.996  3.506   9.764   1.00 25.66 ? 1343 GLN A CG  1 
ATOM   250  C CD  . GLN A 1 52  ? -9.012  4.651   9.825   1.00 26.74 ? 1343 GLN A CD  1 
ATOM   251  O OE1 . GLN A 1 52  ? -8.102  4.678   10.661  1.00 29.54 ? 1343 GLN A OE1 1 
ATOM   252  N NE2 . GLN A 1 52  ? -9.193  5.625   8.944   1.00 26.86 ? 1343 GLN A NE2 1 
ATOM   253  N N   . PRO A 1 53  ? -7.177  0.027   11.123  1.00 21.00 ? 1344 PRO A N   1 
ATOM   254  C CA  . PRO A 1 53  ? -6.857  -1.306  11.618  1.00 22.78 ? 1344 PRO A CA  1 
ATOM   255  C C   . PRO A 1 53  ? -8.127  -2.108  11.921  1.00 24.18 ? 1344 PRO A C   1 
ATOM   256  O O   . PRO A 1 53  ? -9.110  -1.516  12.379  1.00 24.43 ? 1344 PRO A O   1 
ATOM   257  C CB  . PRO A 1 53  ? -6.071  -1.062  12.910  1.00 21.43 ? 1344 PRO A CB  1 
ATOM   258  C CG  . PRO A 1 53  ? -5.558  0.355   12.792  1.00 21.54 ? 1344 PRO A CG  1 
ATOM   259  C CD  . PRO A 1 53  ? -6.565  1.090   11.937  1.00 21.39 ? 1344 PRO A CD  1 
ATOM   260  N N   . VAL A 1 54  ? -8.076  -3.415  11.658  1.00 23.97 ? 1345 VAL A N   1 
ATOM   261  C CA  . VAL A 1 54  ? -9.153  -4.382  12.022  1.00 26.29 ? 1345 VAL A CA  1 
ATOM   262  C C   . VAL A 1 54  ? -9.340  -4.320  13.542  1.00 27.82 ? 1345 VAL A C   1 
ATOM   263  O O   . VAL A 1 54  ? -8.334  -4.389  14.273  1.00 24.26 ? 1345 VAL A O   1 
ATOM   264  C CB  . VAL A 1 54  ? -8.813  -5.812  11.559  1.00 26.75 ? 1345 VAL A CB  1 
ATOM   265  C CG1 . VAL A 1 54  ? -9.796  -6.836  12.111  1.00 27.80 ? 1345 VAL A CG1 1 
ATOM   266  C CG2 . VAL A 1 54  ? -8.751  -5.916  10.046  1.00 26.96 ? 1345 VAL A CG2 1 
ATOM   267  N N   . ASP A 1 55  ? -10.585 -4.195  13.999  1.00 31.20 ? 1346 ASP A N   1 
ATOM   268  C CA  . ASP A 1 55  ? -10.934 -4.250  15.441  1.00 31.38 ? 1346 ASP A CA  1 
ATOM   269  C C   . ASP A 1 55  ? -10.708 -5.688  15.935  1.00 29.61 ? 1346 ASP A C   1 
ATOM   270  O O   . ASP A 1 55  ? -11.486 -6.589  15.539  1.00 26.75 ? 1346 ASP A O   1 
ATOM   271  C CB  . ASP A 1 55  ? -12.365 -3.755  15.676  1.00 35.39 ? 1346 ASP A CB  1 
ATOM   272  C CG  . ASP A 1 55  ? -12.759 -3.669  17.141  1.00 36.33 ? 1346 ASP A CG  1 
ATOM   273  O OD1 . ASP A 1 55  ? -12.439 -4.614  17.880  1.00 38.13 ? 1346 ASP A OD1 1 
ATOM   274  O OD2 . ASP A 1 55  ? -13.383 -2.655  17.530  1.00 38.68 ? 1346 ASP A OD2 1 
ATOM   275  N N   . LEU A 1 56  ? -9.679  -5.901  16.761  1.00 30.79 ? 1347 LEU A N   1 
ATOM   276  C CA  . LEU A 1 56  ? -9.307  -7.242  17.282  1.00 32.39 ? 1347 LEU A CA  1 
ATOM   277  C C   . LEU A 1 56  ? -10.392 -7.748  18.243  1.00 32.83 ? 1347 LEU A C   1 
ATOM   278  O O   . LEU A 1 56  ? -10.400 -8.954  18.519  1.00 34.47 ? 1347 LEU A O   1 
ATOM   279  C CB  . LEU A 1 56  ? -7.940  -7.182  17.974  1.00 32.54 ? 1347 LEU A CB  1 
ATOM   280  C CG  . LEU A 1 56  ? -6.753  -7.590  17.103  1.00 34.07 ? 1347 LEU A CG  1 
ATOM   281  C CD1 . LEU A 1 56  ? -6.688  -6.741  15.843  1.00 33.90 ? 1347 LEU A CD1 1 
ATOM   282  C CD2 . LEU A 1 56  ? -5.454  -7.488  17.887  1.00 33.76 ? 1347 LEU A CD2 1 
ATOM   283  N N   . LEU A 1 57  ? -11.278 -6.870  18.719  1.00 34.47 ? 1348 LEU A N   1 
ATOM   284  C CA  . LEU A 1 57  ? -12.392 -7.263  19.621  1.00 34.93 ? 1348 LEU A CA  1 
ATOM   285  C C   . LEU A 1 57  ? -13.567 -7.759  18.762  1.00 33.93 ? 1348 LEU A C   1 
ATOM   286  O O   . LEU A 1 57  ? -14.238 -8.724  19.189  1.00 33.24 ? 1348 LEU A O   1 
ATOM   287  C CB  . LEU A 1 57  ? -12.783 -6.084  20.525  1.00 36.66 ? 1348 LEU A CB  1 
ATOM   288  C CG  . LEU A 1 57  ? -11.653 -5.268  21.170  1.00 38.61 ? 1348 LEU A CG  1 
ATOM   289  C CD1 . LEU A 1 57  ? -10.293 -5.958  21.126  1.00 39.16 ? 1348 LEU A CD1 1 
ATOM   290  C CD2 . LEU A 1 57  ? -11.551 -3.882  20.542  1.00 40.06 ? 1348 LEU A CD2 1 
ATOM   291  N N   . GLU A 1 58  ? -13.781 -7.160  17.582  1.00 32.20 ? 1349 GLU A N   1 
ATOM   292  C CA  . GLU A 1 58  ? -14.853 -7.556  16.623  1.00 31.20 ? 1349 GLU A CA  1 
ATOM   293  C C   . GLU A 1 58  ? -14.473 -8.888  15.949  1.00 30.55 ? 1349 GLU A C   1 
ATOM   294  O O   . GLU A 1 58  ? -15.372 -9.720  15.718  1.00 32.93 ? 1349 GLU A O   1 
ATOM   295  C CB  . GLU A 1 58  ? -15.090 -6.445  15.593  1.00 33.52 ? 1349 GLU A CB  1 
ATOM   296  C CG  . GLU A 1 58  ? -15.726 -5.186  16.174  1.00 34.51 ? 1349 GLU A CG  1 
ATOM   297  C CD  . GLU A 1 58  ? -15.660 -3.934  15.306  1.00 36.38 ? 1349 GLU A CD  1 
ATOM   298  O OE1 . GLU A 1 58  ? -15.497 -4.062  14.072  1.00 34.60 ? 1349 GLU A OE1 1 
ATOM   299  O OE2 . GLU A 1 58  ? -15.775 -2.822  15.869  1.00 40.55 ? 1349 GLU A OE2 1 
ATOM   300  N N   . TYR A 1 59  ? -13.187 -9.068  15.625  1.00 29.23 ? 1350 TYR A N   1 
ATOM   301  C CA  . TYR A 1 59  ? -12.631 -10.243 14.903  1.00 31.29 ? 1350 TYR A CA  1 
ATOM   302  C C   . TYR A 1 59  ? -11.616 -10.898 15.840  1.00 31.78 ? 1350 TYR A C   1 
ATOM   303  O O   . TYR A 1 59  ? -10.409 -10.645 15.758  1.00 30.68 ? 1350 TYR A O   1 
ATOM   304  C CB  . TYR A 1 59  ? -12.102 -9.803  13.533  1.00 30.63 ? 1350 TYR A CB  1 
ATOM   305  C CG  . TYR A 1 59  ? -13.117 -9.048  12.711  1.00 30.23 ? 1350 TYR A CG  1 
ATOM   306  C CD1 . TYR A 1 59  ? -13.891 -9.688  11.754  1.00 31.78 ? 1350 TYR A CD1 1 
ATOM   307  C CD2 . TYR A 1 59  ? -13.351 -7.699  12.932  1.00 30.47 ? 1350 TYR A CD2 1 
ATOM   308  C CE1 . TYR A 1 59  ? -14.841 -8.999  11.016  1.00 32.92 ? 1350 TYR A CE1 1 
ATOM   309  C CE2 . TYR A 1 59  ? -14.297 -6.996  12.202  1.00 33.59 ? 1350 TYR A CE2 1 
ATOM   310  C CZ  . TYR A 1 59  ? -15.043 -7.649  11.240  1.00 35.68 ? 1350 TYR A CZ  1 
ATOM   311  O OH  . TYR A 1 59  ? -15.972 -6.960  10.517  1.00 39.18 ? 1350 TYR A OH  1 
ATOM   312  N N   . PRO A 1 60  ? -12.093 -11.740 16.789  1.00 32.73 ? 1351 PRO A N   1 
ATOM   313  C CA  . PRO A 1 60  ? -11.267 -12.203 17.899  1.00 31.67 ? 1351 PRO A CA  1 
ATOM   314  C C   . PRO A 1 60  ? -10.145 -13.149 17.446  1.00 30.12 ? 1351 PRO A C   1 
ATOM   315  O O   . PRO A 1 60  ? -9.104  -13.186 18.099  1.00 28.85 ? 1351 PRO A O   1 
ATOM   316  C CB  . PRO A 1 60  ? -12.239 -12.940 18.850  1.00 32.78 ? 1351 PRO A CB  1 
ATOM   317  C CG  . PRO A 1 60  ? -13.621 -12.824 18.230  1.00 34.07 ? 1351 PRO A CG  1 
ATOM   318  C CD  . PRO A 1 60  ? -13.436 -12.336 16.809  1.00 33.45 ? 1351 PRO A CD  1 
ATOM   319  N N   . ASP A 1 61  ? -10.373 -13.866 16.341  1.00 28.01 ? 1352 ASP A N   1 
ATOM   320  C CA  . ASP A 1 61  ? -9.423  -14.860 15.772  1.00 26.65 ? 1352 ASP A CA  1 
ATOM   321  C C   . ASP A 1 61  ? -8.426  -14.176 14.830  1.00 26.16 ? 1352 ASP A C   1 
ATOM   322  O O   . ASP A 1 61  ? -7.482  -14.862 14.384  1.00 23.72 ? 1352 ASP A O   1 
ATOM   323  C CB  . ASP A 1 61  ? -10.174 -15.971 15.031  1.00 28.50 ? 1352 ASP A CB  1 
ATOM   324  C CG  . ASP A 1 61  ? -10.886 -15.477 13.783  1.00 29.04 ? 1352 ASP A CG  1 
ATOM   325  O OD1 . ASP A 1 61  ? -10.937 -16.229 12.796  1.00 32.90 ? 1352 ASP A OD1 1 
ATOM   326  O OD2 . ASP A 1 61  ? -11.357 -14.322 13.801  1.00 27.80 ? 1352 ASP A OD2 1 
ATOM   327  N N   . TYR A 1 62  ? -8.610  -12.890 14.505  1.00 24.34 ? 1353 TYR A N   1 
ATOM   328  C CA  . TYR A 1 62  ? -7.831  -12.216 13.430  1.00 23.55 ? 1353 TYR A CA  1 
ATOM   329  C C   . TYR A 1 62  ? -6.326  -12.458 13.630  1.00 24.84 ? 1353 TYR A C   1 
ATOM   330  O O   . TYR A 1 62  ? -5.649  -12.818 12.646  1.00 21.88 ? 1353 TYR A O   1 
ATOM   331  C CB  . TYR A 1 62  ? -8.176  -10.726 13.329  1.00 24.17 ? 1353 TYR A CB  1 
ATOM   332  C CG  . TYR A 1 62  ? -7.669  -10.062 12.069  1.00 22.75 ? 1353 TYR A CG  1 
ATOM   333  C CD1 . TYR A 1 62  ? -8.196  -10.382 10.826  1.00 20.62 ? 1353 TYR A CD1 1 
ATOM   334  C CD2 . TYR A 1 62  ? -6.649  -9.125  12.105  1.00 21.57 ? 1353 TYR A CD2 1 
ATOM   335  C CE1 . TYR A 1 62  ? -7.728  -9.792  9.658   1.00 21.01 ? 1353 TYR A CE1 1 
ATOM   336  C CE2 . TYR A 1 62  ? -6.183  -8.505  10.952  1.00 21.21 ? 1353 TYR A CE2 1 
ATOM   337  C CZ  . TYR A 1 62  ? -6.720  -8.847  9.723   1.00 22.09 ? 1353 TYR A CZ  1 
ATOM   338  O OH  . TYR A 1 62  ? -6.233  -8.282  8.581   1.00 22.77 ? 1353 TYR A OH  1 
ATOM   339  N N   . ARG A 1 63  ? -5.811  -12.299 14.850  1.00 22.83 ? 1354 ARG A N   1 
ATOM   340  C CA  . ARG A 1 63  ? -4.355  -12.420 15.135  1.00 26.06 ? 1354 ARG A CA  1 
ATOM   341  C C   . ARG A 1 63  ? -3.931  -13.889 15.221  1.00 23.38 ? 1354 ARG A C   1 
ATOM   342  O O   . ARG A 1 63  ? -2.703  -14.123 15.268  1.00 26.35 ? 1354 ARG A O   1 
ATOM   343  C CB  . ARG A 1 63  ? -3.965  -11.652 16.400  1.00 28.13 ? 1354 ARG A CB  1 
ATOM   344  C CG  . ARG A 1 63  ? -4.095  -10.141 16.278  1.00 31.50 ? 1354 ARG A CG  1 
ATOM   345  C CD  . ARG A 1 63  ? -3.344  -9.556  15.090  1.00 34.49 ? 1354 ARG A CD  1 
ATOM   346  N NE  . ARG A 1 63  ? -1.898  -9.744  15.167  1.00 37.69 ? 1354 ARG A NE  1 
ATOM   347  C CZ  . ARG A 1 63  ? -1.042  -8.901  15.747  1.00 38.93 ? 1354 ARG A CZ  1 
ATOM   348  N NH1 . ARG A 1 63  ? -1.470  -7.789  16.323  1.00 40.62 ? 1354 ARG A NH1 1 
ATOM   349  N NH2 . ARG A 1 63  ? 0.251   -9.174  15.742  1.00 39.97 ? 1354 ARG A NH2 1 
ATOM   350  N N   . ASP A 1 64  ? -4.862  -14.852 15.212  1.00 26.00 ? 1355 ASP A N   1 
ATOM   351  C CA  . ASP A 1 64  ? -4.516  -16.291 15.027  1.00 25.03 ? 1355 ASP A CA  1 
ATOM   352  C C   . ASP A 1 64  ? -4.022  -16.505 13.592  1.00 23.31 ? 1355 ASP A C   1 
ATOM   353  O O   . ASP A 1 64  ? -3.106  -17.325 13.399  1.00 25.06 ? 1355 ASP A O   1 
ATOM   354  C CB  . ASP A 1 64  ? -5.692  -17.237 15.298  1.00 24.02 ? 1355 ASP A CB  1 
ATOM   355  C CG  . ASP A 1 64  ? -6.226  -17.173 16.715  1.00 23.92 ? 1355 ASP A CG  1 
ATOM   356  O OD1 . ASP A 1 64  ? -5.469  -16.748 17.613  1.00 24.99 ? 1355 ASP A OD1 1 
ATOM   357  O OD2 . ASP A 1 64  ? -7.404  -17.513 16.906  1.00 25.75 ? 1355 ASP A OD2 1 
ATOM   358  N N   . ILE A 1 65  ? -4.620  -15.809 12.623  1.00 22.34 ? 1356 ILE A N   1 
ATOM   359  C CA  . ILE A 1 65  ? -4.385  -16.011 11.165  1.00 20.24 ? 1356 ILE A CA  1 
ATOM   360  C C   . ILE A 1 65  ? -3.373  -14.965 10.666  1.00 19.40 ? 1356 ILE A C   1 
ATOM   361  O O   . ILE A 1 65  ? -2.467  -15.346 9.910   1.00 19.03 ? 1356 ILE A O   1 
ATOM   362  C CB  . ILE A 1 65  ? -5.726  -15.906 10.417  1.00 22.41 ? 1356 ILE A CB  1 
ATOM   363  C CG1 . ILE A 1 65  ? -6.797  -16.842 10.991  1.00 22.56 ? 1356 ILE A CG1 1 
ATOM   364  C CG2 . ILE A 1 65  ? -5.536  -16.102 8.928   1.00 23.53 ? 1356 ILE A CG2 1 
ATOM   365  C CD1 . ILE A 1 65  ? -6.517  -18.312 10.784  1.00 22.63 ? 1356 ILE A CD1 1 
ATOM   366  N N   . ILE A 1 66  ? -3.521  -13.708 11.099  1.00 18.21 ? 1357 ILE A N   1 
ATOM   367  C CA  . ILE A 1 66  ? -2.757  -12.534 10.582  1.00 17.82 ? 1357 ILE A CA  1 
ATOM   368  C C   . ILE A 1 66  ? -1.634  -12.189 11.565  1.00 17.85 ? 1357 ILE A C   1 
ATOM   369  O O   . ILE A 1 66  ? -1.914  -11.622 12.623  1.00 19.53 ? 1357 ILE A O   1 
ATOM   370  C CB  . ILE A 1 66  ? -3.706  -11.346 10.312  1.00 16.63 ? 1357 ILE A CB  1 
ATOM   371  C CG1 . ILE A 1 66  ? -4.813  -11.715 9.322   1.00 17.80 ? 1357 ILE A CG1 1 
ATOM   372  C CG2 . ILE A 1 66  ? -2.938  -10.105 9.860   1.00 16.09 ? 1357 ILE A CG2 1 
ATOM   373  C CD1 . ILE A 1 66  ? -4.318  -12.292 8.030   1.00 17.19 ? 1357 ILE A CD1 1 
ATOM   374  N N   . ASP A 1 67  ? -0.397  -12.464 11.161  1.00 21.45 ? 1358 ASP A N   1 
ATOM   375  C CA  . ASP A 1 67  ? 0.834   -12.159 11.940  1.00 24.04 ? 1358 ASP A CA  1 
ATOM   376  C C   . ASP A 1 67  ? 1.073   -10.646 12.052  1.00 21.24 ? 1358 ASP A C   1 
ATOM   377  O O   . ASP A 1 67  ? 1.610   -10.203 13.079  1.00 21.64 ? 1358 ASP A O   1 
ATOM   378  C CB  . ASP A 1 67  ? 2.058   -12.793 11.281  1.00 26.30 ? 1358 ASP A CB  1 
ATOM   379  C CG  . ASP A 1 67  ? 2.027   -14.310 11.173  1.00 28.85 ? 1358 ASP A CG  1 
ATOM   380  O OD1 . ASP A 1 67  ? 1.361   -14.963 12.023  1.00 28.07 ? 1358 ASP A OD1 1 
ATOM   381  O OD2 . ASP A 1 67  ? 2.677   -14.829 10.238  1.00 31.72 ? 1358 ASP A OD2 1 
ATOM   382  N N   . THR A 1 68  ? 0.739   -9.873  11.008  1.00 18.99 ? 1359 THR A N   1 
ATOM   383  C CA  . THR A 1 68  ? 1.108   -8.436  10.907  1.00 19.00 ? 1359 THR A CA  1 
ATOM   384  C C   . THR A 1 68  ? -0.049  -7.681  10.274  1.00 17.20 ? 1359 THR A C   1 
ATOM   385  O O   . THR A 1 68  ? -0.137  -7.581  9.040   1.00 18.57 ? 1359 THR A O   1 
ATOM   386  C CB  . THR A 1 68  ? 2.391   -8.212  10.103  1.00 19.51 ? 1359 THR A CB  1 
ATOM   387  O OG1 . THR A 1 68  ? 3.404   -9.001  10.730  1.00 20.22 ? 1359 THR A OG1 1 
ATOM   388  C CG2 . THR A 1 68  ? 2.799   -6.753  10.044  1.00 20.59 ? 1359 THR A CG2 1 
ATOM   389  N N   . PRO A 1 69  ? -0.968  -7.152  11.104  1.00 17.57 ? 1360 PRO A N   1 
ATOM   390  C CA  . PRO A 1 69  ? -2.086  -6.335  10.628  1.00 17.23 ? 1360 PRO A CA  1 
ATOM   391  C C   . PRO A 1 69  ? -1.560  -5.121  9.850   1.00 15.89 ? 1360 PRO A C   1 
ATOM   392  O O   . PRO A 1 69  ? -0.578  -4.506  10.255  1.00 15.53 ? 1360 PRO A O   1 
ATOM   393  C CB  . PRO A 1 69  ? -2.799  -5.903  11.922  1.00 18.02 ? 1360 PRO A CB  1 
ATOM   394  C CG  . PRO A 1 69  ? -2.407  -6.952  12.938  1.00 19.24 ? 1360 PRO A CG  1 
ATOM   395  C CD  . PRO A 1 69  ? -1.006  -7.362  12.568  1.00 18.30 ? 1360 PRO A CD  1 
ATOM   396  N N   . MET A 1 70  ? -2.247  -4.762  8.766   1.00 16.33 ? 1361 MET A N   1 
ATOM   397  C CA  . MET A 1 70  ? -1.838  -3.538  8.034   1.00 15.03 ? 1361 MET A CA  1 
ATOM   398  C C   . MET A 1 70  ? -3.098  -2.927  7.434   1.00 14.53 ? 1361 MET A C   1 
ATOM   399  O O   . MET A 1 70  ? -4.061  -3.609  7.113   1.00 15.32 ? 1361 MET A O   1 
ATOM   400  C CB  . MET A 1 70  ? -0.785  -3.840  6.961   1.00 15.17 ? 1361 MET A CB  1 
ATOM   401  C CG  . MET A 1 70  ? -0.163  -2.609  6.336   1.00 14.88 ? 1361 MET A CG  1 
ATOM   402  S SD  . MET A 1 70  ? 0.549   -1.388  7.463   1.00 15.98 ? 1361 MET A SD  1 
ATOM   403  C CE  . MET A 1 70  ? 1.726   -2.330  8.434   1.00 17.78 ? 1361 MET A CE  1 
ATOM   404  N N   . ASP A 1 71  ? -3.100  -1.603  7.299   1.00 14.69 ? 1362 ASP A N   1 
ATOM   405  C CA  . ASP A 1 71  ? -4.247  -0.857  6.760   1.00 13.88 ? 1362 ASP A CA  1 
ATOM   406  C C   . ASP A 1 71  ? -3.701  0.467   6.206   1.00 13.17 ? 1362 ASP A C   1 
ATOM   407  O O   . ASP A 1 71  ? -2.567  0.847   6.459   1.00 13.93 ? 1362 ASP A O   1 
ATOM   408  C CB  . ASP A 1 71  ? -5.252  -0.581  7.894   1.00 15.85 ? 1362 ASP A CB  1 
ATOM   409  C CG  . ASP A 1 71  ? -4.683  0.343   8.942   1.00 17.30 ? 1362 ASP A CG  1 
ATOM   410  O OD1 . ASP A 1 71  ? -3.924  -0.168  9.813   1.00 17.97 ? 1362 ASP A OD1 1 
ATOM   411  O OD2 . ASP A 1 71  ? -4.806  1.565   8.779   1.00 17.89 ? 1362 ASP A OD2 1 
ATOM   412  N N   . PHE A 1 72  ? -4.505  1.165   5.403   1.00 13.98 ? 1363 PHE A N   1 
ATOM   413  C CA  . PHE A 1 72  ? -4.029  2.373   4.686   1.00 13.33 ? 1363 PHE A CA  1 
ATOM   414  C C   . PHE A 1 72  ? -3.775  3.571   5.607   1.00 14.55 ? 1363 PHE A C   1 
ATOM   415  O O   . PHE A 1 72  ? -2.924  4.402   5.297   1.00 14.28 ? 1363 PHE A O   1 
ATOM   416  C CB  . PHE A 1 72  ? -4.945  2.793   3.536   1.00 13.44 ? 1363 PHE A CB  1 
ATOM   417  C CG  . PHE A 1 72  ? -4.803  1.848   2.356   1.00 12.54 ? 1363 PHE A CG  1 
ATOM   418  C CD1 . PHE A 1 72  ? -3.699  1.908   1.546   1.00 12.94 ? 1363 PHE A CD1 1 
ATOM   419  C CD2 . PHE A 1 72  ? -5.758  0.908   2.051   1.00 13.98 ? 1363 PHE A CD2 1 
ATOM   420  C CE1 . PHE A 1 72  ? -3.581  1.085   0.448   1.00 13.73 ? 1363 PHE A CE1 1 
ATOM   421  C CE2 . PHE A 1 72  ? -5.628  0.047   0.978   1.00 13.86 ? 1363 PHE A CE2 1 
ATOM   422  C CZ  . PHE A 1 72  ? -4.529  0.151   0.188   1.00 13.89 ? 1363 PHE A CZ  1 
ATOM   423  N N   . ALA A 1 73  ? -4.497  3.662   6.737   1.00 14.11 ? 1364 ALA A N   1 
ATOM   424  C CA  . ALA A 1 73  ? -4.182  4.756   7.687   1.00 14.29 ? 1364 ALA A CA  1 
ATOM   425  C C   . ALA A 1 73  ? -2.803  4.543   8.334   1.00 15.97 ? 1364 ALA A C   1 
ATOM   426  O O   . ALA A 1 73  ? -2.029  5.515   8.459   1.00 15.28 ? 1364 ALA A O   1 
ATOM   427  C CB  . ALA A 1 73  ? -5.267  4.889   8.748   1.00 15.78 ? 1364 ALA A CB  1 
ATOM   428  N N   . THR A 1 74  ? -2.437  3.324   8.646   1.00 14.85 ? 1365 THR A N   1 
ATOM   429  C CA  . THR A 1 74  ? -1.100  3.017   9.193   1.00 14.37 ? 1365 THR A CA  1 
ATOM   430  C C   . THR A 1 74  ? -0.037  3.355   8.144   1.00 13.04 ? 1365 THR A C   1 
ATOM   431  O O   . THR A 1 74  ? 0.979   3.949   8.475   1.00 13.79 ? 1365 THR A O   1 
ATOM   432  C CB  . THR A 1 74  ? -1.008  1.582   9.659   1.00 15.02 ? 1365 THR A CB  1 
ATOM   433  O OG1 . THR A 1 74  ? -1.988  1.411   10.720  1.00 17.71 ? 1365 THR A OG1 1 
ATOM   434  C CG2 . THR A 1 74  ? 0.377   1.185   10.116  1.00 15.37 ? 1365 THR A CG2 1 
ATOM   435  N N   . VAL A 1 75  ? -0.282  2.990   6.874   1.00 12.87 ? 1366 VAL A N   1 
ATOM   436  C CA  . VAL A 1 75  ? 0.683   3.314   5.799   1.00 12.63 ? 1366 VAL A CA  1 
ATOM   437  C C   . VAL A 1 75  ? 0.869   4.830   5.684   1.00 12.71 ? 1366 VAL A C   1 
ATOM   438  O O   . VAL A 1 75  ? 1.995   5.355   5.653   1.00 12.82 ? 1366 VAL A O   1 
ATOM   439  C CB  . VAL A 1 75  ? 0.258   2.665   4.465   1.00 12.67 ? 1366 VAL A CB  1 
ATOM   440  C CG1 . VAL A 1 75  ? 1.158   3.184   3.346   1.00 13.65 ? 1366 VAL A CG1 1 
ATOM   441  C CG2 . VAL A 1 75  ? 0.281   1.162   4.533   1.00 14.45 ? 1366 VAL A CG2 1 
ATOM   442  N N   . ARG A 1 76  ? -0.239  5.568   5.659   1.00 12.87 ? 1367 ARG A N   1 
ATOM   443  C CA  . ARG A 1 76  ? -0.174  7.039   5.579   1.00 14.19 ? 1367 ARG A CA  1 
ATOM   444  C C   . ARG A 1 76  ? 0.579   7.643   6.770   1.00 13.86 ? 1367 ARG A C   1 
ATOM   445  O O   . ARG A 1 76  ? 1.424   8.532   6.579   1.00 13.96 ? 1367 ARG A O   1 
ATOM   446  C CB  . ARG A 1 76  ? -1.599  7.591   5.519   1.00 15.55 ? 1367 ARG A CB  1 
ATOM   447  C CG  . ARG A 1 76  ? -1.649  9.113   5.431   1.00 20.35 ? 1367 ARG A CG  1 
ATOM   448  C CD  . ARG A 1 76  ? -3.107  9.566   5.313   1.00 23.95 ? 1367 ARG A CD  1 
ATOM   449  N NE  . ARG A 1 76  ? -3.596  9.723   3.963   1.00 25.95 ? 1367 ARG A NE  1 
ATOM   450  C CZ  . ARG A 1 76  ? -4.893  9.853   3.608   1.00 26.80 ? 1367 ARG A CZ  1 
ATOM   451  N NH1 . ARG A 1 76  ? -5.868  9.652   4.481   1.00 24.83 ? 1367 ARG A NH1 1 
ATOM   452  N NH2 . ARG A 1 76  ? -5.194  10.155  2.365   1.00 28.70 ? 1367 ARG A NH2 1 
ATOM   453  N N   . GLU A 1 77  ? 0.294   7.174   7.976   1.00 13.80 ? 1368 GLU A N   1 
ATOM   454  C CA  . GLU A 1 77  ? 0.972   7.748   9.162   1.00 14.70 ? 1368 GLU A CA  1 
ATOM   455  C C   . GLU A 1 77  ? 2.457   7.346   9.168   1.00 14.25 ? 1368 GLU A C   1 
ATOM   456  O O   . GLU A 1 77  ? 3.300   8.111   9.679   1.00 13.71 ? 1368 GLU A O   1 
ATOM   457  C CB  . GLU A 1 77  ? 0.237   7.284   10.408  1.00 16.86 ? 1368 GLU A CB  1 
ATOM   458  C CG  . GLU A 1 77  ? -1.143  7.891   10.548  1.00 20.95 ? 1368 GLU A CG  1 
ATOM   459  C CD  . GLU A 1 77  ? -2.119  7.085   11.386  1.00 24.64 ? 1368 GLU A CD  1 
ATOM   460  O OE1 . GLU A 1 77  ? -1.666  6.170   12.115  1.00 27.01 ? 1368 GLU A OE1 1 
ATOM   461  O OE2 . GLU A 1 77  ? -3.337  7.375   11.307  1.00 28.30 ? 1368 GLU A OE2 1 
ATOM   462  N N   . THR A 1 78  ? 2.804   6.160   8.693   1.00 13.69 ? 1369 THR A N   1 
ATOM   463  C CA  . THR A 1 78  ? 4.225   5.763   8.632   1.00 13.58 ? 1369 THR A CA  1 
ATOM   464  C C   . THR A 1 78  ? 4.964   6.674   7.648   1.00 14.42 ? 1369 THR A C   1 
ATOM   465  O O   . THR A 1 78  ? 6.110   7.148   7.939   1.00 14.48 ? 1369 THR A O   1 
ATOM   466  C CB  . THR A 1 78  ? 4.348   4.289   8.222   1.00 13.16 ? 1369 THR A CB  1 
ATOM   467  O OG1 . THR A 1 78  ? 3.661   3.475   9.160   1.00 14.47 ? 1369 THR A OG1 1 
ATOM   468  C CG2 . THR A 1 78  ? 5.784   3.833   8.172   1.00 14.47 ? 1369 THR A CG2 1 
ATOM   469  N N   . LEU A 1 79  ? 4.336   6.980   6.501   1.00 12.39 ? 1370 LEU A N   1 
ATOM   470  C CA  . LEU A 1 79  ? 4.905   7.905   5.500   1.00 13.20 ? 1370 LEU A CA  1 
ATOM   471  C C   . LEU A 1 79  ? 5.088   9.301   6.113   1.00 13.47 ? 1370 LEU A C   1 
ATOM   472  O O   . LEU A 1 79  ? 6.181   9.940   5.995   1.00 13.95 ? 1370 LEU A O   1 
ATOM   473  C CB  . LEU A 1 79  ? 3.989   7.882   4.269   1.00 13.04 ? 1370 LEU A CB  1 
ATOM   474  C CG  . LEU A 1 79  ? 4.490   8.697   3.067   1.00 12.89 ? 1370 LEU A CG  1 
ATOM   475  C CD1 . LEU A 1 79  ? 5.757   8.088   2.508   1.00 13.01 ? 1370 LEU A CD1 1 
ATOM   476  C CD2 . LEU A 1 79  ? 3.391   8.772   2.007   1.00 14.28 ? 1370 LEU A CD2 1 
ATOM   477  N N   . GLU A 1 80  ? 4.033   9.814   6.760   1.00 13.84 ? 1371 GLU A N   1 
ATOM   478  C CA  . GLU A 1 80  ? 4.053   11.166  7.382   1.00 14.88 ? 1371 GLU A CA  1 
ATOM   479  C C   . GLU A 1 80  ? 5.061   11.207  8.551   1.00 13.84 ? 1371 GLU A C   1 
ATOM   480  O O   . GLU A 1 80  ? 5.703   12.276  8.715   1.00 13.67 ? 1371 GLU A O   1 
ATOM   481  C CB  . GLU A 1 80  ? 2.614   11.577  7.725   1.00 16.23 ? 1371 GLU A CB  1 
ATOM   482  C CG  . GLU A 1 80  ? 1.685   11.678  6.493   1.00 19.84 ? 1371 GLU A CG  1 
ATOM   483  C CD  . GLU A 1 80  ? 2.201   12.489  5.301   1.00 24.47 ? 1371 GLU A CD  1 
ATOM   484  O OE1 . GLU A 1 80  ? 1.976   13.719  5.284   1.00 27.82 ? 1371 GLU A OE1 1 
ATOM   485  O OE2 . GLU A 1 80  ? 2.871   11.899  4.408   1.00 26.65 ? 1371 GLU A OE2 1 
ATOM   486  N N   . ALA A 1 81  ? 5.296   10.104  9.274   1.00 13.60 ? 1372 ALA A N   1 
ATOM   487  C CA  . ALA A 1 81  ? 6.311   10.067  10.363  1.00 13.68 ? 1372 ALA A CA  1 
ATOM   488  C C   . ALA A 1 81  ? 7.737   10.136  9.797   1.00 14.69 ? 1372 ALA A C   1 
ATOM   489  O O   . ALA A 1 81  ? 8.716   10.214  10.585  1.00 14.06 ? 1372 ALA A O   1 
ATOM   490  C CB  . ALA A 1 81  ? 6.159   8.830   11.210  1.00 13.59 ? 1372 ALA A CB  1 
ATOM   491  N N   . GLY A 1 82  ? 7.912   10.049  8.470   1.00 14.61 ? 1373 GLY A N   1 
ATOM   492  C CA  . GLY A 1 82  ? 9.268   9.911   7.936   1.00 14.58 ? 1373 GLY A CA  1 
ATOM   493  C C   . GLY A 1 82  ? 9.878   8.598   8.308   1.00 14.46 ? 1373 GLY A C   1 
ATOM   494  O O   . GLY A 1 82  ? 11.103  8.520   8.521   1.00 14.95 ? 1373 GLY A O   1 
ATOM   495  N N   . ASN A 1 83  ? 9.076   7.522   8.309   1.00 13.49 ? 1374 ASN A N   1 
ATOM   496  C CA  . ASN A 1 83  ? 9.546   6.183   8.692   1.00 13.81 ? 1374 ASN A CA  1 
ATOM   497  C C   . ASN A 1 83  ? 9.546   5.155   7.544   1.00 12.75 ? 1374 ASN A C   1 
ATOM   498  O O   . ASN A 1 83  ? 9.781   3.973   7.756   1.00 14.68 ? 1374 ASN A O   1 
ATOM   499  C CB  . ASN A 1 83  ? 8.769   5.651   9.884   1.00 15.06 ? 1374 ASN A CB  1 
ATOM   500  C CG  . ASN A 1 83  ? 9.012   6.375   11.212  1.00 16.86 ? 1374 ASN A CG  1 
ATOM   501  O OD1 . ASN A 1 83  ? 8.305   6.048   12.190  1.00 20.66 ? 1374 ASN A OD1 1 
ATOM   502  N ND2 . ASN A 1 83  ? 9.956   7.304   11.331  1.00 17.59 ? 1374 ASN A ND2 1 
ATOM   503  N N   . TYR A 1 84  ? 9.364   5.642   6.320   1.00 13.76 ? 1375 TYR A N   1 
ATOM   504  C CA  . TYR A 1 84  ? 9.748   4.894   5.112   1.00 13.68 ? 1375 TYR A CA  1 
ATOM   505  C C   . TYR A 1 84  ? 11.010  5.540   4.524   1.00 13.34 ? 1375 TYR A C   1 
ATOM   506  O O   . TYR A 1 84  ? 11.049  6.773   4.347   1.00 15.19 ? 1375 TYR A O   1 
ATOM   507  C CB  . TYR A 1 84  ? 8.625   4.860   4.058   1.00 13.48 ? 1375 TYR A CB  1 
ATOM   508  C CG  . TYR A 1 84  ? 7.409   4.057   4.408   1.00 11.88 ? 1375 TYR A CG  1 
ATOM   509  C CD1 . TYR A 1 84  ? 7.518   2.737   4.779   1.00 13.11 ? 1375 TYR A CD1 1 
ATOM   510  C CD2 . TYR A 1 84  ? 6.140   4.611   4.352   1.00 12.25 ? 1375 TYR A CD2 1 
ATOM   511  C CE1 . TYR A 1 84  ? 6.403   1.970   5.061   1.00 13.01 ? 1375 TYR A CE1 1 
ATOM   512  C CE2 . TYR A 1 84  ? 5.020   3.859   4.655   1.00 13.11 ? 1375 TYR A CE2 1 
ATOM   513  C CZ  . TYR A 1 84  ? 5.142   2.519   4.996   1.00 13.12 ? 1375 TYR A CZ  1 
ATOM   514  O OH  . TYR A 1 84  ? 4.010   1.837   5.327   1.00 14.07 ? 1375 TYR A OH  1 
ATOM   515  N N   . GLU A 1 85  ? 11.987  4.693   4.182   1.00 15.00 ? 1376 GLU A N   1 
ATOM   516  C CA  . GLU A 1 85  ? 13.194  5.216   3.478   1.00 15.93 ? 1376 GLU A CA  1 
ATOM   517  C C   . GLU A 1 85  ? 13.036  5.157   1.952   1.00 16.34 ? 1376 GLU A C   1 
ATOM   518  O O   . GLU A 1 85  ? 13.816  5.807   1.252   1.00 20.73 ? 1376 GLU A O   1 
ATOM   519  C CB  . GLU A 1 85  ? 14.417  4.400   3.865   1.00 19.12 ? 1376 GLU A CB  1 
ATOM   520  C CG  . GLU A 1 85  ? 15.649  5.069   3.286   1.00 26.84 ? 1376 GLU A CG  1 
ATOM   521  C CD  . GLU A 1 85  ? 16.977  4.546   3.757   1.00 33.57 ? 1376 GLU A CD  1 
ATOM   522  O OE1 . GLU A 1 85  ? 16.998  3.357   4.168   1.00 41.58 ? 1376 GLU A OE1 1 
ATOM   523  O OE2 . GLU A 1 85  ? 17.969  5.378   3.789   1.00 34.51 ? 1376 GLU A OE2 1 
ATOM   524  N N   . SER A 1 86  ? 12.085  4.408   1.408   1.00 14.55 ? 1377 SER A N   1 
ATOM   525  C CA  . SER A 1 86  ? 11.950  4.214   -0.042  1.00 15.07 ? 1377 SER A CA  1 
ATOM   526  C C   . SER A 1 86  ? 10.524  3.848   -0.371  1.00 12.98 ? 1377 SER A C   1 
ATOM   527  O O   . SER A 1 86  ? 9.767   3.363   0.497   1.00 13.55 ? 1377 SER A O   1 
ATOM   528  C CB  . SER A 1 86  ? 12.852  3.130   -0.540  1.00 15.34 ? 1377 SER A CB  1 
ATOM   529  O OG  . SER A 1 86  ? 12.399  1.873   -0.098  1.00 15.97 ? 1377 SER A OG  1 
ATOM   530  N N   . PRO A 1 87  ? 10.121  4.039   -1.636  1.00 13.40 ? 1378 PRO A N   1 
ATOM   531  C CA  . PRO A 1 87  ? 8.775   3.625   -2.016  1.00 13.24 ? 1378 PRO A CA  1 
ATOM   532  C C   . PRO A 1 87  ? 8.650   2.085   -2.031  1.00 13.12 ? 1378 PRO A C   1 
ATOM   533  O O   . PRO A 1 87  ? 7.526   1.597   -1.944  1.00 13.69 ? 1378 PRO A O   1 
ATOM   534  C CB  . PRO A 1 87  ? 8.578   4.213   -3.433  1.00 13.59 ? 1378 PRO A CB  1 
ATOM   535  C CG  . PRO A 1 87  ? 10.007  4.351   -3.962  1.00 13.74 ? 1378 PRO A CG  1 
ATOM   536  C CD  . PRO A 1 87  ? 10.806  4.762   -2.733  1.00 13.83 ? 1378 PRO A CD  1 
ATOM   537  N N   . MET A 1 88  ? 9.753   1.357   -2.129  1.00 12.85 ? 1379 MET A N   1 
ATOM   538  C CA  . MET A 1 88  ? 9.682   -0.115  -2.056  1.00 13.45 ? 1379 MET A CA  1 
ATOM   539  C C   . MET A 1 88  ? 9.161   -0.576  -0.699  1.00 12.61 ? 1379 MET A C   1 
ATOM   540  O O   . MET A 1 88  ? 8.400   -1.520  -0.608  1.00 13.19 ? 1379 MET A O   1 
ATOM   541  C CB  . MET A 1 88  ? 11.050  -0.788  -2.304  1.00 14.11 ? 1379 MET A CB  1 
ATOM   542  C CG  . MET A 1 88  ? 11.592  -0.555  -3.728  1.00 15.35 ? 1379 MET A CG  1 
ATOM   543  S SD  . MET A 1 88  ? 12.418  1.050   -4.045  1.00 16.79 ? 1379 MET A SD  1 
ATOM   544  C CE  . MET A 1 88  ? 14.034  0.652   -3.392  1.00 19.91 ? 1379 MET A CE  1 
ATOM   545  N N   . GLU A 1 89  ? 9.577   0.099   0.394   1.00 12.74 ? 1380 GLU A N   1 
ATOM   546  C CA  . GLU A 1 89  ? 9.095   -0.250  1.725   1.00 13.38 ? 1380 GLU A CA  1 
ATOM   547  C C   . GLU A 1 89  ? 7.591   0.038   1.811   1.00 12.73 ? 1380 GLU A C   1 
ATOM   548  O O   . GLU A 1 89  ? 6.822   -0.749  2.408   1.00 12.78 ? 1380 GLU A O   1 
ATOM   549  C CB  . GLU A 1 89  ? 9.813   0.570   2.785   1.00 14.51 ? 1380 GLU A CB  1 
ATOM   550  C CG  . GLU A 1 89  ? 11.261  0.167   2.977   1.00 14.85 ? 1380 GLU A CG  1 
ATOM   551  C CD  . GLU A 1 89  ? 11.967  1.004   4.004   1.00 17.95 ? 1380 GLU A CD  1 
ATOM   552  O OE1 . GLU A 1 89  ? 11.431  1.940   4.463   1.00 17.38 ? 1380 GLU A OE1 1 
ATOM   553  O OE2 . GLU A 1 89  ? 13.107  0.603   4.398   1.00 22.48 ? 1380 GLU A OE2 1 
ATOM   554  N N   . LEU A 1 90  ? 7.125   1.187   1.317   1.00 12.39 ? 1381 LEU A N   1 
ATOM   555  C CA  . LEU A 1 90  ? 5.682   1.491   1.347   1.00 12.69 ? 1381 LEU A CA  1 
ATOM   556  C C   . LEU A 1 90  ? 4.915   0.426   0.540   1.00 12.49 ? 1381 LEU A C   1 
ATOM   557  O O   . LEU A 1 90  ? 3.836   -0.038  0.958   1.00 12.26 ? 1381 LEU A O   1 
ATOM   558  C CB  . LEU A 1 90  ? 5.430   2.907   0.779   1.00 12.85 ? 1381 LEU A CB  1 
ATOM   559  C CG  . LEU A 1 90  ? 3.962   3.345   0.668   1.00 13.32 ? 1381 LEU A CG  1 
ATOM   560  C CD1 . LEU A 1 90  ? 3.850   4.831   0.990   1.00 13.73 ? 1381 LEU A CD1 1 
ATOM   561  C CD2 . LEU A 1 90  ? 3.307   3.037   -0.690  1.00 13.42 ? 1381 LEU A CD2 1 
ATOM   562  N N   A CYS A 1 91  ? 5.451   0.062   -0.627  0.35 12.85 ? 1382 CYS A N   1 
ATOM   563  N N   B CYS A 1 91  ? 5.419   0.031   -0.632  0.15 12.88 ? 1382 CYS A N   1 
ATOM   564  C CA  A CYS A 1 91  ? 4.819   -0.928  -1.525  0.35 13.42 ? 1382 CYS A CA  1 
ATOM   565  C CA  B CYS A 1 91  ? 4.767   -1.025  -1.449  0.15 13.24 ? 1382 CYS A CA  1 
ATOM   566  C C   A CYS A 1 91  ? 4.697   -2.283  -0.785  0.35 13.03 ? 1382 CYS A C   1 
ATOM   567  C C   B CYS A 1 91  ? 4.619   -2.307  -0.658  0.15 13.06 ? 1382 CYS A C   1 
ATOM   568  O O   A CYS A 1 91  ? 3.633   -2.943  -0.940  0.35 13.69 ? 1382 CYS A O   1 
ATOM   569  O O   B CYS A 1 91  ? 3.554   -2.964  -0.752  0.15 12.52 ? 1382 CYS A O   1 
ATOM   570  C CB  A CYS A 1 91  ? 5.602   -0.974  -2.842  0.35 13.48 ? 1382 CYS A CB  1 
ATOM   571  C CB  B CYS A 1 91  ? 5.600   -1.439  -2.641  0.15 13.69 ? 1382 CYS A CB  1 
ATOM   572  S SG  A CYS A 1 91  ? 4.830   -2.007  -4.116  0.35 14.95 ? 1382 CYS A SG  1 
ATOM   573  S SG  B CYS A 1 91  ? 5.405   -0.226  -3.948  0.15 14.46 ? 1382 CYS A SG  1 
ATOM   574  N N   . LYS A 1 92  ? 5.695   -2.698  0.007   1.00 13.41 ? 1383 LYS A N   1 
ATOM   575  C CA  . LYS A 1 92  ? 5.634   -3.953  0.730   1.00 14.04 ? 1383 LYS A CA  1 
ATOM   576  C C   . LYS A 1 92  ? 4.466   -3.893  1.733   1.00 13.06 ? 1383 LYS A C   1 
ATOM   577  O O   . LYS A 1 92  ? 3.720   -4.887  1.880   1.00 14.01 ? 1383 LYS A O   1 
ATOM   578  C CB  . LYS A 1 92  ? 6.978   -4.178  1.431   1.00 16.88 ? 1383 LYS A CB  1 
ATOM   579  C CG  . LYS A 1 92  ? 7.074   -5.423  2.272   1.00 19.41 ? 1383 LYS A CG  1 
ATOM   580  C CD  . LYS A 1 92  ? 8.474   -5.658  2.814   1.00 23.48 ? 1383 LYS A CD  1 
ATOM   581  C CE  . LYS A 1 92  ? 8.544   -6.782  3.825   1.00 30.70 ? 1383 LYS A CE  1 
ATOM   582  N NZ  . LYS A 1 92  ? 9.938   -6.973  4.328   1.00 37.64 ? 1383 LYS A NZ  1 
ATOM   583  N N   . ASP A 1 93  ? 4.279   -2.785  2.444   1.00 12.85 ? 1384 ASP A N   1 
ATOM   584  C CA  . ASP A 1 93  ? 3.188   -2.692  3.425   1.00 12.85 ? 1384 ASP A CA  1 
ATOM   585  C C   . ASP A 1 93  ? 1.825   -2.702  2.717   1.00 12.14 ? 1384 ASP A C   1 
ATOM   586  O O   . ASP A 1 93  ? 0.879   -3.307  3.200   1.00 12.25 ? 1384 ASP A O   1 
ATOM   587  C CB  . ASP A 1 93  ? 3.332   -1.480  4.348   1.00 13.22 ? 1384 ASP A CB  1 
ATOM   588  C CG  . ASP A 1 93  ? 4.341   -1.632  5.462   1.00 15.97 ? 1384 ASP A CG  1 
ATOM   589  O OD1 . ASP A 1 93  ? 4.875   -2.790  5.611   1.00 19.33 ? 1384 ASP A OD1 1 
ATOM   590  O OD2 . ASP A 1 93  ? 4.646   -0.609  6.122   1.00 15.33 ? 1384 ASP A OD2 1 
ATOM   591  N N   . VAL A 1 94  ? 1.689   -2.010  1.578   1.00 11.90 ? 1385 VAL A N   1 
ATOM   592  C CA  . VAL A 1 94  ? 0.379   -1.973  0.875   1.00 11.47 ? 1385 VAL A CA  1 
ATOM   593  C C   . VAL A 1 94  ? 0.097   -3.401  0.380   1.00 11.84 ? 1385 VAL A C   1 
ATOM   594  O O   . VAL A 1 94  ? -1.047  -3.894  0.507   1.00 12.78 ? 1385 VAL A O   1 
ATOM   595  C CB  . VAL A 1 94  ? 0.378   -0.968  -0.291  1.00 12.00 ? 1385 VAL A CB  1 
ATOM   596  C CG1 . VAL A 1 94  ? -0.842  -1.165  -1.183  1.00 12.96 ? 1385 VAL A CG1 1 
ATOM   597  C CG2 . VAL A 1 94  ? 0.449   0.451   0.261   1.00 12.67 ? 1385 VAL A CG2 1 
ATOM   598  N N   . ARG A 1 95  ? 1.097   -4.091  -0.182  1.00 12.30 ? 1386 ARG A N   1 
ATOM   599  C CA  . ARG A 1 95  ? 0.893   -5.485  -0.626  1.00 12.86 ? 1386 ARG A CA  1 
ATOM   600  C C   . ARG A 1 95  ? 0.491   -6.408  0.535   1.00 13.45 ? 1386 ARG A C   1 
ATOM   601  O O   . ARG A 1 95  ? -0.298  -7.341  0.303   1.00 13.81 ? 1386 ARG A O   1 
ATOM   602  C CB  . ARG A 1 95  ? 2.107   -5.965  -1.399  1.00 13.37 ? 1386 ARG A CB  1 
ATOM   603  C CG  . ARG A 1 95  ? 2.212   -5.294  -2.764  1.00 12.95 ? 1386 ARG A CG  1 
ATOM   604  C CD  . ARG A 1 95  ? 3.547   -5.612  -3.406  1.00 15.60 ? 1386 ARG A CD  1 
ATOM   605  N NE  . ARG A 1 95  ? 3.644   -5.004  -4.739  1.00 17.13 ? 1386 ARG A NE  1 
ATOM   606  C CZ  . ARG A 1 95  ? 4.749   -5.019  -5.517  1.00 20.39 ? 1386 ARG A CZ  1 
ATOM   607  N NH1 . ARG A 1 95  ? 5.908   -5.488  -5.077  1.00 21.54 ? 1386 ARG A NH1 1 
ATOM   608  N NH2 . ARG A 1 95  ? 4.705   -4.559  -6.751  1.00 23.06 ? 1386 ARG A NH2 1 
ATOM   609  N N   . LEU A 1 96  ? 0.945   -6.111  1.735   1.00 13.06 ? 1387 LEU A N   1 
ATOM   610  C CA  . LEU A 1 96  ? 0.547   -6.896  2.929   1.00 13.48 ? 1387 LEU A CA  1 
ATOM   611  C C   . LEU A 1 96  ? -0.937  -6.713  3.203   1.00 13.49 ? 1387 LEU A C   1 
ATOM   612  O O   . LEU A 1 96  ? -1.623  -7.663  3.637   1.00 14.43 ? 1387 LEU A O   1 
ATOM   613  C CB  . LEU A 1 96  ? 1.422   -6.456  4.106   1.00 14.71 ? 1387 LEU A CB  1 
ATOM   614  C CG  . LEU A 1 96  ? 1.165   -7.070  5.464   1.00 15.69 ? 1387 LEU A CG  1 
ATOM   615  C CD1 . LEU A 1 96  ? 1.443   -8.538  5.390   1.00 17.02 ? 1387 LEU A CD1 1 
ATOM   616  C CD2 . LEU A 1 96  ? 2.113   -6.436  6.479   1.00 16.12 ? 1387 LEU A CD2 1 
ATOM   617  N N   . ILE A 1 97  ? -1.487  -5.501  2.988   1.00 13.90 ? 1388 ILE A N   1 
ATOM   618  C CA  . ILE A 1 97  ? -2.956  -5.315  3.180   1.00 13.26 ? 1388 ILE A CA  1 
ATOM   619  C C   . ILE A 1 97  ? -3.687  -6.343  2.309   1.00 13.82 ? 1388 ILE A C   1 
ATOM   620  O O   . ILE A 1 97  ? -4.657  -6.980  2.743   1.00 14.82 ? 1388 ILE A O   1 
ATOM   621  C CB  . ILE A 1 97  ? -3.381  -3.872  2.809   1.00 13.71 ? 1388 ILE A CB  1 
ATOM   622  C CG1 . ILE A 1 97  ? -2.736  -2.844  3.735   1.00 13.65 ? 1388 ILE A CG1 1 
ATOM   623  C CG2 . ILE A 1 97  ? -4.897  -3.723  2.794   1.00 15.30 ? 1388 ILE A CG2 1 
ATOM   624  C CD1 . ILE A 1 97  ? -2.868  -1.374  3.278   1.00 14.30 ? 1388 ILE A CD1 1 
ATOM   625  N N   . PHE A 1 98  ? -3.259  -6.458  1.055   1.00 13.83 ? 1389 PHE A N   1 
ATOM   626  C CA  . PHE A 1 98  ? -3.934  -7.326  0.057   1.00 14.59 ? 1389 PHE A CA  1 
ATOM   627  C C   . PHE A 1 98  ? -3.730  -8.797  0.457   1.00 13.84 ? 1389 PHE A C   1 
ATOM   628  O O   . PHE A 1 98  ? -4.701  -9.562  0.442   1.00 14.15 ? 1389 PHE A O   1 
ATOM   629  C CB  . PHE A 1 98  ? -3.478  -6.986  -1.366  1.00 14.49 ? 1389 PHE A CB  1 
ATOM   630  C CG  . PHE A 1 98  ? -3.694  -5.541  -1.765  1.00 13.94 ? 1389 PHE A CG  1 
ATOM   631  C CD1 . PHE A 1 98  ? -4.856  -4.873  -1.416  1.00 14.84 ? 1389 PHE A CD1 1 
ATOM   632  C CD2 . PHE A 1 98  ? -2.734  -4.843  -2.493  1.00 13.70 ? 1389 PHE A CD2 1 
ATOM   633  C CE1 . PHE A 1 98  ? -5.047  -3.535  -1.753  1.00 15.28 ? 1389 PHE A CE1 1 
ATOM   634  C CE2 . PHE A 1 98  ? -2.931  -3.509  -2.822  1.00 13.75 ? 1389 PHE A CE2 1 
ATOM   635  C CZ  . PHE A 1 98  ? -4.085  -2.866  -2.455  1.00 14.30 ? 1389 PHE A CZ  1 
ATOM   636  N N   . SER A 1 99  ? -2.532  -9.205  0.864   1.00 14.17 ? 1390 SER A N   1 
ATOM   637  C CA  . SER A 1 99  ? -2.332  -10.635 1.214   1.00 13.90 ? 1390 SER A CA  1 
ATOM   638  C C   . SER A 1 99  ? -3.016  -10.970 2.550   1.00 13.66 ? 1390 SER A C   1 
ATOM   639  O O   . SER A 1 99  ? -3.483  -12.114 2.698   1.00 12.11 ? 1390 SER A O   1 
ATOM   640  C CB  . SER A 1 99  ? -0.881  -11.026 1.164   1.00 14.76 ? 1390 SER A CB  1 
ATOM   641  O OG  . SER A 1 99  ? -0.090  -10.230 2.021   1.00 14.73 ? 1390 SER A OG  1 
ATOM   642  N N   . ASN A 1 100 ? -3.117  -10.034 3.504   1.00 13.06 ? 1391 ASN A N   1 
ATOM   643  C CA  . ASN A 1 100 ? -3.863  -10.270 4.763   1.00 14.34 ? 1391 ASN A CA  1 
ATOM   644  C C   . ASN A 1 100 ? -5.334  -10.503 4.398   1.00 15.30 ? 1391 ASN A C   1 
ATOM   645  O O   . ASN A 1 100 ? -5.973  -11.409 4.981   1.00 16.70 ? 1391 ASN A O   1 
ATOM   646  C CB  . ASN A 1 100 ? -3.729  -9.123  5.762   1.00 14.77 ? 1391 ASN A CB  1 
ATOM   647  C CG  . ASN A 1 100 ? -2.391  -9.041  6.466   1.00 14.47 ? 1391 ASN A CG  1 
ATOM   648  O OD1 . ASN A 1 100 ? -1.584  -9.963  6.447   1.00 15.01 ? 1391 ASN A OD1 1 
ATOM   649  N ND2 . ASN A 1 100 ? -2.166  -7.940  7.154   1.00 14.98 ? 1391 ASN A ND2 1 
ATOM   650  N N   . SER A 1 101 ? -5.892  -9.731  3.459   1.00 15.49 ? 1392 SER A N   1 
ATOM   651  C CA  . SER A 1 101 ? -7.297  -9.902  3.001   1.00 15.19 ? 1392 SER A CA  1 
ATOM   652  C C   . SER A 1 101 ? -7.498  -11.290 2.367   1.00 15.04 ? 1392 SER A C   1 
ATOM   653  O O   . SER A 1 101 ? -8.487  -11.975 2.725   1.00 17.20 ? 1392 SER A O   1 
ATOM   654  C CB  . SER A 1 101 ? -7.723  -8.756  2.078   1.00 14.85 ? 1392 SER A CB  1 
ATOM   655  O OG  . SER A 1 101 ? -9.112  -8.868  1.774   1.00 15.70 ? 1392 SER A OG  1 
ATOM   656  N N   . LYS A 1 102 ? -6.577  -11.742 1.520   1.00 16.89 ? 1393 LYS A N   1 
ATOM   657  C CA  . LYS A 1 102 ? -6.665  -13.080 0.865   1.00 17.30 ? 1393 LYS A CA  1 
ATOM   658  C C   . LYS A 1 102 ? -6.586  -14.188 1.939   1.00 18.38 ? 1393 LYS A C   1 
ATOM   659  O O   . LYS A 1 102 ? -7.372  -15.155 1.856   1.00 17.55 ? 1393 LYS A O   1 
ATOM   660  C CB  . LYS A 1 102 ? -5.567  -13.243 -0.192  1.00 18.53 ? 1393 LYS A CB  1 
ATOM   661  C CG  . LYS A 1 102 ? -5.681  -14.482 -1.067  1.00 20.30 ? 1393 LYS A CG  1 
ATOM   662  C CD  . LYS A 1 102 ? -4.639  -14.547 -2.166  1.00 21.94 ? 1393 LYS A CD  1 
ATOM   663  C CE  . LYS A 1 102 ? -4.907  -15.669 -3.144  1.00 23.36 ? 1393 LYS A CE  1 
ATOM   664  N NZ  . LYS A 1 102 ? -4.046  -15.581 -4.348  1.00 24.47 ? 1393 LYS A NZ  1 
ATOM   665  N N   . ALA A 1 103 ? -5.678  -14.057 2.913   1.00 18.95 ? 1394 ALA A N   1 
ATOM   666  C CA  . ALA A 1 103 ? -5.506  -15.051 4.010   1.00 18.79 ? 1394 ALA A CA  1 
ATOM   667  C C   . ALA A 1 103 ? -6.815  -15.161 4.790   1.00 20.89 ? 1394 ALA A C   1 
ATOM   668  O O   . ALA A 1 103 ? -7.101  -16.220 5.399   1.00 18.04 ? 1394 ALA A O   1 
ATOM   669  C CB  . ALA A 1 103 ? -4.371  -14.647 4.918   1.00 18.59 ? 1394 ALA A CB  1 
ATOM   670  N N   . TYR A 1 104 ? -7.622  -14.107 4.786   1.00 19.76 ? 1395 TYR A N   1 
ATOM   671  C CA  . TYR A 1 104 ? -8.847  -14.068 5.609   1.00 20.43 ? 1395 TYR A CA  1 
ATOM   672  C C   . TYR A 1 104 ? -10.070 -14.546 4.823   1.00 19.23 ? 1395 TYR A C   1 
ATOM   673  O O   . TYR A 1 104 ? -10.994 -14.942 5.498   1.00 18.60 ? 1395 TYR A O   1 
ATOM   674  C CB  . TYR A 1 104 ? -9.037  -12.690 6.242   1.00 21.35 ? 1395 TYR A CB  1 
ATOM   675  C CG  . TYR A 1 104 ? -9.993  -12.749 7.400   1.00 25.08 ? 1395 TYR A CG  1 
ATOM   676  C CD1 . TYR A 1 104 ? -9.611  -13.365 8.577   1.00 26.42 ? 1395 TYR A CD1 1 
ATOM   677  C CD2 . TYR A 1 104 ? -11.282 -12.243 7.315   1.00 28.40 ? 1395 TYR A CD2 1 
ATOM   678  C CE1 . TYR A 1 104 ? -10.480 -13.491 9.646   1.00 28.14 ? 1395 TYR A CE1 1 
ATOM   679  C CE2 . TYR A 1 104 ? -12.159 -12.341 8.384   1.00 28.22 ? 1395 TYR A CE2 1 
ATOM   680  C CZ  . TYR A 1 104 ? -11.750 -12.952 9.558   1.00 29.06 ? 1395 TYR A CZ  1 
ATOM   681  O OH  . TYR A 1 104 ? -12.593 -13.072 10.622  1.00 30.90 ? 1395 TYR A OH  1 
ATOM   682  N N   . THR A 1 105 ? -10.111 -14.507 3.484   1.00 19.38 ? 1396 THR A N   1 
ATOM   683  C CA  . THR A 1 105 ? -11.362 -14.717 2.702   1.00 20.71 ? 1396 THR A CA  1 
ATOM   684  C C   . THR A 1 105 ? -11.807 -16.182 2.797   1.00 21.79 ? 1396 THR A C   1 
ATOM   685  O O   . THR A 1 105 ? -10.995 -17.092 2.616   1.00 22.19 ? 1396 THR A O   1 
ATOM   686  C CB  . THR A 1 105 ? -11.217 -14.219 1.255   1.00 20.62 ? 1396 THR A CB  1 
ATOM   687  O OG1 . THR A 1 105 ? -12.507 -14.182 0.642   1.00 20.49 ? 1396 THR A OG1 1 
ATOM   688  C CG2 . THR A 1 105 ? -10.317 -15.082 0.398   1.00 20.95 ? 1396 THR A CG2 1 
ATOM   689  N N   . PRO A 1 106 ? -13.106 -16.448 3.074   1.00 24.23 ? 1397 PRO A N   1 
ATOM   690  C CA  . PRO A 1 106 ? -13.612 -17.824 3.121   1.00 25.38 ? 1397 PRO A CA  1 
ATOM   691  C C   . PRO A 1 106 ? -13.745 -18.409 1.712   1.00 29.06 ? 1397 PRO A C   1 
ATOM   692  O O   . PRO A 1 106 ? -13.625 -19.602 1.525   1.00 26.78 ? 1397 PRO A O   1 
ATOM   693  C CB  . PRO A 1 106 ? -15.000 -17.649 3.751   1.00 26.26 ? 1397 PRO A CB  1 
ATOM   694  C CG  . PRO A 1 106 ? -15.440 -16.279 3.280   1.00 25.76 ? 1397 PRO A CG  1 
ATOM   695  C CD  . PRO A 1 106 ? -14.165 -15.456 3.322   1.00 24.81 ? 1397 PRO A CD  1 
ATOM   696  N N   . SER A 1 107 ? -14.016 -17.527 0.756   1.00 28.49 ? 1398 SER A N   1 
ATOM   697  C CA  . SER A 1 107 ? -14.381 -17.853 -0.639  1.00 32.60 ? 1398 SER A CA  1 
ATOM   698  C C   . SER A 1 107 ? -14.427 -16.545 -1.420  1.00 34.31 ? 1398 SER A C   1 
ATOM   699  O O   . SER A 1 107 ? -14.218 -15.478 -0.800  1.00 35.70 ? 1398 SER A O   1 
ATOM   700  C CB  . SER A 1 107 ? -15.709 -18.555 -0.693  1.00 34.09 ? 1398 SER A CB  1 
ATOM   701  O OG  . SER A 1 107 ? -16.771 -17.630 -0.478  1.00 35.34 ? 1398 SER A OG  1 
ATOM   702  N N   . LYS A 1 108 ? -14.743 -16.637 -2.708  1.00 34.53 ? 1399 LYS A N   1 
ATOM   703  C CA  . LYS A 1 108 ? -14.858 -15.479 -3.623  1.00 33.11 ? 1399 LYS A CA  1 
ATOM   704  C C   . LYS A 1 108 ? -16.167 -14.734 -3.331  1.00 32.30 ? 1399 LYS A C   1 
ATOM   705  O O   . LYS A 1 108 ? -16.241 -13.560 -3.726  1.00 30.64 ? 1399 LYS A O   1 
ATOM   706  C CB  . LYS A 1 108 ? -14.779 -15.953 -5.078  1.00 34.86 ? 1399 LYS A CB  1 
ATOM   707  C CG  . LYS A 1 108 ? -14.290 -14.910 -6.070  1.00 37.10 ? 1399 LYS A CG  1 
ATOM   708  C CD  . LYS A 1 108 ? -12.798 -14.671 -6.016  1.00 35.73 ? 1399 LYS A CD  1 
ATOM   709  C CE  . LYS A 1 108 ? -12.410 -13.271 -6.445  1.00 36.51 ? 1399 LYS A CE  1 
ATOM   710  N NZ  . LYS A 1 108 ? -12.783 -13.018 -7.854  1.00 35.68 ? 1399 LYS A NZ  1 
ATOM   711  N N   . ARG A 1 109 ? -17.123 -15.370 -2.630  1.00 30.61 ? 1400 ARG A N   1 
ATOM   712  C CA  . ARG A 1 109 ? -18.511 -14.861 -2.427  1.00 30.87 ? 1400 ARG A CA  1 
ATOM   713  C C   . ARG A 1 109 ? -18.539 -13.860 -1.270  1.00 28.01 ? 1400 ARG A C   1 
ATOM   714  O O   . ARG A 1 109 ? -19.347 -14.040 -0.338  1.00 30.61 ? 1400 ARG A O   1 
ATOM   715  C CB  . ARG A 1 109 ? -19.491 -16.003 -2.140  1.00 32.87 ? 1400 ARG A CB  1 
ATOM   716  C CG  . ARG A 1 109 ? -19.641 -17.010 -3.267  1.00 36.10 ? 1400 ARG A CG  1 
ATOM   717  C CD  . ARG A 1 109 ? -20.909 -17.829 -3.115  1.00 39.09 ? 1400 ARG A CD  1 
ATOM   718  N NE  . ARG A 1 109 ? -21.292 -18.069 -1.721  1.00 43.85 ? 1400 ARG A NE  1 
ATOM   719  C CZ  . ARG A 1 109 ? -22.265 -17.437 -1.056  1.00 45.16 ? 1400 ARG A CZ  1 
ATOM   720  N NH1 . ARG A 1 109 ? -22.509 -17.754 0.205   1.00 46.95 ? 1400 ARG A NH1 1 
ATOM   721  N NH2 . ARG A 1 109 ? -22.998 -16.499 -1.639  1.00 45.70 ? 1400 ARG A NH2 1 
ATOM   722  N N   . SER A 1 110 ? -17.725 -12.808 -1.368  1.00 25.84 ? 1401 SER A N   1 
ATOM   723  C CA  . SER A 1 110 ? -17.486 -11.798 -0.311  1.00 26.52 ? 1401 SER A CA  1 
ATOM   724  C C   . SER A 1 110 ? -17.198 -10.463 -0.995  1.00 26.50 ? 1401 SER A C   1 
ATOM   725  O O   . SER A 1 110 ? -16.288 -10.434 -1.843  1.00 27.73 ? 1401 SER A O   1 
ATOM   726  C CB  . SER A 1 110 ? -16.354 -12.226 0.589   1.00 27.78 ? 1401 SER A CB  1 
ATOM   727  O OG  . SER A 1 110 ? -15.761 -11.104 1.221   1.00 27.89 ? 1401 SER A OG  1 
ATOM   728  N N   . ARG A 1 111 ? -17.964 -9.420  -0.670  1.00 28.36 ? 1402 ARG A N   1 
ATOM   729  C CA  . ARG A 1 111 ? -17.795 -8.077  -1.282  1.00 27.25 ? 1402 ARG A CA  1 
ATOM   730  C C   . ARG A 1 111 ? -16.385 -7.565  -0.959  1.00 25.48 ? 1402 ARG A C   1 
ATOM   731  O O   . ARG A 1 111 ? -15.805 -6.867  -1.798  1.00 23.52 ? 1402 ARG A O   1 
ATOM   732  C CB  . ARG A 1 111 ? -18.868 -7.119  -0.768  1.00 28.75 ? 1402 ARG A CB  1 
ATOM   733  C CG  . ARG A 1 111 ? -18.802 -5.718  -1.358  1.00 29.26 ? 1402 ARG A CG  1 
ATOM   734  C CD  . ARG A 1 111 ? -19.752 -5.537  -2.522  1.00 29.79 ? 1402 ARG A CD  1 
ATOM   735  N NE  . ARG A 1 111 ? -19.826 -4.143  -2.926  1.00 27.05 ? 1402 ARG A NE  1 
ATOM   736  C CZ  . ARG A 1 111 ? -20.455 -3.183  -2.250  1.00 29.75 ? 1402 ARG A CZ  1 
ATOM   737  N NH1 . ARG A 1 111 ? -20.442 -1.938  -2.702  1.00 30.69 ? 1402 ARG A NH1 1 
ATOM   738  N NH2 . ARG A 1 111 ? -21.074 -3.456  -1.113  1.00 31.08 ? 1402 ARG A NH2 1 
ATOM   739  N N   . ILE A 1 112 ? -15.822 -7.942  0.187   1.00 22.83 ? 1403 ILE A N   1 
ATOM   740  C CA  . ILE A 1 112 ? -14.542 -7.346  0.679   1.00 23.08 ? 1403 ILE A CA  1 
ATOM   741  C C   . ILE A 1 112 ? -13.363 -7.945  -0.084  1.00 21.93 ? 1403 ILE A C   1 
ATOM   742  O O   . ILE A 1 112 ? -12.332 -7.216  -0.269  1.00 20.36 ? 1403 ILE A O   1 
ATOM   743  C CB  . ILE A 1 112 ? -14.428 -7.518  2.201   1.00 23.70 ? 1403 ILE A CB  1 
ATOM   744  C CG1 . ILE A 1 112 ? -15.491 -6.666  2.900   1.00 24.47 ? 1403 ILE A CG1 1 
ATOM   745  C CG2 . ILE A 1 112 ? -13.033 -7.187  2.703   1.00 24.97 ? 1403 ILE A CG2 1 
ATOM   746  C CD1 . ILE A 1 112 ? -15.712 -7.023  4.343   1.00 23.90 ? 1403 ILE A CD1 1 
ATOM   747  N N   . TYR A 1 113 ? -13.484 -9.200  -0.534  1.00 22.74 ? 1404 TYR A N   1 
ATOM   748  C CA  . TYR A 1 113 ? -12.443 -9.842  -1.364  1.00 24.77 ? 1404 TYR A CA  1 
ATOM   749  C C   . TYR A 1 113 ? -12.498 -9.264  -2.788  1.00 24.44 ? 1404 TYR A C   1 
ATOM   750  O O   . TYR A 1 113 ? -11.399 -8.997  -3.346  1.00 22.62 ? 1404 TYR A O   1 
ATOM   751  C CB  . TYR A 1 113 ? -12.558 -11.365 -1.300  1.00 27.22 ? 1404 TYR A CB  1 
ATOM   752  C CG  . TYR A 1 113 ? -11.395 -12.049 -1.969  1.00 27.18 ? 1404 TYR A CG  1 
ATOM   753  C CD1 . TYR A 1 113 ? -10.096 -11.826 -1.539  1.00 28.48 ? 1404 TYR A CD1 1 
ATOM   754  C CD2 . TYR A 1 113 ? -11.579 -12.863 -3.071  1.00 30.14 ? 1404 TYR A CD2 1 
ATOM   755  C CE1 . TYR A 1 113 ? -9.010  -12.427 -2.160  1.00 31.79 ? 1404 TYR A CE1 1 
ATOM   756  C CE2 . TYR A 1 113 ? -10.506 -13.472 -3.702  1.00 30.80 ? 1404 TYR A CE2 1 
ATOM   757  C CZ  . TYR A 1 113 ? -9.218  -13.258 -3.247  1.00 31.34 ? 1404 TYR A CZ  1 
ATOM   758  O OH  . TYR A 1 113 ? -8.173  -13.863 -3.886  1.00 34.60 ? 1404 TYR A OH  1 
ATOM   759  N N   . SER A 1 114 ? -13.700 -9.036  -3.341  1.00 22.85 ? 1405 SER A N   1 
ATOM   760  C CA  . SER A 1 114 ? -13.919 -8.342  -4.641  1.00 22.72 ? 1405 SER A CA  1 
ATOM   761  C C   . SER A 1 114 ? -13.222 -6.975  -4.605  1.00 19.91 ? 1405 SER A C   1 
ATOM   762  O O   . SER A 1 114 ? -12.506 -6.642  -5.574  1.00 18.97 ? 1405 SER A O   1 
ATOM   763  C CB  . SER A 1 114 ? -15.377 -8.194  -4.994  1.00 24.54 ? 1405 SER A CB  1 
ATOM   764  O OG  . SER A 1 114 ? -16.029 -9.454  -4.996  1.00 29.53 ? 1405 SER A OG  1 
ATOM   765  N N   . MET A 1 115 ? -13.416 -6.214  -3.528  1.00 18.81 ? 1406 MET A N   1 
ATOM   766  C CA  . MET A 1 115 ? -12.853 -4.853  -3.362  1.00 17.88 ? 1406 MET A CA  1 
ATOM   767  C C   . MET A 1 115 ? -11.319 -4.931  -3.271  1.00 16.30 ? 1406 MET A C   1 
ATOM   768  O O   . MET A 1 115 ? -10.645 -4.032  -3.838  1.00 15.18 ? 1406 MET A O   1 
ATOM   769  C CB  . MET A 1 115 ? -13.456 -4.182  -2.131  1.00 19.28 ? 1406 MET A CB  1 
ATOM   770  C CG  . MET A 1 115 ? -14.806 -3.567  -2.434  1.00 20.57 ? 1406 MET A CG  1 
ATOM   771  S SD  . MET A 1 115 ? -15.629 -2.981  -0.953  1.00 22.30 ? 1406 MET A SD  1 
ATOM   772  C CE  . MET A 1 115 ? -15.139 -1.277  -0.773  1.00 27.46 ? 1406 MET A CE  1 
ATOM   773  N N   . SER A 1 116 ? -10.760 -5.992  -2.669  1.00 16.92 ? 1407 SER A N   1 
ATOM   774  C CA  . SER A 1 116 ? -9.290  -6.130  -2.476  1.00 17.75 ? 1407 SER A CA  1 
ATOM   775  C C   . SER A 1 116 ? -8.591  -6.240  -3.838  1.00 16.64 ? 1407 SER A C   1 
ATOM   776  O O   . SER A 1 116 ? -7.579  -5.563  -4.066  1.00 17.28 ? 1407 SER A O   1 
ATOM   777  C CB  . SER A 1 116 ? -8.939  -7.304  -1.576  1.00 20.04 ? 1407 SER A CB  1 
ATOM   778  O OG  . SER A 1 116 ? -9.195  -8.547  -2.208  1.00 23.90 ? 1407 SER A OG  1 
ATOM   779  N N   . LEU A 1 117 ? -9.107  -7.106  -4.708  1.00 15.17 ? 1408 LEU A N   1 
ATOM   780  C CA  . LEU A 1 117 ? -8.478  -7.381  -6.006  1.00 16.99 ? 1408 LEU A CA  1 
ATOM   781  C C   . LEU A 1 117 ? -8.556  -6.158  -6.935  1.00 15.62 ? 1408 LEU A C   1 
ATOM   782  O O   . LEU A 1 117 ? -7.601  -5.878  -7.657  1.00 16.14 ? 1408 LEU A O   1 
ATOM   783  C CB  . LEU A 1 117 ? -9.103  -8.614  -6.646  1.00 20.28 ? 1408 LEU A CB  1 
ATOM   784  C CG  . LEU A 1 117 ? -8.853  -9.938  -5.932  1.00 21.29 ? 1408 LEU A CG  1 
ATOM   785  C CD1 . LEU A 1 117 ? -9.510  -11.061 -6.722  1.00 23.76 ? 1408 LEU A CD1 1 
ATOM   786  C CD2 . LEU A 1 117 ? -7.356  -10.199 -5.761  1.00 25.33 ? 1408 LEU A CD2 1 
ATOM   787  N N   . ARG A 1 118 ? -9.676  -5.444  -6.930  1.00 14.92 ? 1409 ARG A N   1 
ATOM   788  C CA  . ARG A 1 118 ? -9.783  -4.239  -7.794  1.00 14.72 ? 1409 ARG A CA  1 
ATOM   789  C C   . ARG A 1 118 ? -8.852  -3.162  -7.268  1.00 13.75 ? 1409 ARG A C   1 
ATOM   790  O O   . ARG A 1 118 ? -8.124  -2.503  -8.064  1.00 13.94 ? 1409 ARG A O   1 
ATOM   791  C CB  . ARG A 1 118 ? -11.198 -3.700  -7.860  1.00 14.61 ? 1409 ARG A CB  1 
ATOM   792  C CG  . ARG A 1 118 ? -12.196 -4.607  -8.599  1.00 16.20 ? 1409 ARG A CG  1 
ATOM   793  C CD  . ARG A 1 118 ? -13.500 -3.890  -8.811  1.00 16.87 ? 1409 ARG A CD  1 
ATOM   794  N NE  . ARG A 1 118 ? -14.176 -3.616  -7.577  1.00 16.60 ? 1409 ARG A NE  1 
ATOM   795  C CZ  . ARG A 1 118 ? -15.219 -4.286  -7.063  1.00 19.25 ? 1409 ARG A CZ  1 
ATOM   796  N NH1 . ARG A 1 118 ? -15.620 -5.417  -7.597  1.00 21.39 ? 1409 ARG A NH1 1 
ATOM   797  N NH2 . ARG A 1 118 ? -15.684 -3.883  -5.902  1.00 21.15 ? 1409 ARG A NH2 1 
ATOM   798  N N   . LEU A 1 119 ? -8.784  -2.977  -5.969  1.00 13.30 ? 1410 LEU A N   1 
ATOM   799  C CA  . LEU A 1 119 ? -7.931  -1.929  -5.400  1.00 13.78 ? 1410 LEU A CA  1 
ATOM   800  C C   . LEU A 1 119 ? -6.462  -2.273  -5.619  1.00 12.34 ? 1410 LEU A C   1 
ATOM   801  O O   . LEU A 1 119 ? -5.641  -1.341  -5.907  1.00 13.41 ? 1410 LEU A O   1 
ATOM   802  C CB  . LEU A 1 119 ? -8.272  -1.734  -3.933  1.00 14.38 ? 1410 LEU A CB  1 
ATOM   803  C CG  . LEU A 1 119 ? -7.720  -0.457  -3.308  1.00 15.52 ? 1410 LEU A CG  1 
ATOM   804  C CD1 . LEU A 1 119 ? -8.388  0.775   -3.944  1.00 17.15 ? 1410 LEU A CD1 1 
ATOM   805  C CD2 . LEU A 1 119 ? -7.936  -0.450  -1.814  1.00 14.92 ? 1410 LEU A CD2 1 
ATOM   806  N N   . SER A 1 120 ? -6.085  -3.535  -5.532  1.00 12.97 ? 1411 SER A N   1 
ATOM   807  C CA  . SER A 1 120 ? -4.703  -3.964  -5.813  1.00 14.00 ? 1411 SER A CA  1 
ATOM   808  C C   . SER A 1 120 ? -4.337  -3.620  -7.245  1.00 13.89 ? 1411 SER A C   1 
ATOM   809  O O   . SER A 1 120 ? -3.236  -3.155  -7.532  1.00 13.65 ? 1411 SER A O   1 
ATOM   810  C CB  . SER A 1 120 ? -4.577  -5.443  -5.537  1.00 14.46 ? 1411 SER A CB  1 
ATOM   811  O OG  . SER A 1 120 ? -3.301  -5.941  -5.944  1.00 16.64 ? 1411 SER A OG  1 
ATOM   812  N N   . ALA A 1 121 ? -5.216  -3.940  -8.217  1.00 14.13 ? 1412 ALA A N   1 
ATOM   813  C CA  . ALA A 1 121 ? -4.919  -3.641  -9.633  1.00 14.00 ? 1412 ALA A CA  1 
ATOM   814  C C   . ALA A 1 121 ? -4.713  -2.150  -9.816  1.00 12.78 ? 1412 ALA A C   1 
ATOM   815  O O   . ALA A 1 121 ? -3.821  -1.714  -10.535 1.00 13.95 ? 1412 ALA A O   1 
ATOM   816  C CB  . ALA A 1 121 ? -6.042  -4.146  -10.539 1.00 15.04 ? 1412 ALA A CB  1 
ATOM   817  N N   . PHE A 1 122 ? -5.566  -1.335  -9.181  1.00 12.49 ? 1413 PHE A N   1 
ATOM   818  C CA  . PHE A 1 122 ? -5.415  0.144   -9.281  1.00 13.35 ? 1413 PHE A CA  1 
ATOM   819  C C   . PHE A 1 122 ? -4.053  0.565   -8.700  1.00 12.69 ? 1413 PHE A C   1 
ATOM   820  O O   . PHE A 1 122 ? -3.322  1.384   -9.275  1.00 13.39 ? 1413 PHE A O   1 
ATOM   821  C CB  . PHE A 1 122 ? -6.582  0.822   -8.584  1.00 14.10 ? 1413 PHE A CB  1 
ATOM   822  C CG  . PHE A 1 122 ? -6.499  2.311   -8.527  1.00 15.01 ? 1413 PHE A CG  1 
ATOM   823  C CD1 . PHE A 1 122 ? -6.907  3.112   -9.591  1.00 17.63 ? 1413 PHE A CD1 1 
ATOM   824  C CD2 . PHE A 1 122 ? -6.041  2.966   -7.407  1.00 16.26 ? 1413 PHE A CD2 1 
ATOM   825  C CE1 . PHE A 1 122 ? -6.796  4.499   -9.543  1.00 19.72 ? 1413 PHE A CE1 1 
ATOM   826  C CE2 . PHE A 1 122 ? -5.964  4.347   -7.348  1.00 18.14 ? 1413 PHE A CE2 1 
ATOM   827  C CZ  . PHE A 1 122 ? -6.373  5.119   -8.411  1.00 19.91 ? 1413 PHE A CZ  1 
ATOM   828  N N   . PHE A 1 123 ? -3.743  0.091   -7.481  1.00 12.97 ? 1414 PHE A N   1 
ATOM   829  C CA  . PHE A 1 123 ? -2.470  0.429   -6.832  1.00 12.66 ? 1414 PHE A CA  1 
ATOM   830  C C   . PHE A 1 123 ? -1.270  0.054   -7.705  1.00 12.71 ? 1414 PHE A C   1 
ATOM   831  O O   . PHE A 1 123 ? -0.365  0.876   -7.928  1.00 13.78 ? 1414 PHE A O   1 
ATOM   832  C CB  . PHE A 1 123 ? -2.384  -0.237  -5.448  1.00 12.82 ? 1414 PHE A CB  1 
ATOM   833  C CG  . PHE A 1 123 ? -1.044  -0.026  -4.771  1.00 12.70 ? 1414 PHE A CG  1 
ATOM   834  C CD1 . PHE A 1 123 ? -0.712  1.194   -4.209  1.00 12.90 ? 1414 PHE A CD1 1 
ATOM   835  C CD2 . PHE A 1 123 ? -0.090  -1.055  -4.774  1.00 13.66 ? 1414 PHE A CD2 1 
ATOM   836  C CE1 . PHE A 1 123 ? 0.551   1.348   -3.629  1.00 13.95 ? 1414 PHE A CE1 1 
ATOM   837  C CE2 . PHE A 1 123 ? 1.154   -0.867  -4.175  1.00 14.68 ? 1414 PHE A CE2 1 
ATOM   838  C CZ  . PHE A 1 123 ? 1.474   0.333   -3.662  1.00 14.77 ? 1414 PHE A CZ  1 
ATOM   839  N N   . GLU A 1 124 ? -1.266  -1.166  -8.218  1.00 12.64 ? 1415 GLU A N   1 
ATOM   840  C CA  . GLU A 1 124 ? -0.103  -1.629  -8.994  1.00 13.92 ? 1415 GLU A CA  1 
ATOM   841  C C   . GLU A 1 124 ? 0.072   -0.788  -10.261 1.00 14.73 ? 1415 GLU A C   1 
ATOM   842  O O   . GLU A 1 124 ? 1.202   -0.504  -10.684 1.00 15.57 ? 1415 GLU A O   1 
ATOM   843  C CB  . GLU A 1 124 ? -0.231  -3.116  -9.335  1.00 15.27 ? 1415 GLU A CB  1 
ATOM   844  C CG  . GLU A 1 124 ? -0.107  -4.003  -8.086  1.00 15.73 ? 1415 GLU A CG  1 
ATOM   845  C CD  . GLU A 1 124 ? 1.232   -4.022  -7.344  1.00 17.22 ? 1415 GLU A CD  1 
ATOM   846  O OE1 . GLU A 1 124 ? 2.264   -3.755  -7.982  1.00 19.78 ? 1415 GLU A OE1 1 
ATOM   847  O OE2 . GLU A 1 124 ? 1.251   -4.263  -6.126  1.00 18.10 ? 1415 GLU A OE2 1 
ATOM   848  N N   . GLU A 1 125 ? -1.041  -0.428  -10.917 1.00 14.06 ? 1416 GLU A N   1 
ATOM   849  C CA  . GLU A 1 125 ? -1.006  0.401   -12.133 1.00 14.72 ? 1416 GLU A CA  1 
ATOM   850  C C   . GLU A 1 125 ? -0.336  1.730   -11.844 1.00 14.35 ? 1416 GLU A C   1 
ATOM   851  O O   . GLU A 1 125 ? 0.422   2.238   -12.677 1.00 16.24 ? 1416 GLU A O   1 
ATOM   852  C CB  . GLU A 1 125 ? -2.462  0.636   -12.531 1.00 14.66 ? 1416 GLU A CB  1 
ATOM   853  C CG  . GLU A 1 125 ? -2.700  1.540   -13.755 1.00 16.16 ? 1416 GLU A CG  1 
ATOM   854  C CD  . GLU A 1 125 ? -4.195  1.612   -14.079 1.00 16.35 ? 1416 GLU A CD  1 
ATOM   855  O OE1 . GLU A 1 125 ? -4.743  0.543   -14.542 1.00 17.40 ? 1416 GLU A OE1 1 
ATOM   856  O OE2 . GLU A 1 125 ? -4.833  2.634   -13.809 1.00 18.34 ? 1416 GLU A OE2 1 
ATOM   857  N N   . HIS A 1 126 ? -0.591  2.330   -10.699 1.00 13.54 ? 1417 HIS A N   1 
ATOM   858  C CA  . HIS A 1 126 ? -0.078  3.666   -10.341 1.00 15.55 ? 1417 HIS A CA  1 
ATOM   859  C C   . HIS A 1 126 ? 1.301   3.635   -9.671  1.00 14.31 ? 1417 HIS A C   1 
ATOM   860  O O   . HIS A 1 126 ? 2.081   4.589   -9.865  1.00 17.63 ? 1417 HIS A O   1 
ATOM   861  C CB  . HIS A 1 126 ? -1.104  4.419   -9.489  1.00 16.50 ? 1417 HIS A CB  1 
ATOM   862  C CG  . HIS A 1 126 ? -2.291  4.894   -10.258 1.00 19.33 ? 1417 HIS A CG  1 
ATOM   863  N ND1 . HIS A 1 126 ? -3.297  4.108   -10.747 1.00 21.50 ? 1417 HIS A ND1 1 
ATOM   864  C CD2 . HIS A 1 126 ? -2.612  6.168   -10.563 1.00 25.09 ? 1417 HIS A CD2 1 
ATOM   865  C CE1 . HIS A 1 126 ? -4.085  4.885   -11.494 1.00 23.05 ? 1417 HIS A CE1 1 
ATOM   866  N NE2 . HIS A 1 126 ? -3.756  6.123   -11.307 1.00 31.32 ? 1417 HIS A NE2 1 
ATOM   867  N N   . ILE A 1 127 ? 1.654   2.589   -8.917  1.00 14.46 ? 1418 ILE A N   1 
ATOM   868  C CA  . ILE A 1 127 ? 2.946   2.570   -8.203  1.00 13.95 ? 1418 ILE A CA  1 
ATOM   869  C C   . ILE A 1 127 ? 4.109   2.264   -9.137  1.00 14.10 ? 1418 ILE A C   1 
ATOM   870  O O   . ILE A 1 127 ? 5.257   2.604   -8.811  1.00 14.30 ? 1418 ILE A O   1 
ATOM   871  C CB  . ILE A 1 127 ? 2.896   1.591   -7.012  1.00 13.61 ? 1418 ILE A CB  1 
ATOM   872  C CG1 . ILE A 1 127 ? 3.934   1.933   -5.915  1.00 15.01 ? 1418 ILE A CG1 1 
ATOM   873  C CG2 . ILE A 1 127 ? 3.038   0.176   -7.433  1.00 13.92 ? 1418 ILE A CG2 1 
ATOM   874  C CD1 . ILE A 1 127 ? 3.736   3.228   -5.216  1.00 16.83 ? 1418 ILE A CD1 1 
ATOM   875  N N   A SER A 1 128 ? 3.830   1.644   -10.292 0.25 13.98 ? 1419 SER A N   1 
ATOM   876  N N   B SER A 1 128 ? 3.838   1.644   -10.293 0.24 14.53 ? 1419 SER A N   1 
ATOM   877  C CA  A SER A 1 128 ? 4.862   1.210   -11.271 0.25 14.55 ? 1419 SER A CA  1 
ATOM   878  C CA  B SER A 1 128 ? 4.891   1.212   -11.250 0.24 15.35 ? 1419 SER A CA  1 
ATOM   879  C C   A SER A 1 128 ? 5.829   2.351   -11.633 0.25 14.47 ? 1419 SER A C   1 
ATOM   880  C C   B SER A 1 128 ? 5.844   2.361   -11.615 0.24 15.04 ? 1419 SER A C   1 
ATOM   881  O O   A SER A 1 128 ? 7.060   2.113   -11.612 0.25 14.61 ? 1419 SER A O   1 
ATOM   882  O O   B SER A 1 128 ? 7.080   2.127   -11.617 0.24 15.79 ? 1419 SER A O   1 
ATOM   883  C CB  A SER A 1 128 ? 4.183   0.626   -12.491 0.25 15.03 ? 1419 SER A CB  1 
ATOM   884  C CB  B SER A 1 128 ? 4.278   0.626   -12.489 0.24 16.51 ? 1419 SER A CB  1 
ATOM   885  O OG  A SER A 1 128 ? 3.246   1.531   -13.049 0.25 17.25 ? 1419 SER A OG  1 
ATOM   886  O OG  B SER A 1 128 ? 5.314   0.171   -13.350 0.24 19.61 ? 1419 SER A OG  1 
ATOM   887  N N   . SER A 1 129 ? 5.303   3.520   -11.973 1.00 14.15 ? 1420 SER A N   1 
ATOM   888  C CA  . SER A 1 129 ? 6.139   4.655   -12.406 1.00 15.64 ? 1420 SER A CA  1 
ATOM   889  C C   . SER A 1 129 ? 6.858   5.256   -11.188 1.00 14.94 ? 1420 SER A C   1 
ATOM   890  O O   . SER A 1 129 ? 7.990   5.751   -11.332 1.00 15.31 ? 1420 SER A O   1 
ATOM   891  C CB  . SER A 1 129 ? 5.368   5.700   -13.114 1.00 18.45 ? 1420 SER A CB  1 
ATOM   892  O OG  . SER A 1 129 ? 4.400   6.289   -12.308 1.00 23.93 ? 1420 SER A OG  1 
ATOM   893  N N   . VAL A 1 130 ? 6.215   5.252   -10.019 1.00 13.92 ? 1421 VAL A N   1 
ATOM   894  C CA  . VAL A 1 130 ? 6.859   5.790   -8.785  1.00 13.64 ? 1421 VAL A CA  1 
ATOM   895  C C   . VAL A 1 130 ? 8.125   4.988   -8.505  1.00 12.97 ? 1421 VAL A C   1 
ATOM   896  O O   . VAL A 1 130 ? 9.233   5.557   -8.234  1.00 13.82 ? 1421 VAL A O   1 
ATOM   897  C CB  . VAL A 1 130 ? 5.908   5.732   -7.610  1.00 12.87 ? 1421 VAL A CB  1 
ATOM   898  C CG1 . VAL A 1 130 ? 6.614   6.218   -6.359  1.00 13.91 ? 1421 VAL A CG1 1 
ATOM   899  C CG2 . VAL A 1 130 ? 4.657   6.531   -7.872  1.00 14.44 ? 1421 VAL A CG2 1 
ATOM   900  N N   . LEU A 1 131 ? 8.069   3.646   -8.549  1.00 12.56 ? 1422 LEU A N   1 
ATOM   901  C CA  . LEU A 1 131 ? 9.223   2.772   -8.303  1.00 13.42 ? 1422 LEU A CA  1 
ATOM   902  C C   . LEU A 1 131 ? 10.273  2.976   -9.384  1.00 13.41 ? 1422 LEU A C   1 
ATOM   903  O O   . LEU A 1 131 ? 11.463  3.093   -9.065  1.00 13.95 ? 1422 LEU A O   1 
ATOM   904  C CB  . LEU A 1 131 ? 8.800   1.294   -8.237  1.00 13.54 ? 1422 LEU A CB  1 
ATOM   905  C CG  . LEU A 1 131 ? 7.841   0.912   -7.127  1.00 14.33 ? 1422 LEU A CG  1 
ATOM   906  C CD1 . LEU A 1 131 ? 7.263   -0.481  -7.349  1.00 16.73 ? 1422 LEU A CD1 1 
ATOM   907  C CD2 . LEU A 1 131 ? 8.558   0.998   -5.806  1.00 17.38 ? 1422 LEU A CD2 1 
ATOM   908  N N   A SER A 1 132 ? 9.874   2.969   -10.656 0.25 12.82 ? 1423 SER A N   1 
ATOM   909  N N   B SER A 1 132 ? 9.861   2.986   -10.651 0.24 14.86 ? 1423 SER A N   1 
ATOM   910  C CA  A SER A 1 132 ? 10.843  3.126   -11.778 0.25 12.84 ? 1423 SER A CA  1 
ATOM   911  C CA  B SER A 1 132 ? 10.810  3.121   -11.787 0.24 16.25 ? 1423 SER A CA  1 
ATOM   912  C C   A SER A 1 132 ? 11.600  4.450   -11.627 0.25 13.68 ? 1423 SER A C   1 
ATOM   913  C C   B SER A 1 132 ? 11.579  4.447   -11.671 0.24 15.62 ? 1423 SER A C   1 
ATOM   914  O O   A SER A 1 132 ? 12.841  4.443   -11.789 0.25 13.45 ? 1423 SER A O   1 
ATOM   915  O O   B SER A 1 132 ? 12.811  4.444   -11.870 0.24 15.19 ? 1423 SER A O   1 
ATOM   916  C CB  A SER A 1 132 ? 10.153  3.070   -13.114 0.25 12.82 ? 1423 SER A CB  1 
ATOM   917  C CB  B SER A 1 132 ? 10.086  3.014   -13.102 0.24 18.72 ? 1423 SER A CB  1 
ATOM   918  O OG  A SER A 1 132 ? 9.601   1.793   -13.348 0.25 12.38 ? 1423 SER A OG  1 
ATOM   919  O OG  B SER A 1 132 ? 10.993  2.672   -14.135 0.24 24.49 ? 1423 SER A OG  1 
ATOM   920  N N   . ASP A 1 133 ? 10.878  5.538   -11.373 1.00 13.93 ? 1424 ASP A N   1 
ATOM   921  C CA  . ASP A 1 133 ? 11.526  6.868   -11.275 1.00 13.95 ? 1424 ASP A CA  1 
ATOM   922  C C   . ASP A 1 133 ? 12.502  6.896   -10.112 1.00 13.15 ? 1424 ASP A C   1 
ATOM   923  O O   . ASP A 1 133 ? 13.605  7.453   -10.249 1.00 14.45 ? 1424 ASP A O   1 
ATOM   924  C CB  . ASP A 1 133 ? 10.533  8.022   -11.206 1.00 15.70 ? 1424 ASP A CB  1 
ATOM   925  C CG  . ASP A 1 133 ? 9.739   8.325   -12.449 1.00 19.53 ? 1424 ASP A CG  1 
ATOM   926  O OD1 . ASP A 1 133 ? 9.953   7.685   -13.497 1.00 20.01 ? 1424 ASP A OD1 1 
ATOM   927  O OD2 . ASP A 1 133 ? 8.923   9.279   -12.341 1.00 25.60 ? 1424 ASP A OD2 1 
ATOM   928  N N   . TYR A 1 134 ? 12.120  6.342   -8.962  1.00 13.00 ? 1425 TYR A N   1 
ATOM   929  C CA  . TYR A 1 134 ? 12.991  6.349   -7.776  1.00 12.20 ? 1425 TYR A CA  1 
ATOM   930  C C   . TYR A 1 134 ? 14.266  5.592   -8.111  1.00 13.09 ? 1425 TYR A C   1 
ATOM   931  O O   . TYR A 1 134 ? 15.394  6.020   -7.811  1.00 13.54 ? 1425 TYR A O   1 
ATOM   932  C CB  . TYR A 1 134 ? 12.253  5.789   -6.548  1.00 13.23 ? 1425 TYR A CB  1 
ATOM   933  C CG  . TYR A 1 134 ? 13.134  5.648   -5.355  1.00 13.42 ? 1425 TYR A CG  1 
ATOM   934  C CD1 . TYR A 1 134 ? 13.479  6.745   -4.608  1.00 15.13 ? 1425 TYR A CD1 1 
ATOM   935  C CD2 . TYR A 1 134 ? 13.692  4.427   -5.015  1.00 14.78 ? 1425 TYR A CD2 1 
ATOM   936  C CE1 . TYR A 1 134 ? 14.310  6.651   -3.506  1.00 16.54 ? 1425 TYR A CE1 1 
ATOM   937  C CE2 . TYR A 1 134 ? 14.492  4.318   -3.892  1.00 15.54 ? 1425 TYR A CE2 1 
ATOM   938  C CZ  . TYR A 1 134 ? 14.834  5.428   -3.174  1.00 16.23 ? 1425 TYR A CZ  1 
ATOM   939  O OH  . TYR A 1 134 ? 15.606  5.311   -2.017  1.00 21.51 ? 1425 TYR A OH  1 
ATOM   940  N N   . LYS A 1 135 ? 14.120  4.384   -8.657  1.00 13.46 ? 1426 LYS A N   1 
ATOM   941  C CA  . LYS A 1 135 ? 15.298  3.535   -8.882  1.00 12.83 ? 1426 LYS A CA  1 
ATOM   942  C C   . LYS A 1 135 ? 16.223  4.192   -9.930  1.00 12.77 ? 1426 LYS A C   1 
ATOM   943  O O   . LYS A 1 135 ? 17.452  4.148   -9.795  1.00 13.20 ? 1426 LYS A O   1 
ATOM   944  C CB  . LYS A 1 135 ? 14.840  2.119   -9.284  1.00 14.33 ? 1426 LYS A CB  1 
ATOM   945  C CG  . LYS A 1 135 ? 14.164  1.360   -8.135  1.00 15.01 ? 1426 LYS A CG  1 
ATOM   946  C CD  . LYS A 1 135 ? 13.639  -0.015  -8.559  1.00 16.92 ? 1426 LYS A CD  1 
ATOM   947  C CE  . LYS A 1 135 ? 12.941  -0.752  -7.433  1.00 20.25 ? 1426 LYS A CE  1 
ATOM   948  N NZ  . LYS A 1 135 ? 12.900  -2.232  -7.635  1.00 24.67 ? 1426 LYS A NZ  1 
ATOM   949  N N   A SER A 1 136 ? 15.655  4.815   -10.934 0.25 11.68 ? 1427 SER A N   1 
ATOM   950  N N   B SER A 1 136 ? 15.678  4.868   -10.915 0.24 12.26 ? 1427 SER A N   1 
ATOM   951  C CA  A SER A 1 136 ? 16.452  5.616   -11.901 0.25 11.93 ? 1427 SER A CA  1 
ATOM   952  C CA  B SER A 1 136 ? 16.536  5.584   -11.899 0.24 12.55 ? 1427 SER A CA  1 
ATOM   953  C C   A SER A 1 136 ? 17.291  6.654   -11.140 0.25 11.38 ? 1427 SER A C   1 
ATOM   954  C C   B SER A 1 136 ? 17.206  6.810   -11.248 0.24 11.72 ? 1427 SER A C   1 
ATOM   955  O O   A SER A 1 136 ? 18.523  6.782   -11.442 0.25 11.20 ? 1427 SER A O   1 
ATOM   956  O O   B SER A 1 136 ? 18.287  7.221   -11.696 0.24 10.86 ? 1427 SER A O   1 
ATOM   957  C CB  A SER A 1 136 ? 15.537  6.252   -12.892 0.25 11.56 ? 1427 SER A CB  1 
ATOM   958  C CB  B SER A 1 136 ? 15.740  5.916   -13.124 0.24 13.14 ? 1427 SER A CB  1 
ATOM   959  O OG  A SER A 1 136 ? 16.277  6.868   -13.944 0.25 12.65 ? 1427 SER A OG  1 
ATOM   960  O OG  B SER A 1 136 ? 14.910  7.050   -12.946 0.24 15.13 ? 1427 SER A OG  1 
ATOM   961  N N   . ALA A 1 137 ? 16.679  7.360   -10.182 1.00 10.23 ? 1428 ALA A N   1 
ATOM   962  C CA  . ALA A 1 137 ? 17.326  8.456   -9.432  1.00 10.77 ? 1428 ALA A CA  1 
ATOM   963  C C   . ALA A 1 137 ? 18.496  7.921   -8.615  1.00 11.08 ? 1428 ALA A C   1 
ATOM   964  O O   . ALA A 1 137 ? 19.555  8.572   -8.586  1.00 10.54 ? 1428 ALA A O   1 
ATOM   965  C CB  . ALA A 1 137 ? 16.337  9.156   -8.544  1.00 10.02 ? 1428 ALA A CB  1 
ATOM   966  N N   . LEU A 1 138 ? 18.363  6.758   -7.986  1.00 10.67 ? 1429 LEU A N   1 
ATOM   967  C CA  . LEU A 1 138 ? 19.493  6.158   -7.235  1.00 12.27 ? 1429 LEU A CA  1 
ATOM   968  C C   . LEU A 1 138 ? 20.622  5.809   -8.209  1.00 11.38 ? 1429 LEU A C   1 
ATOM   969  O O   . LEU A 1 138 ? 21.786  6.047   -7.876  1.00 12.06 ? 1429 LEU A O   1 
ATOM   970  C CB  . LEU A 1 138 ? 19.018  4.916   -6.478  1.00 13.76 ? 1429 LEU A CB  1 
ATOM   971  C CG  . LEU A 1 138 ? 18.115  5.156   -5.263  1.00 15.79 ? 1429 LEU A CG  1 
ATOM   972  C CD1 . LEU A 1 138 ? 16.984  6.112   -5.599  1.00 19.89 ? 1429 LEU A CD1 1 
ATOM   973  C CD2 . LEU A 1 138 ? 17.585  3.838   -4.704  1.00 16.17 ? 1429 LEU A CD2 1 
ATOM   974  N N   . ARG A 1 139 ? 20.266  5.276   -9.388  1.00 12.70 ? 1430 ARG A N   1 
ATOM   975  C CA  . ARG A 1 139 ? 21.250  4.942   -10.456 1.00 13.18 ? 1430 ARG A CA  1 
ATOM   976  C C   . ARG A 1 139 ? 21.956  6.236   -10.901 1.00 12.66 ? 1430 ARG A C   1 
ATOM   977  O O   . ARG A 1 139 ? 23.209  6.224   -11.010 1.00 14.17 ? 1430 ARG A O   1 
ATOM   978  C CB  . ARG A 1 139 ? 20.584  4.233   -11.645 1.00 12.74 ? 1430 ARG A CB  1 
ATOM   979  C CG  . ARG A 1 139 ? 20.143  2.811   -11.327 1.00 12.52 ? 1430 ARG A CG  1 
ATOM   980  C CD  . ARG A 1 139 ? 19.756  2.011   -12.554 1.00 11.87 ? 1430 ARG A CD  1 
ATOM   981  N NE  . ARG A 1 139 ? 18.645  2.511   -13.348 1.00 11.80 ? 1430 ARG A NE  1 
ATOM   982  C CZ  . ARG A 1 139 ? 17.380  2.156   -13.210 1.00 10.80 ? 1430 ARG A CZ  1 
ATOM   983  N NH1 . ARG A 1 139 ? 16.968  1.401   -12.200 1.00 11.84 ? 1430 ARG A NH1 1 
ATOM   984  N NH2 . ARG A 1 139 ? 16.495  2.616   -14.080 1.00 11.88 ? 1430 ARG A NH2 1 
ATOM   985  N N   . PHE A 1 140 ? 21.215  7.317   -11.139 1.00 12.70 ? 1431 PHE A N   1 
ATOM   986  C CA  . PHE A 1 140 ? 21.837  8.573   -11.621 1.00 13.49 ? 1431 PHE A CA  1 
ATOM   987  C C   . PHE A 1 140 ? 22.740  9.144   -10.541 1.00 13.99 ? 1431 PHE A C   1 
ATOM   988  O O   . PHE A 1 140 ? 23.888  9.591   -10.807 1.00 15.30 ? 1431 PHE A O   1 
ATOM   989  C CB  . PHE A 1 140 ? 20.782  9.562   -12.064 1.00 14.51 ? 1431 PHE A CB  1 
ATOM   990  C CG  . PHE A 1 140 ? 21.347  10.819  -12.703 1.00 17.32 ? 1431 PHE A CG  1 
ATOM   991  C CD1 . PHE A 1 140 ? 21.730  10.777  -14.044 1.00 20.08 ? 1431 PHE A CD1 1 
ATOM   992  C CD2 . PHE A 1 140 ? 21.518  12.003  -11.997 1.00 19.19 ? 1431 PHE A CD2 1 
ATOM   993  C CE1 . PHE A 1 140 ? 22.285  11.885  -14.685 1.00 20.88 ? 1431 PHE A CE1 1 
ATOM   994  C CE2 . PHE A 1 140 ? 22.052  13.132  -12.645 1.00 19.94 ? 1431 PHE A CE2 1 
ATOM   995  C CZ  . PHE A 1 140 ? 22.400  13.058  -13.978 1.00 20.63 ? 1431 PHE A CZ  1 
ATOM   996  N N   . HIS A 1 141 ? 22.315  9.087   -9.273  1.00 14.80 ? 1432 HIS A N   1 
ATOM   997  C CA  . HIS A 1 141 ? 23.146  9.604   -8.154  1.00 15.51 ? 1432 HIS A CA  1 
ATOM   998  C C   . HIS A 1 141 ? 24.490  8.867   -8.106  1.00 19.36 ? 1432 HIS A C   1 
ATOM   999  O O   . HIS A 1 141 ? 25.535  9.499   -7.755  1.00 19.87 ? 1432 HIS A O   1 
ATOM   1000 C CB  . HIS A 1 141 ? 22.384  9.439   -6.849  1.00 16.58 ? 1432 HIS A CB  1 
ATOM   1001 C CG  . HIS A 1 141 ? 22.995  10.225  -5.724  1.00 16.84 ? 1432 HIS A CG  1 
ATOM   1002 N ND1 . HIS A 1 141 ? 22.944  11.612  -5.674  1.00 15.95 ? 1432 HIS A ND1 1 
ATOM   1003 C CD2 . HIS A 1 141 ? 23.690  9.792   -4.646  1.00 17.64 ? 1432 HIS A CD2 1 
ATOM   1004 C CE1 . HIS A 1 141 ? 23.551  11.991  -4.553  1.00 15.44 ? 1432 HIS A CE1 1 
ATOM   1005 N NE2 . HIS A 1 141 ? 24.026  10.916  -3.911  1.00 17.67 ? 1432 HIS A NE2 1 
ATOM   1006 N N   . LYS A 1 142 ? 24.510  7.577   -8.450  1.00 20.05 ? 1433 LYS A N   1 
ATOM   1007 C CA  . LYS A 1 142 ? 25.735  6.722   -8.404  1.00 21.73 ? 1433 LYS A CA  1 
ATOM   1008 C C   . LYS A 1 142 ? 26.462  6.683   -9.757  1.00 23.04 ? 1433 LYS A C   1 
ATOM   1009 O O   . LYS A 1 142 ? 27.484  5.944   -9.834  1.00 25.17 ? 1433 LYS A O   1 
ATOM   1010 C CB  . LYS A 1 142 ? 25.352  5.292   -8.009  1.00 23.82 ? 1433 LYS A CB  1 
ATOM   1011 C CG  . LYS A 1 142 ? 24.494  5.196   -6.756  1.00 23.64 ? 1433 LYS A CG  1 
ATOM   1012 C CD  . LYS A 1 142 ? 24.868  6.181   -5.658  1.00 26.08 ? 1433 LYS A CD  1 
ATOM   1013 C CE  . LYS A 1 142 ? 24.685  5.606   -4.272  1.00 26.65 ? 1433 LYS A CE  1 
ATOM   1014 N NZ  . LYS A 1 142 ? 24.781  6.645   -3.224  1.00 26.32 ? 1433 LYS A NZ  1 
ATOM   1015 N N   . ARG A 1 143 ? 26.027  7.452   -10.762 1.00 22.91 ? 1434 ARG A N   1 
ATOM   1016 C CA  . ARG A 1 143 ? 26.484  7.284   -12.179 1.00 25.17 ? 1434 ARG A CA  1 
ATOM   1017 C C   . ARG A 1 143 ? 28.021  7.375   -12.345 1.00 32.15 ? 1434 ARG A C   1 
ATOM   1018 O O   . ARG A 1 143 ? 28.546  6.773   -13.312 1.00 34.40 ? 1434 ARG A O   1 
ATOM   1019 C CB  . ARG A 1 143 ? 25.768  8.249   -13.099 1.00 23.15 ? 1434 ARG A CB  1 
ATOM   1020 C CG  . ARG A 1 143 ? 26.206  9.680   -12.923 1.00 23.23 ? 1434 ARG A CG  1 
ATOM   1021 C CD  . ARG A 1 143 ? 25.317  10.629  -13.661 1.00 24.34 ? 1434 ARG A CD  1 
ATOM   1022 N NE  . ARG A 1 143 ? 25.736  12.012  -13.488 1.00 24.40 ? 1434 ARG A NE  1 
ATOM   1023 C CZ  . ARG A 1 143 ? 25.532  12.757  -12.429 1.00 26.13 ? 1434 ARG A CZ  1 
ATOM   1024 N NH1 . ARG A 1 143 ? 24.882  12.268  -11.390 1.00 20.71 ? 1434 ARG A NH1 1 
ATOM   1025 N NH2 . ARG A 1 143 ? 25.929  14.026  -12.404 1.00 27.08 ? 1434 ARG A NH2 1 
ATOM   1026 N N   . ASN A 1 144 ? 28.700  8.167   -11.511 1.00 29.15 ? 1435 ASN A N   1 
ATOM   1027 C CA  . ASN A 1 144 ? 30.170  8.396   -11.609 1.00 31.33 ? 1435 ASN A CA  1 
ATOM   1028 C C   . ASN A 1 144 ? 30.868  7.618   -10.489 1.00 34.46 ? 1435 ASN A C   1 
ATOM   1029 O O   . ASN A 1 144 ? 30.190  7.368   -9.472  1.00 36.32 ? 1435 ASN A O   1 
ATOM   1030 C CB  . ASN A 1 144 ? 30.527  9.885   -11.566 1.00 30.43 ? 1435 ASN A CB  1 
ATOM   1031 C CG  . ASN A 1 144 ? 29.994  10.654  -12.758 1.00 30.12 ? 1435 ASN A CG  1 
ATOM   1032 O OD1 . ASN A 1 144 ? 30.191  10.254  -13.907 1.00 29.53 ? 1435 ASN A OD1 1 
ATOM   1033 N ND2 . ASN A 1 144 ? 29.307  11.752  -12.491 1.00 27.37 ? 1435 ASN A ND2 1 
HETATM 1034 N N1  . ZLH B 2 .   ? -13.756 -7.583  7.462   0.58 37.40 ? 1501 ZLH A N1  1 
HETATM 1035 C C4  . ZLH B 2 .   ? -13.177 -6.250  7.654   0.58 36.63 ? 1501 ZLH A C4  1 
HETATM 1036 C C5  . ZLH B 2 .   ? -15.090 -7.941  7.614   0.58 39.25 ? 1501 ZLH A C5  1 
HETATM 1037 C C6  . ZLH B 2 .   ? -17.337 -6.970  7.444   0.58 39.57 ? 1501 ZLH A C6  1 
HETATM 1038 C C7  . ZLH B 2 .   ? -18.306 -7.550  8.461   0.58 39.66 ? 1501 ZLH A C7  1 
HETATM 1039 C C8  . ZLH B 2 .   ? -19.546 -8.212  7.957   0.58 39.82 ? 1501 ZLH A C8  1 
HETATM 1040 C C10 . ZLH B 2 .   ? -9.775  -6.818  6.637   0.58 34.51 ? 1501 ZLH A C10 1 
HETATM 1041 C C13 . ZLH B 2 .   ? -8.035  -3.607  7.320   0.58 33.56 ? 1501 ZLH A C13 1 
HETATM 1042 O O2  . ZLH B 2 .   ? -8.978  -7.709  6.360   0.58 36.70 ? 1501 ZLH A O2  1 
HETATM 1043 C C11 . ZLH B 2 .   ? -9.201  -5.466  6.948   0.58 33.61 ? 1501 ZLH A C11 1 
HETATM 1044 O O1  . ZLH B 2 .   ? -9.998  -4.594  7.633   0.58 33.80 ? 1501 ZLH A O1  1 
HETATM 1045 C C14 . ZLH B 2 .   ? -9.242  -3.463  7.842   0.58 34.71 ? 1501 ZLH A C14 1 
HETATM 1046 C C12 . ZLH B 2 .   ? -7.990  -4.902  6.735   0.58 33.79 ? 1501 ZLH A C12 1 
HETATM 1047 N N   . ZLH B 2 .   ? -11.111 -7.011  6.570   0.58 36.81 ? 1501 ZLH A N   1 
HETATM 1048 C C2  . ZLH B 2 .   ? -11.706 -8.329  6.339   0.58 37.34 ? 1501 ZLH A C2  1 
HETATM 1049 C C3  . ZLH B 2 .   ? -12.142 -5.965  6.581   0.58 36.00 ? 1501 ZLH A C3  1 
HETATM 1050 C C1  . ZLH B 2 .   ? -12.734 -8.645  7.418   0.58 37.63 ? 1501 ZLH A C1  1 
HETATM 1051 C C   . ZLH B 2 .   ? -12.073 -8.836  8.772   0.58 36.84 ? 1501 ZLH A C   1 
HETATM 1052 O O   . ZLH B 2 .   ? -15.466 -9.099  7.478   0.58 38.65 ? 1501 ZLH A O   1 
HETATM 1053 N N2  . ZLH B 2 .   ? -15.961 -6.963  7.930   0.58 37.90 ? 1501 ZLH A N2  1 
HETATM 1054 C C9  . ZLH B 2 .   ? -18.457 -9.037  8.557   0.58 40.57 ? 1501 ZLH A C9  1 
HETATM 1055 O O   . HOH C 3 .   ? -16.857 -9.861  2.670   0.58 26.13 ? 1601 HOH A O   1 
HETATM 1056 O O   . HOH C 3 .   ? 16.980  4.452   6.206   0.48 22.28 ? 1602 HOH A O   1 
HETATM 1057 O O   . HOH C 3 .   ? -15.635 7.809   -2.535  0.58 21.93 ? 1603 HOH A O   1 
HETATM 1058 O O   . HOH C 3 .   ? -0.774  -12.773 15.462  1.00 41.68 ? 1604 HOH A O   1 
HETATM 1059 O O   . HOH C 3 .   ? 17.390  6.665   -16.021 1.00 27.18 ? 1605 HOH A O   1 
HETATM 1060 O O   . HOH C 3 .   ? 20.334  4.909   3.964   1.00 39.48 ? 1606 HOH A O   1 
HETATM 1061 O O   . HOH C 3 .   ? 2.622   3.918   -13.140 1.00 21.28 ? 1607 HOH A O   1 
HETATM 1062 O O   . HOH C 3 .   ? -15.386 -11.294 8.608   0.58 35.08 ? 1608 HOH A O   1 
HETATM 1063 O O   . HOH C 3 .   ? -10.026 -8.496  4.053   0.58 28.97 ? 1609 HOH A O   1 
HETATM 1064 O O   . HOH C 3 .   ? -9.997  -12.387 20.305  1.00 36.89 ? 1610 HOH A O   1 
HETATM 1065 O O   . HOH C 3 .   ? 0.943   -4.274  12.249  1.00 31.14 ? 1611 HOH A O   1 
HETATM 1066 O O   . HOH C 3 .   ? 14.799  9.390   -12.018 0.48 24.83 ? 1612 HOH A O   1 
HETATM 1067 O O   . HOH C 3 .   ? 15.979  7.019   1.848   1.00 28.57 ? 1613 HOH A O   1 
HETATM 1068 O O   . HOH C 3 .   ? -17.568 -8.798  -6.934  1.00 42.14 ? 1614 HOH A O   1 
HETATM 1069 O O   . HOH C 3 .   ? -0.784  -5.229  -4.830  1.00 21.51 ? 1615 HOH A O   1 
HETATM 1070 O O   . HOH C 3 .   ? -14.424 6.080   5.779   1.00 37.19 ? 1616 HOH A O   1 
HETATM 1071 O O   . HOH C 3 .   ? 16.498  7.404   -0.741  1.00 34.49 ? 1617 HOH A O   1 
HETATM 1072 O O   . HOH C 3 .   ? 10.623  16.830  -8.386  1.00 36.08 ? 1618 HOH A O   1 
HETATM 1073 O O   . HOH C 3 .   ? -17.434 0.826   -0.004  1.00 31.22 ? 1619 HOH A O   1 
HETATM 1074 O O   . HOH C 3 .   ? -12.811 -4.070  12.612  0.58 32.21 ? 1620 HOH A O   1 
HETATM 1075 O O   . HOH C 3 .   ? 1.808   7.022   -10.827 1.00 31.58 ? 1621 HOH A O   1 
HETATM 1076 O O   . HOH C 3 .   ? 19.730  4.185   -15.064 1.00 19.87 ? 1622 HOH A O   1 
HETATM 1077 O O   . HOH C 3 .   ? -18.732 -4.119  -5.337  0.58 28.99 ? 1623 HOH A O   1 
HETATM 1078 O O   . HOH C 3 .   ? 26.282  11.818  -6.671  1.00 34.92 ? 1624 HOH A O   1 
HETATM 1079 O O   . HOH C 3 .   ? 7.559   13.556  7.289   1.00 18.45 ? 1625 HOH A O   1 
HETATM 1080 O O   . HOH C 3 .   ? -17.049 -1.259  -3.594  1.00 43.34 ? 1626 HOH A O   1 
HETATM 1081 O O   . HOH C 3 .   ? -10.844 -10.720 2.719   0.58 31.58 ? 1627 HOH A O   1 
HETATM 1082 O O   . HOH C 3 .   ? 3.094   -10.835 15.208  1.00 45.37 ? 1628 HOH A O   1 
HETATM 1083 O O   . HOH C 3 .   ? 28.713  12.354  -9.957  1.00 52.48 ? 1629 HOH A O   1 
HETATM 1084 O O   . HOH C 3 .   ? 14.526  0.298   0.304   1.00 30.96 ? 1630 HOH A O   1 
HETATM 1085 O O   . HOH C 3 .   ? -6.246  4.311   12.564  0.58 33.20 ? 1631 HOH A O   1 
HETATM 1086 O O   . HOH C 3 .   ? -1.480  -5.108  16.172  0.58 34.49 ? 1632 HOH A O   1 
HETATM 1087 O O   . HOH C 3 .   ? 5.531   -1.042  8.621   1.00 32.26 ? 1633 HOH A O   1 
HETATM 1088 O O   . HOH C 3 .   ? -16.035 -4.519  9.389   0.58 34.48 ? 1634 HOH A O   1 
HETATM 1089 O O   . HOH C 3 .   ? 2.448   -9.630  1.353   1.00 18.17 ? 1635 HOH A O   1 
HETATM 1090 O O   . HOH C 3 .   ? -3.310  -1.331  -15.844 1.00 25.84 ? 1636 HOH A O   1 
HETATM 1091 O O   . HOH C 3 .   ? 8.086   -0.384  -11.705 1.00 21.87 ? 1637 HOH A O   1 
HETATM 1092 O O   . HOH C 3 .   ? 27.688  10.021  -9.301  1.00 39.41 ? 1638 HOH A O   1 
HETATM 1093 O O   . HOH C 3 .   ? 16.945  8.704   -17.960 0.58 20.81 ? 1639 HOH A O   1 
HETATM 1094 O O   . HOH C 3 .   ? -15.403 -12.009 3.753   0.58 35.71 ? 1640 HOH A O   1 
HETATM 1095 O O   . HOH C 3 .   ? -5.847  -4.948  13.341  0.58 25.71 ? 1641 HOH A O   1 
HETATM 1096 O O   . HOH C 3 .   ? 17.104  4.012   -16.330 1.00 20.94 ? 1642 HOH A O   1 
HETATM 1097 O O   . HOH C 3 .   ? 21.788  12.867  -7.791  1.00 16.48 ? 1643 HOH A O   1 
HETATM 1098 O O   . HOH C 3 .   ? -6.614  -6.732  4.624   0.58 17.02 ? 1644 HOH A O   1 
HETATM 1099 O O   . HOH C 3 .   ? -15.170 -18.935 -4.118  1.00 42.84 ? 1645 HOH A O   1 
HETATM 1100 O O   . HOH C 3 .   ? 3.222   -2.370  -10.133 1.00 20.63 ? 1646 HOH A O   1 
HETATM 1101 O O   . HOH C 3 .   ? -3.925  4.589   -15.491 1.00 28.88 ? 1647 HOH A O   1 
HETATM 1102 O O   . HOH C 3 .   ? -19.328 7.142   -1.857  1.00 28.27 ? 1648 HOH A O   1 
HETATM 1103 O O   . HOH C 3 .   ? 5.984   15.326  1.895   1.00 30.79 ? 1649 HOH A O   1 
HETATM 1104 O O   . HOH C 3 .   ? 16.748  2.933   -1.277  1.00 29.05 ? 1650 HOH A O   1 
HETATM 1105 O O   . HOH C 3 .   ? 7.464   2.051   -15.044 1.00 23.08 ? 1651 HOH A O   1 
HETATM 1106 O O   . HOH C 3 .   ? 10.736  5.697   -15.216 1.00 34.85 ? 1652 HOH A O   1 
HETATM 1107 O O   . HOH C 3 .   ? -3.189  -8.655  -5.516  1.00 33.69 ? 1653 HOH A O   1 
HETATM 1108 O O   . HOH C 3 .   ? -5.786  -7.671  -8.685  1.00 27.29 ? 1654 HOH A O   1 
HETATM 1109 O O   . HOH C 3 .   ? -7.358  1.896   -13.002 1.00 17.13 ? 1655 HOH A O   1 
HETATM 1110 O O   . HOH C 3 .   ? 0.349   -11.009 8.104   1.00 20.86 ? 1656 HOH A O   1 
HETATM 1111 O O   . HOH C 3 .   ? -3.559  -2.726  10.759  0.58 21.61 ? 1657 HOH A O   1 
HETATM 1112 O O   . HOH C 3 .   ? 8.060   -4.705  -6.607  1.00 35.35 ? 1658 HOH A O   1 
HETATM 1113 O O   . HOH C 3 .   ? 19.621  11.502  -8.849  1.00 17.50 ? 1659 HOH A O   1 
HETATM 1114 O O   . HOH C 3 .   ? -6.681  -14.459 18.570  1.00 41.61 ? 1660 HOH A O   1 
HETATM 1115 O O   . HOH C 3 .   ? 24.666  3.997   -11.746 1.00 29.71 ? 1661 HOH A O   1 
HETATM 1116 O O   . HOH C 3 .   ? 8.289   14.250  -2.389  1.00 15.53 ? 1662 HOH A O   1 
HETATM 1117 O O   . HOH C 3 .   ? -3.537  8.221   8.681   1.00 39.79 ? 1663 HOH A O   1 
HETATM 1118 O O   . HOH C 3 .   ? 22.203  5.973   -5.140  0.48 18.74 ? 1664 HOH A O   1 
HETATM 1119 O O   . HOH C 3 .   ? -0.126  -8.932  -1.967  1.00 17.31 ? 1665 HOH A O   1 
HETATM 1120 O O   . HOH C 3 .   ? 6.842   14.483  -6.155  1.00 23.69 ? 1666 HOH A O   1 
HETATM 1121 O O   . HOH C 3 .   ? 8.595   -3.733  -2.297  1.00 23.12 ? 1667 HOH A O   1 
HETATM 1122 O O   . HOH C 3 .   ? 12.059  -3.654  -5.383  1.00 29.34 ? 1668 HOH A O   1 
HETATM 1123 O O   . HOH C 3 .   ? 8.753   1.389   8.042   1.00 25.86 ? 1669 HOH A O   1 
HETATM 1124 O O   . HOH C 3 .   ? 4.243   -7.628  1.582   1.00 17.52 ? 1670 HOH A O   1 
HETATM 1125 O O   . HOH C 3 .   ? 5.075   14.382  10.471  1.00 46.58 ? 1671 HOH A O   1 
HETATM 1126 O O   . HOH C 3 .   ? 4.506   0.983   10.171  1.00 27.37 ? 1672 HOH A O   1 
HETATM 1127 O O   . HOH C 3 .   ? -1.103  0.264   13.139  1.00 30.26 ? 1673 HOH A O   1 
HETATM 1128 O O   . HOH C 3 .   ? 9.399   15.155  3.976   1.00 19.99 ? 1674 HOH A O   1 
HETATM 1129 O O   . HOH C 3 .   ? 9.575   8.411   -7.736  1.00 14.51 ? 1675 HOH A O   1 
HETATM 1130 O O   . HOH C 3 .   ? -2.221  10.872  1.557   1.00 29.19 ? 1676 HOH A O   1 
HETATM 1131 O O   . HOH C 3 .   ? -2.737  -3.512  -12.428 1.00 24.84 ? 1677 HOH A O   1 
HETATM 1132 O O   . HOH C 3 .   ? 0.935   9.920   -7.552  1.00 26.33 ? 1678 HOH A O   1 
HETATM 1133 O O   . HOH C 3 .   ? 5.485   5.790   12.141  1.00 38.19 ? 1679 HOH A O   1 
HETATM 1134 O O   . HOH C 3 .   ? 2.447   10.322  11.243  0.58 22.57 ? 1680 HOH A O   1 
HETATM 1135 O O   . HOH C 3 .   ? -12.201 8.213   2.537   0.58 20.10 ? 1681 HOH A O   1 
HETATM 1136 O O   . HOH C 3 .   ? -10.348 -14.481 -8.126  1.00 41.02 ? 1682 HOH A O   1 
HETATM 1137 O O   . HOH C 3 .   ? 23.893  13.877  -9.246  1.00 23.74 ? 1683 HOH A O   1 
HETATM 1138 O O   . HOH C 3 .   ? -8.861  11.367  -0.394  1.00 25.64 ? 1684 HOH A O   1 
HETATM 1139 O O   . HOH C 3 .   ? 19.001  16.787  -11.921 1.00 33.39 ? 1685 HOH A O   1 
HETATM 1140 O O   . HOH C 3 .   ? 12.252  10.996  -9.582  1.00 20.90 ? 1686 HOH A O   1 
HETATM 1141 O O   . HOH C 3 .   ? 5.484   -5.593  5.612   1.00 30.41 ? 1687 HOH A O   1 
HETATM 1142 O O   . HOH C 3 .   ? -3.047  -6.608  -8.722  1.00 24.54 ? 1688 HOH A O   1 
HETATM 1143 O O   . HOH C 3 .   ? 7.754   -2.159  4.727   1.00 22.40 ? 1689 HOH A O   1 
HETATM 1144 O O   . HOH C 3 .   ? 0.973   0.960   -15.190 1.00 28.42 ? 1690 HOH A O   1 
HETATM 1145 O O   . HOH C 3 .   ? 9.600   11.255  -10.363 1.00 22.05 ? 1691 HOH A O   1 
HETATM 1146 O O   . HOH C 3 .   ? -5.527  -4.384  10.743  0.58 23.12 ? 1692 HOH A O   1 
HETATM 1147 O O   . HOH C 3 .   ? -0.431  -11.710 4.472   1.00 19.26 ? 1693 HOH A O   1 
HETATM 1148 O O   . HOH C 3 .   ? -4.719  -6.400  6.858   0.58 25.90 ? 1694 HOH A O   1 
HETATM 1149 O O   . HOH C 3 .   ? -14.576 -7.131  -9.669  1.00 20.73 ? 1695 HOH A O   1 
HETATM 1150 O O   . HOH C 3 .   ? 10.846  15.806  -4.179  1.00 19.49 ? 1696 HOH A O   1 
HETATM 1151 O O   . HOH C 3 .   ? 1.772   -0.574  -14.368 1.00 34.27 ? 1697 HOH A O   1 
HETATM 1152 O O   . HOH C 3 .   ? 18.315  2.062   -7.985  1.00 20.52 ? 1698 HOH A O   1 
HETATM 1153 O O   . HOH C 3 .   ? -3.478  3.464   12.115  1.00 34.13 ? 1699 HOH A O   1 
HETATM 1154 O O   . HOH C 3 .   ? 8.407   8.291   5.118   1.00 14.18 ? 1700 HOH A O   1 
HETATM 1155 O O   . HOH C 3 .   ? -8.348  -14.909 -6.595  1.00 42.24 ? 1701 HOH A O   1 
HETATM 1156 O O   . HOH C 3 .   ? 19.620  6.740   -14.240 1.00 16.88 ? 1702 HOH A O   1 
HETATM 1157 O O   . HOH C 3 .   ? -18.146 -5.185  11.317  0.58 52.42 ? 1703 HOH A O   1 
HETATM 1158 O O   . HOH C 3 .   ? -8.004  8.247   8.426   0.58 29.42 ? 1704 HOH A O   1 
HETATM 1159 O O   . HOH C 3 .   ? -6.080  -9.592  -2.139  1.00 21.38 ? 1705 HOH A O   1 
HETATM 1160 O O   . HOH C 3 .   ? -8.130  -17.788 2.888   0.58 26.55 ? 1706 HOH A O   1 
HETATM 1161 O O   . HOH C 3 .   ? -13.691 2.179   -5.797  0.58 23.39 ? 1707 HOH A O   1 
HETATM 1162 O O   . HOH C 3 .   ? -2.314  -14.410 1.294   1.00 26.01 ? 1708 HOH A O   1 
HETATM 1163 O O   . HOH C 3 .   ? 5.217   -3.996  8.267   1.00 40.86 ? 1709 HOH A O   1 
HETATM 1164 O O   . HOH C 3 .   ? 16.663  10.920  0.198   1.00 25.21 ? 1710 HOH A O   1 
HETATM 1165 O O   . HOH C 3 .   ? -12.559 -8.250  -8.032  1.00 23.59 ? 1711 HOH A O   1 
HETATM 1166 O O   . HOH C 3 .   ? 0.522   15.773  -1.078  1.00 39.06 ? 1712 HOH A O   1 
HETATM 1167 O O   . HOH C 3 .   ? -10.483 -0.176  -7.149  1.00 24.06 ? 1713 HOH A O   1 
HETATM 1168 O O   . HOH C 3 .   ? 4.394   2.763   -15.465 1.00 30.86 ? 1714 HOH A O   1 
HETATM 1169 O O   . HOH C 3 .   ? -4.265  12.791  -5.358  1.00 32.70 ? 1715 HOH A O   1 
HETATM 1170 O O   . HOH C 3 .   ? -9.788  7.581   -6.863  1.00 33.63 ? 1716 HOH A O   1 
HETATM 1171 O O   . HOH C 3 .   ? 11.717  9.554   -6.245  1.00 14.91 ? 1717 HOH A O   1 
HETATM 1172 O O   . HOH C 3 .   ? -15.163 4.891   -6.052  1.00 32.94 ? 1718 HOH A O   1 
HETATM 1173 O O   . HOH C 3 .   ? 6.879   -4.221  -8.738  1.00 26.76 ? 1719 HOH A O   1 
HETATM 1174 O O   . HOH C 3 .   ? 11.296  12.104  0.149   1.00 17.37 ? 1720 HOH A O   1 
HETATM 1175 O O   . HOH C 3 .   ? -15.788 6.444   -0.118  0.58 32.97 ? 1721 HOH A O   1 
HETATM 1176 O O   . HOH C 3 .   ? 5.642   -1.635  -15.721 1.00 46.90 ? 1722 HOH A O   1 
HETATM 1177 O O   . HOH C 3 .   ? 10.164  -9.239  2.373   1.00 31.77 ? 1723 HOH A O   1 
HETATM 1178 O O   . HOH C 3 .   ? 15.825  0.914   2.799   1.00 29.86 ? 1724 HOH A O   1 
HETATM 1179 O O   . HOH C 3 .   ? -8.720  10.653  4.792   1.00 33.24 ? 1725 HOH A O   1 
HETATM 1180 O O   . HOH C 3 .   ? 13.575  10.478  0.216   1.00 21.62 ? 1726 HOH A O   1 
HETATM 1181 O O   . HOH C 3 .   ? -23.388 -15.960 2.549   0.58 24.81 ? 1727 HOH A O   1 
HETATM 1182 O O   . HOH C 3 .   ? 6.337   8.640   -10.782 1.00 30.79 ? 1728 HOH A O   1 
HETATM 1183 O O   . HOH C 3 .   ? -5.874  8.501   7.345   1.00 38.57 ? 1729 HOH A O   1 
HETATM 1184 O O   . HOH C 3 .   ? -8.825  -19.670 15.216  1.00 35.79 ? 1730 HOH A O   1 
HETATM 1185 O O   . HOH C 3 .   ? 12.538  14.025  -11.078 1.00 24.96 ? 1731 HOH A O   1 
HETATM 1186 O O   . HOH C 3 .   ? 6.847   -5.881  -2.146  1.00 19.04 ? 1732 HOH A O   1 
HETATM 1187 O O   . HOH C 3 .   ? -4.842  -12.759 -5.374  1.00 29.11 ? 1733 HOH A O   1 
HETATM 1188 O O   . HOH C 3 .   ? -19.471 -20.390 -0.665  0.58 59.61 ? 1734 HOH A O   1 
HETATM 1189 O O   . HOH C 3 .   ? -11.643 0.050   7.716   0.58 24.86 ? 1735 HOH A O   1 
HETATM 1190 O O   . HOH C 3 .   ? 18.516  -0.035  -9.772  1.00 20.84 ? 1736 HOH A O   1 
HETATM 1191 O O   . HOH C 3 .   ? -0.641  19.404  -2.175  1.00 47.15 ? 1737 HOH A O   1 
HETATM 1192 O O   . HOH C 3 .   ? -17.081 4.966   2.041   0.58 29.61 ? 1738 HOH A O   1 
HETATM 1193 O O   . HOH C 3 .   ? 4.047   14.451  -7.038  1.00 44.76 ? 1739 HOH A O   1 
HETATM 1194 O O   . HOH C 3 .   ? -13.139 -11.515 3.262   0.58 32.57 ? 1740 HOH A O   1 
HETATM 1195 O O   . HOH C 3 .   ? 12.865  5.198   -15.393 1.00 44.24 ? 1741 HOH A O   1 
HETATM 1196 O O   . HOH C 3 .   ? -14.854 8.474   1.920   1.00 28.11 ? 1742 HOH A O   1 
HETATM 1197 O O   . HOH C 3 .   ? 11.316  -3.039  0.713   1.00 31.18 ? 1743 HOH A O   1 
HETATM 1198 O O   . HOH C 3 .   ? 23.989  4.866   -14.242 1.00 38.82 ? 1744 HOH A O   1 
HETATM 1199 O O   . HOH C 3 .   ? 22.426  7.159   -14.530 1.00 18.51 ? 1745 HOH A O   1 
HETATM 1200 O O   . HOH C 3 .   ? -25.765 -18.871 1.309   1.00 30.88 ? 1746 HOH A O   1 
HETATM 1201 O O   . HOH C 3 .   ? -15.916 1.256   -6.938  1.00 48.27 ? 1747 HOH A O   1 
HETATM 1202 O O   . HOH C 3 .   ? -1.983  -11.009 -2.263  1.00 21.89 ? 1748 HOH A O   1 
HETATM 1203 O O   . HOH C 3 .   ? -9.147  -6.185  -10.953 1.00 28.54 ? 1749 HOH A O   1 
HETATM 1204 O O   . HOH C 3 .   ? -7.849  12.545  -4.221  1.00 48.10 ? 1750 HOH A O   1 
HETATM 1205 O O   . HOH C 3 .   ? 0.207   -3.074  -13.268 1.00 44.49 ? 1751 HOH A O   1 
HETATM 1206 O O   . HOH C 3 .   ? 6.013   -2.209  -10.506 1.00 21.49 ? 1752 HOH A O   1 
HETATM 1207 O O   . HOH C 3 .   ? 16.219  -1.550  -5.898  1.00 44.32 ? 1753 HOH A O   1 
HETATM 1208 O O   . HOH C 3 .   ? 20.995  2.252   -7.188  1.00 33.00 ? 1754 HOH A O   1 
HETATM 1209 O O   . HOH C 3 .   ? -2.318  -2.452  13.162  1.00 30.41 ? 1755 HOH A O   1 
HETATM 1210 O O   . HOH C 3 .   ? -3.505  -16.848 1.127   1.00 31.37 ? 1756 HOH A O   1 
HETATM 1211 O O   . HOH C 3 .   ? -13.057 -4.246  10.342  0.58 35.50 ? 1757 HOH A O   1 
HETATM 1212 O O   . HOH C 3 .   ? 2.520   7.256   -15.693 1.00 45.87 ? 1758 HOH A O   1 
HETATM 1213 O O   . HOH C 3 .   ? -7.216  15.635  -1.467  1.00 36.24 ? 1759 HOH A O   1 
HETATM 1214 O O   . HOH C 3 .   ? 4.253   -9.130  -5.119  0.58 26.02 ? 1760 HOH A O   1 
HETATM 1215 O O   . HOH C 3 .   ? -13.704 11.168  -2.799  0.58 24.47 ? 1761 HOH A O   1 
HETATM 1216 O O   . HOH C 3 .   ? 7.894   15.508  -8.633  1.00 38.49 ? 1762 HOH A O   1 
HETATM 1217 O O   . HOH C 3 .   ? 7.555   -10.159 3.747   1.00 30.92 ? 1763 HOH A O   1 
HETATM 1218 O O   . HOH C 3 .   ? -0.517  21.680  -3.456  1.00 28.71 ? 1764 HOH A O   1 
HETATM 1219 O O   . HOH C 3 .   ? -0.033  -7.831  -4.490  1.00 26.06 ? 1765 HOH A O   1 
HETATM 1220 O O   . HOH C 3 .   ? 8.625   4.630   -16.773 1.00 32.83 ? 1766 HOH A O   1 
HETATM 1221 O O   . HOH C 3 .   ? -18.933 -8.397  12.938  0.58 41.95 ? 1767 HOH A O   1 
HETATM 1222 O O   . HOH C 3 .   ? 2.284   -10.043 -1.356  0.58 18.92 ? 1768 HOH A O   1 
HETATM 1223 O O   . HOH C 3 .   ? -13.564 -0.945  12.236  1.00 43.55 ? 1769 HOH A O   1 
HETATM 1224 O O   . HOH C 3 .   ? -10.361 -8.207  -9.915  1.00 46.45 ? 1770 HOH A O   1 
HETATM 1225 O O   . HOH C 3 .   ? -9.376  9.119   6.627   0.58 28.82 ? 1771 HOH A O   1 
HETATM 1226 O O   . HOH C 3 .   ? 9.141   -2.889  -4.776  1.00 28.08 ? 1772 HOH A O   1 
HETATM 1227 O O   . HOH C 3 .   ? -4.239  17.185  -3.158  1.00 45.28 ? 1773 HOH A O   1 
HETATM 1228 O O   . HOH C 3 .   ? 8.064   15.370  0.124   1.00 22.46 ? 1774 HOH A O   1 
HETATM 1229 O O   . HOH C 3 .   ? 3.089   -11.262 7.181   1.00 37.67 ? 1775 HOH A O   1 
HETATM 1230 O O   . HOH C 3 .   ? 8.162   16.217  -4.379  1.00 26.61 ? 1776 HOH A O   1 
HETATM 1231 O O   . HOH C 3 .   ? -0.615  7.890   -9.053  1.00 32.16 ? 1777 HOH A O   1 
HETATM 1232 O O   . HOH C 3 .   ? -3.345  12.523  -7.865  1.00 38.20 ? 1778 HOH A O   1 
HETATM 1233 O O   . HOH C 3 .   ? 5.429   -8.183  4.072   1.00 26.46 ? 1779 HOH A O   1 
HETATM 1234 O O   . HOH C 3 .   ? 13.621  -2.264  -0.052  1.00 49.16 ? 1780 HOH A O   1 
HETATM 1235 O O   . HOH C 3 .   ? 23.124  2.010   -9.001  1.00 41.67 ? 1781 HOH A O   1 
HETATM 1236 O O   . HOH C 3 .   ? -1.579  -2.821  -14.561 1.00 29.70 ? 1782 HOH A O   1 
HETATM 1237 O O   . HOH C 3 .   ? 3.486   -3.248  11.430  0.58 30.10 ? 1783 HOH A O   1 
HETATM 1238 O O   . HOH C 3 .   ? -4.116  -10.407 -3.898  1.00 20.95 ? 1784 HOH A O   1 
HETATM 1239 O O   . HOH C 3 .   ? 21.908  2.973   -4.622  1.00 42.94 ? 1785 HOH A O   1 
HETATM 1240 O O   . HOH C 3 .   ? -7.334  -7.779  21.748  0.58 30.00 ? 1786 HOH A O   1 
HETATM 1241 O O   . HOH C 3 .   ? 5.978   -8.109  -0.548  0.58 24.67 ? 1787 HOH A O   1 
HETATM 1242 O O   . HOH C 3 .   ? 11.217  14.969  1.248   0.50 13.52 ? 1788 HOH A O   1 
HETATM 1243 O O   . HOH C 3 .   ? -1.899  -5.979  -11.052 1.00 34.71 ? 1789 HOH A O   1 
HETATM 1244 O O   . HOH C 3 .   ? 3.408   -0.586  11.548  1.00 38.66 ? 1790 HOH A O   1 
HETATM 1245 O O   . HOH C 3 .   ? 3.979   5.166   -17.088 1.00 39.89 ? 1791 HOH A O   1 
HETATM 1246 O O   . HOH C 3 .   ? -5.913  -10.038 -9.703  1.00 43.45 ? 1792 HOH A O   1 
HETATM 1247 O O   . HOH C 3 .   ? -5.174  -12.448 -8.018  1.00 45.65 ? 1793 HOH A O   1 
HETATM 1248 O O   . HOH C 3 .   ? 20.996  -1.017  -10.161 1.00 34.40 ? 1794 HOH A O   1 
HETATM 1249 O O   . HOH C 3 .   ? 16.849  1.067   -5.698  1.00 26.10 ? 1795 HOH A O   1 
# 
